data_1HP8
# 
_entry.id   1HP8 
# 
_audit_conform.dict_name       mmcif_pdbx.dic 
_audit_conform.dict_version    5.399 
_audit_conform.dict_location   http://mmcif.pdb.org/dictionaries/ascii/mmcif_pdbx.dic 
# 
loop_
_database_2.database_id 
_database_2.database_code 
_database_2.pdbx_database_accession 
_database_2.pdbx_DOI 
PDB   1HP8         pdb_00001hp8 10.2210/pdb1hp8/pdb 
WWPDB D_1000173949 ?            ?                   
# 
loop_
_pdbx_audit_revision_history.ordinal 
_pdbx_audit_revision_history.data_content_type 
_pdbx_audit_revision_history.major_revision 
_pdbx_audit_revision_history.minor_revision 
_pdbx_audit_revision_history.revision_date 
1 'Structure model' 1 0 1998-03-04 
2 'Structure model' 1 1 2008-03-24 
3 'Structure model' 1 2 2011-07-13 
4 'Structure model' 2 0 2019-08-21 
5 'Structure model' 2 1 2024-11-20 
# 
_pdbx_audit_revision_details.ordinal             1 
_pdbx_audit_revision_details.revision_ordinal    1 
_pdbx_audit_revision_details.data_content_type   'Structure model' 
_pdbx_audit_revision_details.provider            repository 
_pdbx_audit_revision_details.type                'Initial release' 
_pdbx_audit_revision_details.description         ? 
_pdbx_audit_revision_details.details             ? 
# 
loop_
_pdbx_audit_revision_group.ordinal 
_pdbx_audit_revision_group.revision_ordinal 
_pdbx_audit_revision_group.data_content_type 
_pdbx_audit_revision_group.group 
1  2 'Structure model' 'Version format compliance' 
2  3 'Structure model' 'Version format compliance' 
3  4 'Structure model' Advisory                    
4  4 'Structure model' 'Atomic model'              
5  4 'Structure model' 'Data collection'           
6  4 'Structure model' 'Database references'       
7  4 'Structure model' 'Derived calculations'      
8  4 'Structure model' 'Non-polymer description'   
9  4 'Structure model' Other                       
10 4 'Structure model' 'Polymer sequence'          
11 4 'Structure model' 'Refinement description'    
12 4 'Structure model' 'Source and taxonomy'       
13 4 'Structure model' 'Structure summary'         
14 5 'Structure model' 'Data collection'           
15 5 'Structure model' 'Database references'       
16 5 'Structure model' 'Structure summary'         
# 
loop_
_pdbx_audit_revision_category.ordinal 
_pdbx_audit_revision_category.revision_ordinal 
_pdbx_audit_revision_category.data_content_type 
_pdbx_audit_revision_category.category 
1  4 'Structure model' atom_site                       
2  4 'Structure model' chem_comp                       
3  4 'Structure model' entity                          
4  4 'Structure model' entity_name_com                 
5  4 'Structure model' entity_poly                     
6  4 'Structure model' entity_poly_seq                 
7  4 'Structure model' entity_src_gen                  
8  4 'Structure model' pdbx_database_status            
9  4 'Structure model' pdbx_nmr_ensemble               
10 4 'Structure model' pdbx_nmr_refine                 
11 4 'Structure model' pdbx_nmr_representative         
12 4 'Structure model' pdbx_nmr_software               
13 4 'Structure model' pdbx_nmr_spectrometer           
14 4 'Structure model' pdbx_poly_seq_scheme            
15 4 'Structure model' pdbx_struct_assembly            
16 4 'Structure model' pdbx_struct_assembly_prop       
17 4 'Structure model' pdbx_struct_oper_list           
18 4 'Structure model' pdbx_unobs_or_zero_occ_residues 
19 4 'Structure model' struct                          
20 4 'Structure model' struct_conf                     
21 4 'Structure model' struct_conn                     
22 4 'Structure model' struct_ref                      
23 4 'Structure model' struct_ref_seq                  
24 4 'Structure model' struct_ref_seq_dif              
25 5 'Structure model' chem_comp_atom                  
26 5 'Structure model' chem_comp_bond                  
27 5 'Structure model' database_2                      
28 5 'Structure model' pdbx_entry_details              
29 5 'Structure model' pdbx_modification_feature       
# 
loop_
_pdbx_audit_revision_item.ordinal 
_pdbx_audit_revision_item.revision_ordinal 
_pdbx_audit_revision_item.data_content_type 
_pdbx_audit_revision_item.item 
1  4 'Structure model' '_chem_comp.formula'                              
2  4 'Structure model' '_chem_comp.formula_weight'                       
3  4 'Structure model' '_chem_comp.id'                                   
4  4 'Structure model' '_chem_comp.name'                                 
5  4 'Structure model' '_entity.formula_weight'                          
6  4 'Structure model' '_entity.pdbx_description'                        
7  4 'Structure model' '_entity.pdbx_mutation'                           
8  4 'Structure model' '_entity_poly.pdbx_seq_one_letter_code'           
9  4 'Structure model' '_entity_poly.pdbx_seq_one_letter_code_can'       
10 4 'Structure model' '_entity_src_gen.gene_src_common_name'            
11 4 'Structure model' '_entity_src_gen.pdbx_beg_seq_num'                
12 4 'Structure model' '_entity_src_gen.pdbx_end_seq_num'                
13 4 'Structure model' '_entity_src_gen.pdbx_gene_src_gene'              
14 4 'Structure model' '_entity_src_gen.pdbx_host_org_vector_type'       
15 4 'Structure model' '_entity_src_gen.pdbx_seq_type'                   
16 4 'Structure model' '_pdbx_database_status.process_site'              
17 4 'Structure model' '_pdbx_nmr_ensemble.conformer_selection_criteria' 
18 4 'Structure model' '_pdbx_nmr_refine.details'                        
19 4 'Structure model' '_pdbx_nmr_software.authors'                      
20 4 'Structure model' '_pdbx_nmr_software.name'                         
21 4 'Structure model' '_pdbx_nmr_spectrometer.field_strength'           
22 4 'Structure model' '_pdbx_nmr_spectrometer.model'                    
23 4 'Structure model' '_struct.pdbx_descriptor'                         
24 4 'Structure model' '_struct_conf.beg_label_seq_id'                   
25 4 'Structure model' '_struct_conf.end_label_seq_id'                   
26 4 'Structure model' '_struct_conn.ptnr1_label_seq_id'                 
27 4 'Structure model' '_struct_conn.ptnr2_label_seq_id'                 
28 4 'Structure model' '_struct_ref.db_code'                             
29 4 'Structure model' '_struct_ref_seq.seq_align_beg'                   
30 4 'Structure model' '_struct_ref_seq.seq_align_end'                   
31 5 'Structure model' '_database_2.pdbx_DOI'                            
32 5 'Structure model' '_database_2.pdbx_database_accession'             
# 
_pdbx_database_status.status_code                     REL 
_pdbx_database_status.entry_id                        1HP8 
_pdbx_database_status.recvd_initial_deposition_date   1997-08-26 
_pdbx_database_status.deposit_site                    ? 
_pdbx_database_status.process_site                    BNL 
_pdbx_database_status.status_code_sf                  ? 
_pdbx_database_status.status_code_mr                  REL 
_pdbx_database_status.SG_entry                        ? 
_pdbx_database_status.pdb_format_compatible           Y 
_pdbx_database_status.status_code_cs                  ? 
_pdbx_database_status.methods_development_category    ? 
_pdbx_database_status.status_code_nmr_data            ? 
# 
_pdbx_database_related.db_name        PDB 
_pdbx_database_related.db_id          2HP8 
_pdbx_database_related.details        . 
_pdbx_database_related.content_type   ensemble 
# 
loop_
_audit_author.name 
_audit_author.pdbx_ordinal 
_audit_author.identifier_ORCID 
'Barthe, P.'     1 ? 
'Chiche, L.'     2 ? 
'Strub, M.P.'    3 ? 
'Roumestand, C.' 4 ? 
# 
loop_
_citation.id 
_citation.title 
_citation.journal_abbrev 
_citation.journal_volume 
_citation.page_first 
_citation.page_last 
_citation.year 
_citation.journal_id_ASTM 
_citation.country 
_citation.journal_id_ISSN 
_citation.journal_id_CSD 
_citation.book_publisher 
_citation.pdbx_database_id_PubMed 
_citation.pdbx_database_id_DOI 
primary 
;Solution structure of human p8MTCP1, a cysteine-rich protein encoded by the MTCP1 oncogene, reveals a new alpha-helical assembly motif.
;
J.Mol.Biol. 274 801  815 1997 JMOBAK UK 0022-2836 0070 ? 9405159 10.1006/jmbi.1997.1438 
1       
'The Mtcp-1/C6.1B Gene Encodes for a Cytoplasmic 8 Kd Protein Overexpressed in T Cell Leukemia Bearing a T(X;14) Translocation' 
Oncogene    9   3565 ?   1994 ?      UK 0950-9232 ?    ? ?       ?                      
2       
;Mtcp-1: A Novel Gene on the Human Chromosome Xq28 Translocated to the T Cell Receptor Alpha/Delta Locus in Mature T Cell Proliferations
;
Oncogene    8   2475 ?   1993 ?      UK 0950-9232 ?    ? ?       ?                      
# 
loop_
_citation_author.citation_id 
_citation_author.name 
_citation_author.ordinal 
_citation_author.identifier_ORCID 
primary 'Barthe, P.'        1  ? 
primary 'Yang, Y.S.'        2  ? 
primary 'Chiche, L.'        3  ? 
primary 'Hoh, F.'           4  ? 
primary 'Strub, M.P.'       5  ? 
primary 'Guignard, L.'      6  ? 
primary 'Soulier, J.'       7  ? 
primary 'Stern, M.H.'       8  ? 
primary 'van Tilbeurgh, H.' 9  ? 
primary 'Lhoste, J.M.'      10 ? 
primary 'Roumestand, C.'    11 ? 
1       'Soulier, J.'       12 ? 
1       'Madani, A.'        13 ? 
1       'Cacheux, V.'       14 ? 
1       'Rosenzwajg, M.'    15 ? 
1       'Sigaux, F.'        16 ? 
1       'Stern, M.H.'       17 ? 
2       'Stern, M.H.'       18 ? 
2       'Soulier, J.'       19 ? 
2       'Rosenzwajg, M.'    20 ? 
2       'Nakahara, K.'      21 ? 
2       'Canki-Klain, N.'   22 ? 
2       'Aurias, A.'        23 ? 
2       'Sigaux, F.'        24 ? 
2       'Kirsch, I.R.'      25 ? 
# 
_entity.id                         1 
_entity.type                       polymer 
_entity.src_method                 man 
_entity.pdbx_description           'Cx9C motif-containing protein 4' 
_entity.formula_weight             8889.188 
_entity.pdbx_number_of_molecules   1 
_entity.pdbx_ec                    ? 
_entity.pdbx_mutation              ? 
_entity.pdbx_fragment              ? 
_entity.details                    ? 
# 
_entity_name_com.entity_id   1 
_entity_name_com.name        
'Mature T-cell proliferation 1 neighbor protein,Mature T-cell proliferation-1 type A,MTCP-1 type A,Protein p8 MTCP-1,p8MTCP1' 
# 
_entity_poly.entity_id                      1 
_entity_poly.type                           'polypeptide(L)' 
_entity_poly.nstd_linkage                   no 
_entity_poly.nstd_monomer                   no 
_entity_poly.pdbx_seq_one_letter_code       GSPGIHMPQKDPCQKQACEIQKCLQANSYMESKCQAVIQELRKCCAQYPKGRSVVCSGFEKEEEENLTRKSASKGIHRD 
_entity_poly.pdbx_seq_one_letter_code_can   GSPGIHMPQKDPCQKQACEIQKCLQANSYMESKCQAVIQELRKCCAQYPKGRSVVCSGFEKEEEENLTRKSASKGIHRD 
_entity_poly.pdbx_strand_id                 A 
_entity_poly.pdbx_target_identifier         ? 
# 
loop_
_entity_poly_seq.entity_id 
_entity_poly_seq.num 
_entity_poly_seq.mon_id 
_entity_poly_seq.hetero 
1 1  GLY n 
1 2  SER n 
1 3  PRO n 
1 4  GLY n 
1 5  ILE n 
1 6  HIS n 
1 7  MET n 
1 8  PRO n 
1 9  GLN n 
1 10 LYS n 
1 11 ASP n 
1 12 PRO n 
1 13 CYS n 
1 14 GLN n 
1 15 LYS n 
1 16 GLN n 
1 17 ALA n 
1 18 CYS n 
1 19 GLU n 
1 20 ILE n 
1 21 GLN n 
1 22 LYS n 
1 23 CYS n 
1 24 LEU n 
1 25 GLN n 
1 26 ALA n 
1 27 ASN n 
1 28 SER n 
1 29 TYR n 
1 30 MET n 
1 31 GLU n 
1 32 SER n 
1 33 LYS n 
1 34 CYS n 
1 35 GLN n 
1 36 ALA n 
1 37 VAL n 
1 38 ILE n 
1 39 GLN n 
1 40 GLU n 
1 41 LEU n 
1 42 ARG n 
1 43 LYS n 
1 44 CYS n 
1 45 CYS n 
1 46 ALA n 
1 47 GLN n 
1 48 TYR n 
1 49 PRO n 
1 50 LYS n 
1 51 GLY n 
1 52 ARG n 
1 53 SER n 
1 54 VAL n 
1 55 VAL n 
1 56 CYS n 
1 57 SER n 
1 58 GLY n 
1 59 PHE n 
1 60 GLU n 
1 61 LYS n 
1 62 GLU n 
1 63 GLU n 
1 64 GLU n 
1 65 GLU n 
1 66 ASN n 
1 67 LEU n 
1 68 THR n 
1 69 ARG n 
1 70 LYS n 
1 71 SER n 
1 72 ALA n 
1 73 SER n 
1 74 LYS n 
1 75 GLY n 
1 76 ILE n 
1 77 HIS n 
1 78 ARG n 
1 79 ASP n 
# 
_entity_src_gen.entity_id                          1 
_entity_src_gen.pdbx_src_id                        1 
_entity_src_gen.pdbx_alt_source_flag               sample 
_entity_src_gen.pdbx_seq_type                      'Biological sequence' 
_entity_src_gen.pdbx_beg_seq_num                   1 
_entity_src_gen.pdbx_end_seq_num                   79 
_entity_src_gen.gene_src_common_name               Human 
_entity_src_gen.gene_src_genus                     Homo 
_entity_src_gen.pdbx_gene_src_gene                 'CMC4, C6.1B, MTCP1, MTCP1NB' 
_entity_src_gen.gene_src_species                   ? 
_entity_src_gen.gene_src_strain                    ? 
_entity_src_gen.gene_src_tissue                    ? 
_entity_src_gen.gene_src_tissue_fraction           ? 
_entity_src_gen.gene_src_details                   ? 
_entity_src_gen.pdbx_gene_src_fragment             ? 
_entity_src_gen.pdbx_gene_src_scientific_name      'Homo sapiens' 
_entity_src_gen.pdbx_gene_src_ncbi_taxonomy_id     9606 
_entity_src_gen.pdbx_gene_src_variant              ? 
_entity_src_gen.pdbx_gene_src_cell_line            ? 
_entity_src_gen.pdbx_gene_src_atcc                 ? 
_entity_src_gen.pdbx_gene_src_organ                ? 
_entity_src_gen.pdbx_gene_src_organelle            ? 
_entity_src_gen.pdbx_gene_src_cell                 T-LYMPHOCYTE 
_entity_src_gen.pdbx_gene_src_cellular_location    MITOCHONDRIA 
_entity_src_gen.host_org_common_name               ? 
_entity_src_gen.pdbx_host_org_scientific_name      'Escherichia coli BL21' 
_entity_src_gen.pdbx_host_org_ncbi_taxonomy_id     511693 
_entity_src_gen.host_org_genus                     Escherichia 
_entity_src_gen.pdbx_host_org_gene                 ? 
_entity_src_gen.pdbx_host_org_organ                ? 
_entity_src_gen.host_org_species                   'Escherichia coli' 
_entity_src_gen.pdbx_host_org_tissue               ? 
_entity_src_gen.pdbx_host_org_tissue_fraction      ? 
_entity_src_gen.pdbx_host_org_strain               BL21 
_entity_src_gen.pdbx_host_org_variant              ? 
_entity_src_gen.pdbx_host_org_cell_line            ? 
_entity_src_gen.pdbx_host_org_atcc                 ? 
_entity_src_gen.pdbx_host_org_culture_collection   ? 
_entity_src_gen.pdbx_host_org_cell                 ? 
_entity_src_gen.pdbx_host_org_organelle            ? 
_entity_src_gen.pdbx_host_org_cellular_location    ? 
_entity_src_gen.pdbx_host_org_vector_type          plasmid 
_entity_src_gen.pdbx_host_org_vector               ? 
_entity_src_gen.host_org_details                   ? 
_entity_src_gen.expression_system_id               ? 
_entity_src_gen.plasmid_name                       PGEX2T 
_entity_src_gen.plasmid_details                    ? 
_entity_src_gen.pdbx_description                   ? 
# 
loop_
_chem_comp.id 
_chem_comp.type 
_chem_comp.mon_nstd_flag 
_chem_comp.name 
_chem_comp.pdbx_synonyms 
_chem_comp.formula 
_chem_comp.formula_weight 
ALA 'L-peptide linking' y ALANINE         ? 'C3 H7 N O2'     89.093  
ARG 'L-peptide linking' y ARGININE        ? 'C6 H15 N4 O2 1' 175.209 
ASN 'L-peptide linking' y ASPARAGINE      ? 'C4 H8 N2 O3'    132.118 
ASP 'L-peptide linking' y 'ASPARTIC ACID' ? 'C4 H7 N O4'     133.103 
CYS 'L-peptide linking' y CYSTEINE        ? 'C3 H7 N O2 S'   121.158 
GLN 'L-peptide linking' y GLUTAMINE       ? 'C5 H10 N2 O3'   146.144 
GLU 'L-peptide linking' y 'GLUTAMIC ACID' ? 'C5 H9 N O4'     147.129 
GLY 'peptide linking'   y GLYCINE         ? 'C2 H5 N O2'     75.067  
HIS 'L-peptide linking' y HISTIDINE       ? 'C6 H10 N3 O2 1' 156.162 
ILE 'L-peptide linking' y ISOLEUCINE      ? 'C6 H13 N O2'    131.173 
LEU 'L-peptide linking' y LEUCINE         ? 'C6 H13 N O2'    131.173 
LYS 'L-peptide linking' y LYSINE          ? 'C6 H15 N2 O2 1' 147.195 
MET 'L-peptide linking' y METHIONINE      ? 'C5 H11 N O2 S'  149.211 
PHE 'L-peptide linking' y PHENYLALANINE   ? 'C9 H11 N O2'    165.189 
PRO 'L-peptide linking' y PROLINE         ? 'C5 H9 N O2'     115.130 
SER 'L-peptide linking' y SERINE          ? 'C3 H7 N O3'     105.093 
THR 'L-peptide linking' y THREONINE       ? 'C4 H9 N O3'     119.119 
TYR 'L-peptide linking' y TYROSINE        ? 'C9 H11 N O3'    181.189 
VAL 'L-peptide linking' y VALINE          ? 'C5 H11 N O2'    117.146 
# 
loop_
_pdbx_poly_seq_scheme.asym_id 
_pdbx_poly_seq_scheme.entity_id 
_pdbx_poly_seq_scheme.seq_id 
_pdbx_poly_seq_scheme.mon_id 
_pdbx_poly_seq_scheme.ndb_seq_num 
_pdbx_poly_seq_scheme.pdb_seq_num 
_pdbx_poly_seq_scheme.auth_seq_num 
_pdbx_poly_seq_scheme.pdb_mon_id 
_pdbx_poly_seq_scheme.auth_mon_id 
_pdbx_poly_seq_scheme.pdb_strand_id 
_pdbx_poly_seq_scheme.pdb_ins_code 
_pdbx_poly_seq_scheme.hetero 
A 1 1  GLY 1  -5 ?  ?   ?   A . n 
A 1 2  SER 2  -4 ?  ?   ?   A . n 
A 1 3  PRO 3  -3 ?  ?   ?   A . n 
A 1 4  GLY 4  -2 ?  ?   ?   A . n 
A 1 5  ILE 5  -1 ?  ?   ?   A . n 
A 1 6  HIS 6  0  ?  ?   ?   A . n 
A 1 7  MET 7  1  1  MET MET A . n 
A 1 8  PRO 8  2  2  PRO PRO A . n 
A 1 9  GLN 9  3  3  GLN GLN A . n 
A 1 10 LYS 10 4  4  LYS LYS A . n 
A 1 11 ASP 11 5  5  ASP ASP A . n 
A 1 12 PRO 12 6  6  PRO PRO A . n 
A 1 13 CYS 13 7  7  CYS CYS A . n 
A 1 14 GLN 14 8  8  GLN GLN A . n 
A 1 15 LYS 15 9  9  LYS LYS A . n 
A 1 16 GLN 16 10 10 GLN GLN A . n 
A 1 17 ALA 17 11 11 ALA ALA A . n 
A 1 18 CYS 18 12 12 CYS CYS A . n 
A 1 19 GLU 19 13 13 GLU GLU A . n 
A 1 20 ILE 20 14 14 ILE ILE A . n 
A 1 21 GLN 21 15 15 GLN GLN A . n 
A 1 22 LYS 22 16 16 LYS LYS A . n 
A 1 23 CYS 23 17 17 CYS CYS A . n 
A 1 24 LEU 24 18 18 LEU LEU A . n 
A 1 25 GLN 25 19 19 GLN GLN A . n 
A 1 26 ALA 26 20 20 ALA ALA A . n 
A 1 27 ASN 27 21 21 ASN ASN A . n 
A 1 28 SER 28 22 22 SER SER A . n 
A 1 29 TYR 29 23 23 TYR TYR A . n 
A 1 30 MET 30 24 24 MET MET A . n 
A 1 31 GLU 31 25 25 GLU GLU A . n 
A 1 32 SER 32 26 26 SER SER A . n 
A 1 33 LYS 33 27 27 LYS LYS A . n 
A 1 34 CYS 34 28 28 CYS CYS A . n 
A 1 35 GLN 35 29 29 GLN GLN A . n 
A 1 36 ALA 36 30 30 ALA ALA A . n 
A 1 37 VAL 37 31 31 VAL VAL A . n 
A 1 38 ILE 38 32 32 ILE ILE A . n 
A 1 39 GLN 39 33 33 GLN GLN A . n 
A 1 40 GLU 40 34 34 GLU GLU A . n 
A 1 41 LEU 41 35 35 LEU LEU A . n 
A 1 42 ARG 42 36 36 ARG ARG A . n 
A 1 43 LYS 43 37 37 LYS LYS A . n 
A 1 44 CYS 44 38 38 CYS CYS A . n 
A 1 45 CYS 45 39 39 CYS CYS A . n 
A 1 46 ALA 46 40 40 ALA ALA A . n 
A 1 47 GLN 47 41 41 GLN GLN A . n 
A 1 48 TYR 48 42 42 TYR TYR A . n 
A 1 49 PRO 49 43 43 PRO PRO A . n 
A 1 50 LYS 50 44 44 LYS LYS A . n 
A 1 51 GLY 51 45 45 GLY GLY A . n 
A 1 52 ARG 52 46 46 ARG ARG A . n 
A 1 53 SER 53 47 47 SER SER A . n 
A 1 54 VAL 54 48 48 VAL VAL A . n 
A 1 55 VAL 55 49 49 VAL VAL A . n 
A 1 56 CYS 56 50 50 CYS CYS A . n 
A 1 57 SER 57 51 51 SER SER A . n 
A 1 58 GLY 58 52 52 GLY GLY A . n 
A 1 59 PHE 59 53 53 PHE PHE A . n 
A 1 60 GLU 60 54 54 GLU GLU A . n 
A 1 61 LYS 61 55 55 LYS LYS A . n 
A 1 62 GLU 62 56 56 GLU GLU A . n 
A 1 63 GLU 63 57 57 GLU GLU A . n 
A 1 64 GLU 64 58 58 GLU GLU A . n 
A 1 65 GLU 65 59 59 GLU GLU A . n 
A 1 66 ASN 66 60 60 ASN ASN A . n 
A 1 67 LEU 67 61 61 LEU LEU A . n 
A 1 68 THR 68 62 62 THR THR A . n 
A 1 69 ARG 69 63 63 ARG ARG A . n 
A 1 70 LYS 70 64 64 LYS LYS A . n 
A 1 71 SER 71 65 65 SER SER A . n 
A 1 72 ALA 72 66 66 ALA ALA A . n 
A 1 73 SER 73 67 67 SER SER A . n 
A 1 74 LYS 74 68 68 LYS LYS A . n 
A 1 75 GLY 75 69 ?  ?   ?   A . n 
A 1 76 ILE 76 70 ?  ?   ?   A . n 
A 1 77 HIS 77 71 ?  ?   ?   A . n 
A 1 78 ARG 78 72 ?  ?   ?   A . n 
A 1 79 ASP 79 73 ?  ?   ?   A . n 
# 
_software.name             AMBER 
_software.classification   refinement 
_software.version          . 
_software.citation_id      ? 
_software.pdbx_ordinal     1 
# 
_cell.entry_id           1HP8 
_cell.length_a           1.000 
_cell.length_b           1.000 
_cell.length_c           1.000 
_cell.angle_alpha        90.00 
_cell.angle_beta         90.00 
_cell.angle_gamma        90.00 
_cell.Z_PDB              1 
_cell.pdbx_unique_axis   ? 
# 
_symmetry.entry_id                         1HP8 
_symmetry.space_group_name_H-M             'P 1' 
_symmetry.pdbx_full_space_group_name_H-M   ? 
_symmetry.cell_setting                     ? 
_symmetry.Int_Tables_number                1 
# 
_exptl.entry_id          1HP8 
_exptl.method            'SOLUTION NMR' 
_exptl.crystals_number   ? 
# 
_struct.entry_id                  1HP8 
_struct.title                     
;SOLUTION STRUCTURE OF HUMAN P8-MTCP1, A CYSTEINE-RICH PROTEIN ENCODED BY THE MTCP1 ONCOGENE,REVEALS A NEW ALPHA-HELICAL ASSEMBLY MOTIF, NMR, MINIMIZED AVERAGE STRUCTURE
;
_struct.pdbx_model_details        ? 
_struct.pdbx_CASP_flag            ? 
_struct.pdbx_model_type_details   ? 
# 
_struct_keywords.entry_id        1HP8 
_struct_keywords.pdbx_keywords   'CYSTEINE MOTIF' 
_struct_keywords.text            'HU-P8, LEUKEMIA, CYSTEINE MOTIF' 
# 
_struct_asym.id                            A 
_struct_asym.pdbx_blank_PDB_chainid_flag   Y 
_struct_asym.pdbx_modified                 N 
_struct_asym.entity_id                     1 
_struct_asym.details                       ? 
# 
_struct_ref.id                         1 
_struct_ref.db_name                    UNP 
_struct_ref.db_code                    CMC4_HUMAN 
_struct_ref.pdbx_db_accession          P56277 
_struct_ref.pdbx_db_isoform            ? 
_struct_ref.entity_id                  1 
_struct_ref.pdbx_seq_one_letter_code   MPQKDPCQKQACEIQKCLQANSYMESKCQAVIQELRKCCAQYPKGRSVVCSGFEKEEEENLTRKSASK 
_struct_ref.pdbx_align_begin           1 
# 
_struct_ref_seq.align_id                      1 
_struct_ref_seq.ref_id                        1 
_struct_ref_seq.pdbx_PDB_id_code              1HP8 
_struct_ref_seq.pdbx_strand_id                A 
_struct_ref_seq.seq_align_beg                 7 
_struct_ref_seq.pdbx_seq_align_beg_ins_code   ? 
_struct_ref_seq.seq_align_end                 74 
_struct_ref_seq.pdbx_seq_align_end_ins_code   ? 
_struct_ref_seq.pdbx_db_accession             P56277 
_struct_ref_seq.db_align_beg                  1 
_struct_ref_seq.pdbx_db_align_beg_ins_code    ? 
_struct_ref_seq.db_align_end                  68 
_struct_ref_seq.pdbx_db_align_end_ins_code    ? 
_struct_ref_seq.pdbx_auth_seq_align_beg       1 
_struct_ref_seq.pdbx_auth_seq_align_end       68 
# 
loop_
_struct_ref_seq_dif.align_id 
_struct_ref_seq_dif.pdbx_pdb_id_code 
_struct_ref_seq_dif.mon_id 
_struct_ref_seq_dif.pdbx_pdb_strand_id 
_struct_ref_seq_dif.seq_num 
_struct_ref_seq_dif.pdbx_pdb_ins_code 
_struct_ref_seq_dif.pdbx_seq_db_name 
_struct_ref_seq_dif.pdbx_seq_db_accession_code 
_struct_ref_seq_dif.db_mon_id 
_struct_ref_seq_dif.pdbx_seq_db_seq_num 
_struct_ref_seq_dif.details 
_struct_ref_seq_dif.pdbx_auth_seq_num 
_struct_ref_seq_dif.pdbx_ordinal 
1 1HP8 GLY A 1  ? UNP P56277 ? ? 'expression tag' -5 1  
1 1HP8 SER A 2  ? UNP P56277 ? ? 'expression tag' -4 2  
1 1HP8 PRO A 3  ? UNP P56277 ? ? 'expression tag' -3 3  
1 1HP8 GLY A 4  ? UNP P56277 ? ? 'expression tag' -2 4  
1 1HP8 ILE A 5  ? UNP P56277 ? ? 'expression tag' -1 5  
1 1HP8 HIS A 6  ? UNP P56277 ? ? 'expression tag' 0  6  
1 1HP8 GLY A 75 ? UNP P56277 ? ? 'expression tag' 69 7  
1 1HP8 ILE A 76 ? UNP P56277 ? ? 'expression tag' 70 8  
1 1HP8 HIS A 77 ? UNP P56277 ? ? 'expression tag' 71 9  
1 1HP8 ARG A 78 ? UNP P56277 ? ? 'expression tag' 72 10 
1 1HP8 ASP A 79 ? UNP P56277 ? ? 'expression tag' 73 11 
# 
_pdbx_struct_assembly.id                   1 
_pdbx_struct_assembly.details              author_defined_assembly 
_pdbx_struct_assembly.method_details       ? 
_pdbx_struct_assembly.oligomeric_details   monomeric 
_pdbx_struct_assembly.oligomeric_count     1 
# 
loop_
_pdbx_struct_assembly_prop.biol_id 
_pdbx_struct_assembly_prop.type 
_pdbx_struct_assembly_prop.value 
_pdbx_struct_assembly_prop.details 
1 'ABSA (A^2)' 0    ? 
1 MORE         0    ? 
1 'SSA (A^2)'  5030 ? 
# 
_pdbx_struct_assembly_gen.assembly_id       1 
_pdbx_struct_assembly_gen.oper_expression   1 
_pdbx_struct_assembly_gen.asym_id_list      A 
# 
_pdbx_struct_oper_list.id                   1 
_pdbx_struct_oper_list.type                 'identity operation' 
_pdbx_struct_oper_list.name                 1_555 
_pdbx_struct_oper_list.symmetry_operation   ? 
_pdbx_struct_oper_list.matrix[1][1]         1.0000000000 
_pdbx_struct_oper_list.matrix[1][2]         0.0000000000 
_pdbx_struct_oper_list.matrix[1][3]         0.0000000000 
_pdbx_struct_oper_list.vector[1]            0.0000000000 
_pdbx_struct_oper_list.matrix[2][1]         0.0000000000 
_pdbx_struct_oper_list.matrix[2][2]         1.0000000000 
_pdbx_struct_oper_list.matrix[2][3]         0.0000000000 
_pdbx_struct_oper_list.vector[2]            0.0000000000 
_pdbx_struct_oper_list.matrix[3][1]         0.0000000000 
_pdbx_struct_oper_list.matrix[3][2]         0.0000000000 
_pdbx_struct_oper_list.matrix[3][3]         1.0000000000 
_pdbx_struct_oper_list.vector[3]            0.0000000000 
# 
loop_
_struct_conf.conf_type_id 
_struct_conf.id 
_struct_conf.pdbx_PDB_helix_id 
_struct_conf.beg_label_comp_id 
_struct_conf.beg_label_asym_id 
_struct_conf.beg_label_seq_id 
_struct_conf.pdbx_beg_PDB_ins_code 
_struct_conf.end_label_comp_id 
_struct_conf.end_label_asym_id 
_struct_conf.end_label_seq_id 
_struct_conf.pdbx_end_PDB_ins_code 
_struct_conf.beg_auth_comp_id 
_struct_conf.beg_auth_asym_id 
_struct_conf.beg_auth_seq_id 
_struct_conf.end_auth_comp_id 
_struct_conf.end_auth_asym_id 
_struct_conf.end_auth_seq_id 
_struct_conf.pdbx_PDB_helix_class 
_struct_conf.details 
_struct_conf.pdbx_PDB_helix_length 
HELX_P HELX_P1 1 GLN A 14 ? ALA A 26 ? GLN A 8  ALA A 20 1 ? 13 
HELX_P HELX_P2 2 GLN A 35 ? ALA A 46 ? GLN A 29 ALA A 40 1 ? 12 
HELX_P HELX_P3 3 LYS A 50 ? ARG A 52 ? LYS A 44 ARG A 46 5 ? 3  
HELX_P HELX_P4 4 VAL A 54 ? ARG A 69 ? VAL A 48 ARG A 63 1 ? 16 
# 
_struct_conf_type.id          HELX_P 
_struct_conf_type.criteria    ? 
_struct_conf_type.reference   ? 
# 
loop_
_struct_conn.id 
_struct_conn.conn_type_id 
_struct_conn.pdbx_leaving_atom_flag 
_struct_conn.pdbx_PDB_id 
_struct_conn.ptnr1_label_asym_id 
_struct_conn.ptnr1_label_comp_id 
_struct_conn.ptnr1_label_seq_id 
_struct_conn.ptnr1_label_atom_id 
_struct_conn.pdbx_ptnr1_label_alt_id 
_struct_conn.pdbx_ptnr1_PDB_ins_code 
_struct_conn.pdbx_ptnr1_standard_comp_id 
_struct_conn.ptnr1_symmetry 
_struct_conn.ptnr2_label_asym_id 
_struct_conn.ptnr2_label_comp_id 
_struct_conn.ptnr2_label_seq_id 
_struct_conn.ptnr2_label_atom_id 
_struct_conn.pdbx_ptnr2_label_alt_id 
_struct_conn.pdbx_ptnr2_PDB_ins_code 
_struct_conn.ptnr1_auth_asym_id 
_struct_conn.ptnr1_auth_comp_id 
_struct_conn.ptnr1_auth_seq_id 
_struct_conn.ptnr2_auth_asym_id 
_struct_conn.ptnr2_auth_comp_id 
_struct_conn.ptnr2_auth_seq_id 
_struct_conn.ptnr2_symmetry 
_struct_conn.pdbx_ptnr3_label_atom_id 
_struct_conn.pdbx_ptnr3_label_seq_id 
_struct_conn.pdbx_ptnr3_label_comp_id 
_struct_conn.pdbx_ptnr3_label_asym_id 
_struct_conn.pdbx_ptnr3_label_alt_id 
_struct_conn.pdbx_ptnr3_PDB_ins_code 
_struct_conn.details 
_struct_conn.pdbx_dist_value 
_struct_conn.pdbx_value_order 
_struct_conn.pdbx_role 
disulf1 disulf ? ? A CYS 13 SG ? ? ? 1_555 A CYS 44 SG ? ? A CYS 7  A CYS 38 1_555 ? ? ? ? ? ? ? 2.053 ? ? 
disulf2 disulf ? ? A CYS 23 SG ? ? ? 1_555 A CYS 34 SG ? ? A CYS 17 A CYS 28 1_555 ? ? ? ? ? ? ? 2.055 ? ? 
disulf3 disulf ? ? A CYS 45 SG ? ? ? 1_555 A CYS 56 SG ? ? A CYS 39 A CYS 50 1_555 ? ? ? ? ? ? ? 2.037 ? ? 
# 
_struct_conn_type.id          disulf 
_struct_conn_type.criteria    ? 
_struct_conn_type.reference   ? 
# 
loop_
_pdbx_modification_feature.ordinal 
_pdbx_modification_feature.label_comp_id 
_pdbx_modification_feature.label_asym_id 
_pdbx_modification_feature.label_seq_id 
_pdbx_modification_feature.label_alt_id 
_pdbx_modification_feature.modified_residue_label_comp_id 
_pdbx_modification_feature.modified_residue_label_asym_id 
_pdbx_modification_feature.modified_residue_label_seq_id 
_pdbx_modification_feature.modified_residue_label_alt_id 
_pdbx_modification_feature.auth_comp_id 
_pdbx_modification_feature.auth_asym_id 
_pdbx_modification_feature.auth_seq_id 
_pdbx_modification_feature.PDB_ins_code 
_pdbx_modification_feature.symmetry 
_pdbx_modification_feature.modified_residue_auth_comp_id 
_pdbx_modification_feature.modified_residue_auth_asym_id 
_pdbx_modification_feature.modified_residue_auth_seq_id 
_pdbx_modification_feature.modified_residue_PDB_ins_code 
_pdbx_modification_feature.modified_residue_symmetry 
_pdbx_modification_feature.comp_id_linking_atom 
_pdbx_modification_feature.modified_residue_id_linking_atom 
_pdbx_modification_feature.modified_residue_id 
_pdbx_modification_feature.ref_pcm_id 
_pdbx_modification_feature.ref_comp_id 
_pdbx_modification_feature.type 
_pdbx_modification_feature.category 
1 CYS A 13 ? CYS A 44 ? CYS A 7  ? 1_555 CYS A 38 ? 1_555 SG SG . . . None 'Disulfide bridge' 
2 CYS A 23 ? CYS A 34 ? CYS A 17 ? 1_555 CYS A 28 ? 1_555 SG SG . . . None 'Disulfide bridge' 
3 CYS A 45 ? CYS A 56 ? CYS A 39 ? 1_555 CYS A 50 ? 1_555 SG SG . . . None 'Disulfide bridge' 
# 
_pdbx_entry_details.entry_id                   1HP8 
_pdbx_entry_details.compound_details           ? 
_pdbx_entry_details.source_details             ? 
_pdbx_entry_details.nonpolymer_details         ? 
_pdbx_entry_details.sequence_details           ? 
_pdbx_entry_details.has_ligand_of_interest     ? 
_pdbx_entry_details.has_protein_modification   Y 
# 
loop_
_pdbx_validate_close_contact.id 
_pdbx_validate_close_contact.PDB_model_num 
_pdbx_validate_close_contact.auth_atom_id_1 
_pdbx_validate_close_contact.auth_asym_id_1 
_pdbx_validate_close_contact.auth_comp_id_1 
_pdbx_validate_close_contact.auth_seq_id_1 
_pdbx_validate_close_contact.PDB_ins_code_1 
_pdbx_validate_close_contact.label_alt_id_1 
_pdbx_validate_close_contact.auth_atom_id_2 
_pdbx_validate_close_contact.auth_asym_id_2 
_pdbx_validate_close_contact.auth_comp_id_2 
_pdbx_validate_close_contact.auth_seq_id_2 
_pdbx_validate_close_contact.PDB_ins_code_2 
_pdbx_validate_close_contact.label_alt_id_2 
_pdbx_validate_close_contact.dist 
1 1 O   A GLU 59 ? ? HG1 A THR 62 ? ? 1.54 
2 1 OE1 A GLN 41 ? ? HH  A TYR 42 ? ? 1.55 
# 
loop_
_pdbx_validate_torsion.id 
_pdbx_validate_torsion.PDB_model_num 
_pdbx_validate_torsion.auth_comp_id 
_pdbx_validate_torsion.auth_asym_id 
_pdbx_validate_torsion.auth_seq_id 
_pdbx_validate_torsion.PDB_ins_code 
_pdbx_validate_torsion.label_alt_id 
_pdbx_validate_torsion.phi 
_pdbx_validate_torsion.psi 
1 1 LYS A 64 ? ? 147.44  130.64 
2 1 SER A 67 ? ? -145.52 28.87  
# 
_pdbx_validate_planes.id              1 
_pdbx_validate_planes.PDB_model_num   1 
_pdbx_validate_planes.auth_comp_id    ARG 
_pdbx_validate_planes.auth_asym_id    A 
_pdbx_validate_planes.auth_seq_id     36 
_pdbx_validate_planes.PDB_ins_code    ? 
_pdbx_validate_planes.label_alt_id    ? 
_pdbx_validate_planes.rmsd            0.092 
_pdbx_validate_planes.type            'SIDE CHAIN' 
# 
_pdbx_nmr_ensemble.entry_id                             1HP8 
_pdbx_nmr_ensemble.conformers_calculated_total_number   30 
_pdbx_nmr_ensemble.conformers_submitted_total_number    1 
_pdbx_nmr_ensemble.conformer_selection_criteria         'structures with the least restraint violations' 
# 
_pdbx_nmr_representative.conformer_id         1 
_pdbx_nmr_representative.entry_id             1HP8 
_pdbx_nmr_representative.selection_criteria   'minimized average structure' 
# 
_pdbx_nmr_exptl_sample_conditions.conditions_id          1 
_pdbx_nmr_exptl_sample_conditions.temperature            298 
_pdbx_nmr_exptl_sample_conditions.pressure               1 
_pdbx_nmr_exptl_sample_conditions.pH                     6.5 
_pdbx_nmr_exptl_sample_conditions.ionic_strength         '10mM PO4' 
_pdbx_nmr_exptl_sample_conditions.pressure_units         atm 
_pdbx_nmr_exptl_sample_conditions.temperature_units      K 
_pdbx_nmr_exptl_sample_conditions.label                  ? 
_pdbx_nmr_exptl_sample_conditions.pH_units               ? 
_pdbx_nmr_exptl_sample_conditions.ionic_strength_units   ? 
# 
loop_
_pdbx_nmr_exptl.experiment_id 
_pdbx_nmr_exptl.conditions_id 
_pdbx_nmr_exptl.type 
_pdbx_nmr_exptl.solution_id 
1 1 NOESY 1 
2 1 COSY  1 
3 1 TOCSY 1 
# 
_pdbx_nmr_refine.entry_id           1HP8 
_pdbx_nmr_refine.method             'DISTANCE GEOMETRY AND RESTRAINED MOLECULAR DYNAMICS' 
_pdbx_nmr_refine.details            
;THE 3D STRUCTURE OF P8-MTCP1 IN SOLUTION BY NMR IS BASED ON 931 APPROXIMATE INTERPROTON DISTANCE RESTRAINTS AND 57 TORSION ANGLE RESTRAINTS DERIVED FROM NOE AND COUPLING CONSTANT MEASUREMENTS. THE STRUCTURES ARE CALCULATED USING THE DISTANCE GEOMETRY DIANA METHOD AND REFINED USING A SIMULATED-ANNEALING PROTOCOL WITH THE PROGRAM AMBER 4.1.
;
_pdbx_nmr_refine.software_ordinal   1 
# 
loop_
_pdbx_nmr_software.classification 
_pdbx_nmr_software.name 
_pdbx_nmr_software.version 
_pdbx_nmr_software.authors 
_pdbx_nmr_software.ordinal 
refinement           Amber 4.1 'PEARLMAN,CASE,CALDWELL,ROSS,CHEATHAM, FERGUSON,SEIBEL,SINGH,WEINER,KOLLMAN' 1 
'structure solution' UXNMR ?   ?                                                                            2 
'structure solution' Gifa  ?   ?                                                                            3 
'structure solution' DIANA ?   'P. GUNTERT AND K. WUTHRICH'                                                 4 
'structure solution' Amber ?   'PEARLMAN,CASE,CALDWELL,ROSS,CHEATHAM, FERGUSON,SEIBEL,SINGH,WEINER,KOLLMAN' 5 
# 
loop_
_pdbx_unobs_or_zero_occ_residues.id 
_pdbx_unobs_or_zero_occ_residues.PDB_model_num 
_pdbx_unobs_or_zero_occ_residues.polymer_flag 
_pdbx_unobs_or_zero_occ_residues.occupancy_flag 
_pdbx_unobs_or_zero_occ_residues.auth_asym_id 
_pdbx_unobs_or_zero_occ_residues.auth_comp_id 
_pdbx_unobs_or_zero_occ_residues.auth_seq_id 
_pdbx_unobs_or_zero_occ_residues.PDB_ins_code 
_pdbx_unobs_or_zero_occ_residues.label_asym_id 
_pdbx_unobs_or_zero_occ_residues.label_comp_id 
_pdbx_unobs_or_zero_occ_residues.label_seq_id 
1  1 Y 1 A GLY -5 ? A GLY 1  
2  1 Y 1 A SER -4 ? A SER 2  
3  1 Y 1 A PRO -3 ? A PRO 3  
4  1 Y 1 A GLY -2 ? A GLY 4  
5  1 Y 1 A ILE -1 ? A ILE 5  
6  1 Y 1 A HIS 0  ? A HIS 6  
7  1 Y 1 A GLY 69 ? A GLY 75 
8  1 Y 1 A ILE 70 ? A ILE 76 
9  1 Y 1 A HIS 71 ? A HIS 77 
10 1 Y 1 A ARG 72 ? A ARG 78 
11 1 Y 1 A ASP 73 ? A ASP 79 
# 
loop_
_chem_comp_atom.comp_id 
_chem_comp_atom.atom_id 
_chem_comp_atom.type_symbol 
_chem_comp_atom.pdbx_aromatic_flag 
_chem_comp_atom.pdbx_stereo_config 
_chem_comp_atom.pdbx_ordinal 
ALA N    N N N 1   
ALA CA   C N S 2   
ALA C    C N N 3   
ALA O    O N N 4   
ALA CB   C N N 5   
ALA OXT  O N N 6   
ALA H    H N N 7   
ALA H2   H N N 8   
ALA HA   H N N 9   
ALA HB1  H N N 10  
ALA HB2  H N N 11  
ALA HB3  H N N 12  
ALA HXT  H N N 13  
ARG N    N N N 14  
ARG CA   C N S 15  
ARG C    C N N 16  
ARG O    O N N 17  
ARG CB   C N N 18  
ARG CG   C N N 19  
ARG CD   C N N 20  
ARG NE   N N N 21  
ARG CZ   C N N 22  
ARG NH1  N N N 23  
ARG NH2  N N N 24  
ARG OXT  O N N 25  
ARG H    H N N 26  
ARG H2   H N N 27  
ARG HA   H N N 28  
ARG HB2  H N N 29  
ARG HB3  H N N 30  
ARG HG2  H N N 31  
ARG HG3  H N N 32  
ARG HD2  H N N 33  
ARG HD3  H N N 34  
ARG HE   H N N 35  
ARG HH11 H N N 36  
ARG HH12 H N N 37  
ARG HH21 H N N 38  
ARG HH22 H N N 39  
ARG HXT  H N N 40  
ASN N    N N N 41  
ASN CA   C N S 42  
ASN C    C N N 43  
ASN O    O N N 44  
ASN CB   C N N 45  
ASN CG   C N N 46  
ASN OD1  O N N 47  
ASN ND2  N N N 48  
ASN OXT  O N N 49  
ASN H    H N N 50  
ASN H2   H N N 51  
ASN HA   H N N 52  
ASN HB2  H N N 53  
ASN HB3  H N N 54  
ASN HD21 H N N 55  
ASN HD22 H N N 56  
ASN HXT  H N N 57  
ASP N    N N N 58  
ASP CA   C N S 59  
ASP C    C N N 60  
ASP O    O N N 61  
ASP CB   C N N 62  
ASP CG   C N N 63  
ASP OD1  O N N 64  
ASP OD2  O N N 65  
ASP OXT  O N N 66  
ASP H    H N N 67  
ASP H2   H N N 68  
ASP HA   H N N 69  
ASP HB2  H N N 70  
ASP HB3  H N N 71  
ASP HD2  H N N 72  
ASP HXT  H N N 73  
CYS N    N N N 74  
CYS CA   C N R 75  
CYS C    C N N 76  
CYS O    O N N 77  
CYS CB   C N N 78  
CYS SG   S N N 79  
CYS OXT  O N N 80  
CYS H    H N N 81  
CYS H2   H N N 82  
CYS HA   H N N 83  
CYS HB2  H N N 84  
CYS HB3  H N N 85  
CYS HG   H N N 86  
CYS HXT  H N N 87  
GLN N    N N N 88  
GLN CA   C N S 89  
GLN C    C N N 90  
GLN O    O N N 91  
GLN CB   C N N 92  
GLN CG   C N N 93  
GLN CD   C N N 94  
GLN OE1  O N N 95  
GLN NE2  N N N 96  
GLN OXT  O N N 97  
GLN H    H N N 98  
GLN H2   H N N 99  
GLN HA   H N N 100 
GLN HB2  H N N 101 
GLN HB3  H N N 102 
GLN HG2  H N N 103 
GLN HG3  H N N 104 
GLN HE21 H N N 105 
GLN HE22 H N N 106 
GLN HXT  H N N 107 
GLU N    N N N 108 
GLU CA   C N S 109 
GLU C    C N N 110 
GLU O    O N N 111 
GLU CB   C N N 112 
GLU CG   C N N 113 
GLU CD   C N N 114 
GLU OE1  O N N 115 
GLU OE2  O N N 116 
GLU OXT  O N N 117 
GLU H    H N N 118 
GLU H2   H N N 119 
GLU HA   H N N 120 
GLU HB2  H N N 121 
GLU HB3  H N N 122 
GLU HG2  H N N 123 
GLU HG3  H N N 124 
GLU HE2  H N N 125 
GLU HXT  H N N 126 
GLY N    N N N 127 
GLY CA   C N N 128 
GLY C    C N N 129 
GLY O    O N N 130 
GLY OXT  O N N 131 
GLY H    H N N 132 
GLY H2   H N N 133 
GLY HA2  H N N 134 
GLY HA3  H N N 135 
GLY HXT  H N N 136 
HIS N    N N N 137 
HIS CA   C N S 138 
HIS C    C N N 139 
HIS O    O N N 140 
HIS CB   C N N 141 
HIS CG   C Y N 142 
HIS ND1  N Y N 143 
HIS CD2  C Y N 144 
HIS CE1  C Y N 145 
HIS NE2  N Y N 146 
HIS OXT  O N N 147 
HIS H    H N N 148 
HIS H2   H N N 149 
HIS HA   H N N 150 
HIS HB2  H N N 151 
HIS HB3  H N N 152 
HIS HD1  H N N 153 
HIS HD2  H N N 154 
HIS HE1  H N N 155 
HIS HE2  H N N 156 
HIS HXT  H N N 157 
ILE N    N N N 158 
ILE CA   C N S 159 
ILE C    C N N 160 
ILE O    O N N 161 
ILE CB   C N S 162 
ILE CG1  C N N 163 
ILE CG2  C N N 164 
ILE CD1  C N N 165 
ILE OXT  O N N 166 
ILE H    H N N 167 
ILE H2   H N N 168 
ILE HA   H N N 169 
ILE HB   H N N 170 
ILE HG12 H N N 171 
ILE HG13 H N N 172 
ILE HG21 H N N 173 
ILE HG22 H N N 174 
ILE HG23 H N N 175 
ILE HD11 H N N 176 
ILE HD12 H N N 177 
ILE HD13 H N N 178 
ILE HXT  H N N 179 
LEU N    N N N 180 
LEU CA   C N S 181 
LEU C    C N N 182 
LEU O    O N N 183 
LEU CB   C N N 184 
LEU CG   C N N 185 
LEU CD1  C N N 186 
LEU CD2  C N N 187 
LEU OXT  O N N 188 
LEU H    H N N 189 
LEU H2   H N N 190 
LEU HA   H N N 191 
LEU HB2  H N N 192 
LEU HB3  H N N 193 
LEU HG   H N N 194 
LEU HD11 H N N 195 
LEU HD12 H N N 196 
LEU HD13 H N N 197 
LEU HD21 H N N 198 
LEU HD22 H N N 199 
LEU HD23 H N N 200 
LEU HXT  H N N 201 
LYS N    N N N 202 
LYS CA   C N S 203 
LYS C    C N N 204 
LYS O    O N N 205 
LYS CB   C N N 206 
LYS CG   C N N 207 
LYS CD   C N N 208 
LYS CE   C N N 209 
LYS NZ   N N N 210 
LYS OXT  O N N 211 
LYS H    H N N 212 
LYS H2   H N N 213 
LYS HA   H N N 214 
LYS HB2  H N N 215 
LYS HB3  H N N 216 
LYS HG2  H N N 217 
LYS HG3  H N N 218 
LYS HD2  H N N 219 
LYS HD3  H N N 220 
LYS HE2  H N N 221 
LYS HE3  H N N 222 
LYS HZ1  H N N 223 
LYS HZ2  H N N 224 
LYS HZ3  H N N 225 
LYS HXT  H N N 226 
MET N    N N N 227 
MET CA   C N S 228 
MET C    C N N 229 
MET O    O N N 230 
MET CB   C N N 231 
MET CG   C N N 232 
MET SD   S N N 233 
MET CE   C N N 234 
MET OXT  O N N 235 
MET H    H N N 236 
MET H2   H N N 237 
MET HA   H N N 238 
MET HB2  H N N 239 
MET HB3  H N N 240 
MET HG2  H N N 241 
MET HG3  H N N 242 
MET HE1  H N N 243 
MET HE2  H N N 244 
MET HE3  H N N 245 
MET HXT  H N N 246 
PHE N    N N N 247 
PHE CA   C N S 248 
PHE C    C N N 249 
PHE O    O N N 250 
PHE CB   C N N 251 
PHE CG   C Y N 252 
PHE CD1  C Y N 253 
PHE CD2  C Y N 254 
PHE CE1  C Y N 255 
PHE CE2  C Y N 256 
PHE CZ   C Y N 257 
PHE OXT  O N N 258 
PHE H    H N N 259 
PHE H2   H N N 260 
PHE HA   H N N 261 
PHE HB2  H N N 262 
PHE HB3  H N N 263 
PHE HD1  H N N 264 
PHE HD2  H N N 265 
PHE HE1  H N N 266 
PHE HE2  H N N 267 
PHE HZ   H N N 268 
PHE HXT  H N N 269 
PRO N    N N N 270 
PRO CA   C N S 271 
PRO C    C N N 272 
PRO O    O N N 273 
PRO CB   C N N 274 
PRO CG   C N N 275 
PRO CD   C N N 276 
PRO OXT  O N N 277 
PRO H    H N N 278 
PRO HA   H N N 279 
PRO HB2  H N N 280 
PRO HB3  H N N 281 
PRO HG2  H N N 282 
PRO HG3  H N N 283 
PRO HD2  H N N 284 
PRO HD3  H N N 285 
PRO HXT  H N N 286 
SER N    N N N 287 
SER CA   C N S 288 
SER C    C N N 289 
SER O    O N N 290 
SER CB   C N N 291 
SER OG   O N N 292 
SER OXT  O N N 293 
SER H    H N N 294 
SER H2   H N N 295 
SER HA   H N N 296 
SER HB2  H N N 297 
SER HB3  H N N 298 
SER HG   H N N 299 
SER HXT  H N N 300 
THR N    N N N 301 
THR CA   C N S 302 
THR C    C N N 303 
THR O    O N N 304 
THR CB   C N R 305 
THR OG1  O N N 306 
THR CG2  C N N 307 
THR OXT  O N N 308 
THR H    H N N 309 
THR H2   H N N 310 
THR HA   H N N 311 
THR HB   H N N 312 
THR HG1  H N N 313 
THR HG21 H N N 314 
THR HG22 H N N 315 
THR HG23 H N N 316 
THR HXT  H N N 317 
TYR N    N N N 318 
TYR CA   C N S 319 
TYR C    C N N 320 
TYR O    O N N 321 
TYR CB   C N N 322 
TYR CG   C Y N 323 
TYR CD1  C Y N 324 
TYR CD2  C Y N 325 
TYR CE1  C Y N 326 
TYR CE2  C Y N 327 
TYR CZ   C Y N 328 
TYR OH   O N N 329 
TYR OXT  O N N 330 
TYR H    H N N 331 
TYR H2   H N N 332 
TYR HA   H N N 333 
TYR HB2  H N N 334 
TYR HB3  H N N 335 
TYR HD1  H N N 336 
TYR HD2  H N N 337 
TYR HE1  H N N 338 
TYR HE2  H N N 339 
TYR HH   H N N 340 
TYR HXT  H N N 341 
VAL N    N N N 342 
VAL CA   C N S 343 
VAL C    C N N 344 
VAL O    O N N 345 
VAL CB   C N N 346 
VAL CG1  C N N 347 
VAL CG2  C N N 348 
VAL OXT  O N N 349 
VAL H    H N N 350 
VAL H2   H N N 351 
VAL HA   H N N 352 
VAL HB   H N N 353 
VAL HG11 H N N 354 
VAL HG12 H N N 355 
VAL HG13 H N N 356 
VAL HG21 H N N 357 
VAL HG22 H N N 358 
VAL HG23 H N N 359 
VAL HXT  H N N 360 
# 
loop_
_chem_comp_bond.comp_id 
_chem_comp_bond.atom_id_1 
_chem_comp_bond.atom_id_2 
_chem_comp_bond.value_order 
_chem_comp_bond.pdbx_aromatic_flag 
_chem_comp_bond.pdbx_stereo_config 
_chem_comp_bond.pdbx_ordinal 
ALA N   CA   sing N N 1   
ALA N   H    sing N N 2   
ALA N   H2   sing N N 3   
ALA CA  C    sing N N 4   
ALA CA  CB   sing N N 5   
ALA CA  HA   sing N N 6   
ALA C   O    doub N N 7   
ALA C   OXT  sing N N 8   
ALA CB  HB1  sing N N 9   
ALA CB  HB2  sing N N 10  
ALA CB  HB3  sing N N 11  
ALA OXT HXT  sing N N 12  
ARG N   CA   sing N N 13  
ARG N   H    sing N N 14  
ARG N   H2   sing N N 15  
ARG CA  C    sing N N 16  
ARG CA  CB   sing N N 17  
ARG CA  HA   sing N N 18  
ARG C   O    doub N N 19  
ARG C   OXT  sing N N 20  
ARG CB  CG   sing N N 21  
ARG CB  HB2  sing N N 22  
ARG CB  HB3  sing N N 23  
ARG CG  CD   sing N N 24  
ARG CG  HG2  sing N N 25  
ARG CG  HG3  sing N N 26  
ARG CD  NE   sing N N 27  
ARG CD  HD2  sing N N 28  
ARG CD  HD3  sing N N 29  
ARG NE  CZ   sing N N 30  
ARG NE  HE   sing N N 31  
ARG CZ  NH1  sing N N 32  
ARG CZ  NH2  doub N N 33  
ARG NH1 HH11 sing N N 34  
ARG NH1 HH12 sing N N 35  
ARG NH2 HH21 sing N N 36  
ARG NH2 HH22 sing N N 37  
ARG OXT HXT  sing N N 38  
ASN N   CA   sing N N 39  
ASN N   H    sing N N 40  
ASN N   H2   sing N N 41  
ASN CA  C    sing N N 42  
ASN CA  CB   sing N N 43  
ASN CA  HA   sing N N 44  
ASN C   O    doub N N 45  
ASN C   OXT  sing N N 46  
ASN CB  CG   sing N N 47  
ASN CB  HB2  sing N N 48  
ASN CB  HB3  sing N N 49  
ASN CG  OD1  doub N N 50  
ASN CG  ND2  sing N N 51  
ASN ND2 HD21 sing N N 52  
ASN ND2 HD22 sing N N 53  
ASN OXT HXT  sing N N 54  
ASP N   CA   sing N N 55  
ASP N   H    sing N N 56  
ASP N   H2   sing N N 57  
ASP CA  C    sing N N 58  
ASP CA  CB   sing N N 59  
ASP CA  HA   sing N N 60  
ASP C   O    doub N N 61  
ASP C   OXT  sing N N 62  
ASP CB  CG   sing N N 63  
ASP CB  HB2  sing N N 64  
ASP CB  HB3  sing N N 65  
ASP CG  OD1  doub N N 66  
ASP CG  OD2  sing N N 67  
ASP OD2 HD2  sing N N 68  
ASP OXT HXT  sing N N 69  
CYS N   CA   sing N N 70  
CYS N   H    sing N N 71  
CYS N   H2   sing N N 72  
CYS CA  C    sing N N 73  
CYS CA  CB   sing N N 74  
CYS CA  HA   sing N N 75  
CYS C   O    doub N N 76  
CYS C   OXT  sing N N 77  
CYS CB  SG   sing N N 78  
CYS CB  HB2  sing N N 79  
CYS CB  HB3  sing N N 80  
CYS SG  HG   sing N N 81  
CYS OXT HXT  sing N N 82  
GLN N   CA   sing N N 83  
GLN N   H    sing N N 84  
GLN N   H2   sing N N 85  
GLN CA  C    sing N N 86  
GLN CA  CB   sing N N 87  
GLN CA  HA   sing N N 88  
GLN C   O    doub N N 89  
GLN C   OXT  sing N N 90  
GLN CB  CG   sing N N 91  
GLN CB  HB2  sing N N 92  
GLN CB  HB3  sing N N 93  
GLN CG  CD   sing N N 94  
GLN CG  HG2  sing N N 95  
GLN CG  HG3  sing N N 96  
GLN CD  OE1  doub N N 97  
GLN CD  NE2  sing N N 98  
GLN NE2 HE21 sing N N 99  
GLN NE2 HE22 sing N N 100 
GLN OXT HXT  sing N N 101 
GLU N   CA   sing N N 102 
GLU N   H    sing N N 103 
GLU N   H2   sing N N 104 
GLU CA  C    sing N N 105 
GLU CA  CB   sing N N 106 
GLU CA  HA   sing N N 107 
GLU C   O    doub N N 108 
GLU C   OXT  sing N N 109 
GLU CB  CG   sing N N 110 
GLU CB  HB2  sing N N 111 
GLU CB  HB3  sing N N 112 
GLU CG  CD   sing N N 113 
GLU CG  HG2  sing N N 114 
GLU CG  HG3  sing N N 115 
GLU CD  OE1  doub N N 116 
GLU CD  OE2  sing N N 117 
GLU OE2 HE2  sing N N 118 
GLU OXT HXT  sing N N 119 
GLY N   CA   sing N N 120 
GLY N   H    sing N N 121 
GLY N   H2   sing N N 122 
GLY CA  C    sing N N 123 
GLY CA  HA2  sing N N 124 
GLY CA  HA3  sing N N 125 
GLY C   O    doub N N 126 
GLY C   OXT  sing N N 127 
GLY OXT HXT  sing N N 128 
HIS N   CA   sing N N 129 
HIS N   H    sing N N 130 
HIS N   H2   sing N N 131 
HIS CA  C    sing N N 132 
HIS CA  CB   sing N N 133 
HIS CA  HA   sing N N 134 
HIS C   O    doub N N 135 
HIS C   OXT  sing N N 136 
HIS CB  CG   sing N N 137 
HIS CB  HB2  sing N N 138 
HIS CB  HB3  sing N N 139 
HIS CG  ND1  sing Y N 140 
HIS CG  CD2  doub Y N 141 
HIS ND1 CE1  doub Y N 142 
HIS ND1 HD1  sing N N 143 
HIS CD2 NE2  sing Y N 144 
HIS CD2 HD2  sing N N 145 
HIS CE1 NE2  sing Y N 146 
HIS CE1 HE1  sing N N 147 
HIS NE2 HE2  sing N N 148 
HIS OXT HXT  sing N N 149 
ILE N   CA   sing N N 150 
ILE N   H    sing N N 151 
ILE N   H2   sing N N 152 
ILE CA  C    sing N N 153 
ILE CA  CB   sing N N 154 
ILE CA  HA   sing N N 155 
ILE C   O    doub N N 156 
ILE C   OXT  sing N N 157 
ILE CB  CG1  sing N N 158 
ILE CB  CG2  sing N N 159 
ILE CB  HB   sing N N 160 
ILE CG1 CD1  sing N N 161 
ILE CG1 HG12 sing N N 162 
ILE CG1 HG13 sing N N 163 
ILE CG2 HG21 sing N N 164 
ILE CG2 HG22 sing N N 165 
ILE CG2 HG23 sing N N 166 
ILE CD1 HD11 sing N N 167 
ILE CD1 HD12 sing N N 168 
ILE CD1 HD13 sing N N 169 
ILE OXT HXT  sing N N 170 
LEU N   CA   sing N N 171 
LEU N   H    sing N N 172 
LEU N   H2   sing N N 173 
LEU CA  C    sing N N 174 
LEU CA  CB   sing N N 175 
LEU CA  HA   sing N N 176 
LEU C   O    doub N N 177 
LEU C   OXT  sing N N 178 
LEU CB  CG   sing N N 179 
LEU CB  HB2  sing N N 180 
LEU CB  HB3  sing N N 181 
LEU CG  CD1  sing N N 182 
LEU CG  CD2  sing N N 183 
LEU CG  HG   sing N N 184 
LEU CD1 HD11 sing N N 185 
LEU CD1 HD12 sing N N 186 
LEU CD1 HD13 sing N N 187 
LEU CD2 HD21 sing N N 188 
LEU CD2 HD22 sing N N 189 
LEU CD2 HD23 sing N N 190 
LEU OXT HXT  sing N N 191 
LYS N   CA   sing N N 192 
LYS N   H    sing N N 193 
LYS N   H2   sing N N 194 
LYS CA  C    sing N N 195 
LYS CA  CB   sing N N 196 
LYS CA  HA   sing N N 197 
LYS C   O    doub N N 198 
LYS C   OXT  sing N N 199 
LYS CB  CG   sing N N 200 
LYS CB  HB2  sing N N 201 
LYS CB  HB3  sing N N 202 
LYS CG  CD   sing N N 203 
LYS CG  HG2  sing N N 204 
LYS CG  HG3  sing N N 205 
LYS CD  CE   sing N N 206 
LYS CD  HD2  sing N N 207 
LYS CD  HD3  sing N N 208 
LYS CE  NZ   sing N N 209 
LYS CE  HE2  sing N N 210 
LYS CE  HE3  sing N N 211 
LYS NZ  HZ1  sing N N 212 
LYS NZ  HZ2  sing N N 213 
LYS NZ  HZ3  sing N N 214 
LYS OXT HXT  sing N N 215 
MET N   CA   sing N N 216 
MET N   H    sing N N 217 
MET N   H2   sing N N 218 
MET CA  C    sing N N 219 
MET CA  CB   sing N N 220 
MET CA  HA   sing N N 221 
MET C   O    doub N N 222 
MET C   OXT  sing N N 223 
MET CB  CG   sing N N 224 
MET CB  HB2  sing N N 225 
MET CB  HB3  sing N N 226 
MET CG  SD   sing N N 227 
MET CG  HG2  sing N N 228 
MET CG  HG3  sing N N 229 
MET SD  CE   sing N N 230 
MET CE  HE1  sing N N 231 
MET CE  HE2  sing N N 232 
MET CE  HE3  sing N N 233 
MET OXT HXT  sing N N 234 
PHE N   CA   sing N N 235 
PHE N   H    sing N N 236 
PHE N   H2   sing N N 237 
PHE CA  C    sing N N 238 
PHE CA  CB   sing N N 239 
PHE CA  HA   sing N N 240 
PHE C   O    doub N N 241 
PHE C   OXT  sing N N 242 
PHE CB  CG   sing N N 243 
PHE CB  HB2  sing N N 244 
PHE CB  HB3  sing N N 245 
PHE CG  CD1  doub Y N 246 
PHE CG  CD2  sing Y N 247 
PHE CD1 CE1  sing Y N 248 
PHE CD1 HD1  sing N N 249 
PHE CD2 CE2  doub Y N 250 
PHE CD2 HD2  sing N N 251 
PHE CE1 CZ   doub Y N 252 
PHE CE1 HE1  sing N N 253 
PHE CE2 CZ   sing Y N 254 
PHE CE2 HE2  sing N N 255 
PHE CZ  HZ   sing N N 256 
PHE OXT HXT  sing N N 257 
PRO N   CA   sing N N 258 
PRO N   CD   sing N N 259 
PRO N   H    sing N N 260 
PRO CA  C    sing N N 261 
PRO CA  CB   sing N N 262 
PRO CA  HA   sing N N 263 
PRO C   O    doub N N 264 
PRO C   OXT  sing N N 265 
PRO CB  CG   sing N N 266 
PRO CB  HB2  sing N N 267 
PRO CB  HB3  sing N N 268 
PRO CG  CD   sing N N 269 
PRO CG  HG2  sing N N 270 
PRO CG  HG3  sing N N 271 
PRO CD  HD2  sing N N 272 
PRO CD  HD3  sing N N 273 
PRO OXT HXT  sing N N 274 
SER N   CA   sing N N 275 
SER N   H    sing N N 276 
SER N   H2   sing N N 277 
SER CA  C    sing N N 278 
SER CA  CB   sing N N 279 
SER CA  HA   sing N N 280 
SER C   O    doub N N 281 
SER C   OXT  sing N N 282 
SER CB  OG   sing N N 283 
SER CB  HB2  sing N N 284 
SER CB  HB3  sing N N 285 
SER OG  HG   sing N N 286 
SER OXT HXT  sing N N 287 
THR N   CA   sing N N 288 
THR N   H    sing N N 289 
THR N   H2   sing N N 290 
THR CA  C    sing N N 291 
THR CA  CB   sing N N 292 
THR CA  HA   sing N N 293 
THR C   O    doub N N 294 
THR C   OXT  sing N N 295 
THR CB  OG1  sing N N 296 
THR CB  CG2  sing N N 297 
THR CB  HB   sing N N 298 
THR OG1 HG1  sing N N 299 
THR CG2 HG21 sing N N 300 
THR CG2 HG22 sing N N 301 
THR CG2 HG23 sing N N 302 
THR OXT HXT  sing N N 303 
TYR N   CA   sing N N 304 
TYR N   H    sing N N 305 
TYR N   H2   sing N N 306 
TYR CA  C    sing N N 307 
TYR CA  CB   sing N N 308 
TYR CA  HA   sing N N 309 
TYR C   O    doub N N 310 
TYR C   OXT  sing N N 311 
TYR CB  CG   sing N N 312 
TYR CB  HB2  sing N N 313 
TYR CB  HB3  sing N N 314 
TYR CG  CD1  doub Y N 315 
TYR CG  CD2  sing Y N 316 
TYR CD1 CE1  sing Y N 317 
TYR CD1 HD1  sing N N 318 
TYR CD2 CE2  doub Y N 319 
TYR CD2 HD2  sing N N 320 
TYR CE1 CZ   doub Y N 321 
TYR CE1 HE1  sing N N 322 
TYR CE2 CZ   sing Y N 323 
TYR CE2 HE2  sing N N 324 
TYR CZ  OH   sing N N 325 
TYR OH  HH   sing N N 326 
TYR OXT HXT  sing N N 327 
VAL N   CA   sing N N 328 
VAL N   H    sing N N 329 
VAL N   H2   sing N N 330 
VAL CA  C    sing N N 331 
VAL CA  CB   sing N N 332 
VAL CA  HA   sing N N 333 
VAL C   O    doub N N 334 
VAL C   OXT  sing N N 335 
VAL CB  CG1  sing N N 336 
VAL CB  CG2  sing N N 337 
VAL CB  HB   sing N N 338 
VAL CG1 HG11 sing N N 339 
VAL CG1 HG12 sing N N 340 
VAL CG1 HG13 sing N N 341 
VAL CG2 HG21 sing N N 342 
VAL CG2 HG22 sing N N 343 
VAL CG2 HG23 sing N N 344 
VAL OXT HXT  sing N N 345 
# 
_pdbx_nmr_spectrometer.spectrometer_id   1 
_pdbx_nmr_spectrometer.model             AMX 
_pdbx_nmr_spectrometer.manufacturer      Bruker 
_pdbx_nmr_spectrometer.field_strength    600 
_pdbx_nmr_spectrometer.type              ? 
# 
_atom_sites.entry_id                    1HP8 
_atom_sites.fract_transf_matrix[1][1]   1.000000 
_atom_sites.fract_transf_matrix[1][2]   0.000000 
_atom_sites.fract_transf_matrix[1][3]   0.000000 
_atom_sites.fract_transf_matrix[2][1]   0.000000 
_atom_sites.fract_transf_matrix[2][2]   1.000000 
_atom_sites.fract_transf_matrix[2][3]   0.000000 
_atom_sites.fract_transf_matrix[3][1]   0.000000 
_atom_sites.fract_transf_matrix[3][2]   0.000000 
_atom_sites.fract_transf_matrix[3][3]   1.000000 
_atom_sites.fract_transf_vector[1]      0.00000 
_atom_sites.fract_transf_vector[2]      0.00000 
_atom_sites.fract_transf_vector[3]      0.00000 
# 
loop_
_atom_type.symbol 
C 
H 
N 
O 
S 
# 
loop_
_atom_site.group_PDB 
_atom_site.id 
_atom_site.type_symbol 
_atom_site.label_atom_id 
_atom_site.label_alt_id 
_atom_site.label_comp_id 
_atom_site.label_asym_id 
_atom_site.label_entity_id 
_atom_site.label_seq_id 
_atom_site.pdbx_PDB_ins_code 
_atom_site.Cartn_x 
_atom_site.Cartn_y 
_atom_site.Cartn_z 
_atom_site.occupancy 
_atom_site.B_iso_or_equiv 
_atom_site.pdbx_formal_charge 
_atom_site.auth_seq_id 
_atom_site.auth_comp_id 
_atom_site.auth_asym_id 
_atom_site.auth_atom_id 
_atom_site.pdbx_PDB_model_num 
ATOM 1    N N    . MET A 1 7  ? -12.161 11.363  4.448   1.00 0.00 ? 1  MET A N    1 
ATOM 2    C CA   . MET A 1 7  ? -12.486 12.548  3.671   1.00 0.00 ? 1  MET A CA   1 
ATOM 3    C C    . MET A 1 7  ? -11.389 12.843  2.635   1.00 0.00 ? 1  MET A C    1 
ATOM 4    O O    . MET A 1 7  ? -10.446 13.585  2.915   1.00 0.00 ? 1  MET A O    1 
ATOM 5    C CB   . MET A 1 7  ? -12.851 13.732  4.566   1.00 0.00 ? 1  MET A CB   1 
ATOM 6    C CG   . MET A 1 7  ? -11.867 14.045  5.705   1.00 0.00 ? 1  MET A CG   1 
ATOM 7    S SD   . MET A 1 7  ? -12.429 15.320  6.865   1.00 0.00 ? 1  MET A SD   1 
ATOM 8    C CE   . MET A 1 7  ? -13.669 14.384  7.800   1.00 0.00 ? 1  MET A CE   1 
ATOM 9    H H    . MET A 1 7  ? -11.284 11.508  4.935   1.00 0.00 ? 1  MET A H    1 
ATOM 10   H HA   . MET A 1 7  ? -13.412 12.322  3.152   1.00 0.00 ? 1  MET A HA   1 
ATOM 11   H HB2  . MET A 1 7  ? -12.968 14.623  3.946   1.00 0.00 ? 1  MET A HB2  1 
ATOM 12   H HB3  . MET A 1 7  ? -13.830 13.484  4.965   1.00 0.00 ? 1  MET A HB3  1 
ATOM 13   H HG2  . MET A 1 7  ? -11.663 13.142  6.277   1.00 0.00 ? 1  MET A HG2  1 
ATOM 14   H HG3  . MET A 1 7  ? -10.927 14.382  5.267   1.00 0.00 ? 1  MET A HG3  1 
ATOM 15   H HE1  . MET A 1 7  ? -13.207 13.500  8.240   1.00 0.00 ? 1  MET A HE1  1 
ATOM 16   H HE2  . MET A 1 7  ? -14.071 15.012  8.597   1.00 0.00 ? 1  MET A HE2  1 
ATOM 17   H HE3  . MET A 1 7  ? -14.481 14.081  7.140   1.00 0.00 ? 1  MET A HE3  1 
ATOM 18   N N    . PRO A 1 8  ? -11.491 12.245  1.434   1.00 0.00 ? 2  PRO A N    1 
ATOM 19   C CA   . PRO A 1 8  ? -10.468 12.285  0.395   1.00 0.00 ? 2  PRO A CA   1 
ATOM 20   C C    . PRO A 1 8  ? -10.465 13.636  -0.343  1.00 0.00 ? 2  PRO A C    1 
ATOM 21   O O    . PRO A 1 8  ? -10.705 13.692  -1.547  1.00 0.00 ? 2  PRO A O    1 
ATOM 22   C CB   . PRO A 1 8  ? -10.799 11.084  -0.506  1.00 0.00 ? 2  PRO A CB   1 
ATOM 23   C CG   . PRO A 1 8  ? -12.324 11.005  -0.427  1.00 0.00 ? 2  PRO A CG   1 
ATOM 24   C CD   . PRO A 1 8  ? -12.603 11.402  1.022   1.00 0.00 ? 2  PRO A CD   1 
ATOM 25   H HA   . PRO A 1 8  ? -9.483  12.131  0.839   1.00 0.00 ? 2  PRO A HA   1 
ATOM 26   H HB2  . PRO A 1 8  ? -10.444 11.202  -1.530  1.00 0.00 ? 2  PRO A HB2  1 
ATOM 27   H HB3  . PRO A 1 8  ? -10.371 10.180  -0.072  1.00 0.00 ? 2  PRO A HB3  1 
ATOM 28   H HG2  . PRO A 1 8  ? -12.768 11.738  -1.104  1.00 0.00 ? 2  PRO A HG2  1 
ATOM 29   H HG3  . PRO A 1 8  ? -12.691 10.003  -0.650  1.00 0.00 ? 2  PRO A HG3  1 
ATOM 30   H HD2  . PRO A 1 8  ? -13.544 11.952  1.110   1.00 0.00 ? 2  PRO A HD2  1 
ATOM 31   H HD3  . PRO A 1 8  ? -12.637 10.522  1.664   1.00 0.00 ? 2  PRO A HD3  1 
ATOM 32   N N    . GLN A 1 9  ? -10.158 14.722  0.377   1.00 0.00 ? 3  GLN A N    1 
ATOM 33   C CA   . GLN A 1 9  ? -9.953  16.062  -0.177  1.00 0.00 ? 3  GLN A CA   1 
ATOM 34   C C    . GLN A 1 9  ? -8.903  15.987  -1.294  1.00 0.00 ? 3  GLN A C    1 
ATOM 35   O O    . GLN A 1 9  ? -9.143  16.423  -2.418  1.00 0.00 ? 3  GLN A O    1 
ATOM 36   C CB   . GLN A 1 9  ? -9.517  17.030  0.941   1.00 0.00 ? 3  GLN A CB   1 
ATOM 37   C CG   . GLN A 1 9  ? -10.595 17.287  2.008   1.00 0.00 ? 3  GLN A CG   1 
ATOM 38   C CD   . GLN A 1 9  ? -11.725 18.172  1.487   1.00 0.00 ? 3  GLN A CD   1 
ATOM 39   O OE1  . GLN A 1 9  ? -12.640 17.704  0.821   1.00 0.00 ? 3  GLN A OE1  1 
ATOM 40   N NE2  . GLN A 1 9  ? -11.687 19.468  1.776   1.00 0.00 ? 3  GLN A NE2  1 
ATOM 41   H H    . GLN A 1 9  ? -10.045 14.590  1.378   1.00 0.00 ? 3  GLN A H    1 
ATOM 42   H HA   . GLN A 1 9  ? -10.893 16.404  -0.613  1.00 0.00 ? 3  GLN A HA   1 
ATOM 43   H HB2  . GLN A 1 9  ? -8.636  16.619  1.437   1.00 0.00 ? 3  GLN A HB2  1 
ATOM 44   H HB3  . GLN A 1 9  ? -9.234  17.984  0.494   1.00 0.00 ? 3  GLN A HB3  1 
ATOM 45   H HG2  . GLN A 1 9  ? -11.012 16.343  2.359   1.00 0.00 ? 3  GLN A HG2  1 
ATOM 46   H HG3  . GLN A 1 9  ? -10.125 17.774  2.863   1.00 0.00 ? 3  GLN A HG3  1 
ATOM 47   H HE21 . GLN A 1 9  ? -10.946 19.862  2.331   1.00 0.00 ? 3  GLN A HE21 1 
ATOM 48   H HE22 . GLN A 1 9  ? -12.441 20.035  1.422   1.00 0.00 ? 3  GLN A HE22 1 
ATOM 49   N N    . LYS A 1 10 ? -7.746  15.407  -0.964  1.00 0.00 ? 4  LYS A N    1 
ATOM 50   C CA   . LYS A 1 10 ? -6.682  14.960  -1.843  1.00 0.00 ? 4  LYS A CA   1 
ATOM 51   C C    . LYS A 1 10 ? -6.115  13.713  -1.166  1.00 0.00 ? 4  LYS A C    1 
ATOM 52   O O    . LYS A 1 10 ? -6.120  13.635  0.065   1.00 0.00 ? 4  LYS A O    1 
ATOM 53   C CB   . LYS A 1 10 ? -5.596  16.032  -2.009  1.00 0.00 ? 4  LYS A CB   1 
ATOM 54   C CG   . LYS A 1 10 ? -6.026  17.178  -2.935  1.00 0.00 ? 4  LYS A CG   1 
ATOM 55   C CD   . LYS A 1 10 ? -4.885  18.184  -3.091  1.00 0.00 ? 4  LYS A CD   1 
ATOM 56   C CE   . LYS A 1 10 ? -5.281  19.270  -4.095  1.00 0.00 ? 4  LYS A CE   1 
ATOM 57   N NZ   . LYS A 1 10 ? -4.196  20.249  -4.292  1.00 0.00 ? 4  LYS A NZ   1 
ATOM 58   H H    . LYS A 1 10 ? -7.623  15.062  -0.024  1.00 0.00 ? 4  LYS A H    1 
ATOM 59   H HA   . LYS A 1 10 ? -7.115  14.697  -2.807  1.00 0.00 ? 4  LYS A HA   1 
ATOM 60   H HB2  . LYS A 1 10 ? -5.332  16.438  -1.031  1.00 0.00 ? 4  LYS A HB2  1 
ATOM 61   H HB3  . LYS A 1 10 ? -4.708  15.563  -2.435  1.00 0.00 ? 4  LYS A HB3  1 
ATOM 62   H HG2  . LYS A 1 10 ? -6.291  16.773  -3.913  1.00 0.00 ? 4  LYS A HG2  1 
ATOM 63   H HG3  . LYS A 1 10 ? -6.887  17.694  -2.512  1.00 0.00 ? 4  LYS A HG3  1 
ATOM 64   H HD2  . LYS A 1 10 ? -4.681  18.635  -2.117  1.00 0.00 ? 4  LYS A HD2  1 
ATOM 65   H HD3  . LYS A 1 10 ? -3.993  17.668  -3.446  1.00 0.00 ? 4  LYS A HD3  1 
ATOM 66   H HE2  . LYS A 1 10 ? -5.513  18.799  -5.051  1.00 0.00 ? 4  LYS A HE2  1 
ATOM 67   H HE3  . LYS A 1 10 ? -6.171  19.784  -3.733  1.00 0.00 ? 4  LYS A HE3  1 
ATOM 68   H HZ1  . LYS A 1 10 ? -3.370  19.778  -4.632  1.00 0.00 ? 4  LYS A HZ1  1 
ATOM 69   H HZ2  . LYS A 1 10 ? -4.486  20.942  -4.968  1.00 0.00 ? 4  LYS A HZ2  1 
ATOM 70   H HZ3  . LYS A 1 10 ? -3.986  20.706  -3.415  1.00 0.00 ? 4  LYS A HZ3  1 
ATOM 71   N N    . ASP A 1 11 ? -5.610  12.756  -1.943  1.00 0.00 ? 5  ASP A N    1 
ATOM 72   C CA   . ASP A 1 11 ? -5.074  11.505  -1.442  1.00 0.00 ? 5  ASP A CA   1 
ATOM 73   C C    . ASP A 1 11 ? -3.819  11.154  -2.257  1.00 0.00 ? 5  ASP A C    1 
ATOM 74   O O    . ASP A 1 11 ? -3.950  10.548  -3.317  1.00 0.00 ? 5  ASP A O    1 
ATOM 75   C CB   . ASP A 1 11 ? -6.170  10.423  -1.437  1.00 0.00 ? 5  ASP A CB   1 
ATOM 76   C CG   . ASP A 1 11 ? -5.750  9.169   -0.670  1.00 0.00 ? 5  ASP A CG   1 
ATOM 77   O OD1  . ASP A 1 11 ? -4.545  8.816   -0.690  1.00 0.00 ? 5  ASP A OD1  1 
ATOM 78   O OD2  . ASP A 1 11 ? -6.630  8.567   -0.016  1.00 0.00 ? 5  ASP A OD2  1 
ATOM 79   H H    . ASP A 1 11 ? -5.568  12.869  -2.939  1.00 0.00 ? 5  ASP A H    1 
ATOM 80   H HA   . ASP A 1 11 ? -4.800  11.644  -0.410  1.00 0.00 ? 5  ASP A HA   1 
ATOM 81   H HB2  . ASP A 1 11 ? -7.055  10.832  -0.948  1.00 0.00 ? 5  ASP A HB2  1 
ATOM 82   H HB3  . ASP A 1 11 ? -6.454  10.157  -2.453  1.00 0.00 ? 5  ASP A HB3  1 
ATOM 83   N N    . PRO A 1 12 ? -2.603  11.528  -1.804  1.00 0.00 ? 6  PRO A N    1 
ATOM 84   C CA   . PRO A 1 12 ? -1.334  11.338  -2.520  1.00 0.00 ? 6  PRO A CA   1 
ATOM 85   C C    . PRO A 1 12 ? -1.064  9.883   -2.882  1.00 0.00 ? 6  PRO A C    1 
ATOM 86   O O    . PRO A 1 12 ? -0.308  9.574   -3.806  1.00 0.00 ? 6  PRO A O    1 
ATOM 87   C CB   . PRO A 1 12 ? -0.240  11.800  -1.559  1.00 0.00 ? 6  PRO A CB   1 
ATOM 88   C CG   . PRO A 1 12 ? -0.970  12.761  -0.637  1.00 0.00 ? 6  PRO A CG   1 
ATOM 89   C CD   . PRO A 1 12 ? -2.313  12.057  -0.487  1.00 0.00 ? 6  PRO A CD   1 
ATOM 90   H HA   . PRO A 1 12 ? -1.289  11.966  -3.402  1.00 0.00 ? 6  PRO A HA   1 
ATOM 91   H HB2  . PRO A 1 12 ? 0.115   10.948  -0.977  1.00 0.00 ? 6  PRO A HB2  1 
ATOM 92   H HB3  . PRO A 1 12 ? 0.585   12.279  -2.085  1.00 0.00 ? 6  PRO A HB3  1 
ATOM 93   H HG2  . PRO A 1 12 ? -0.457  12.884  0.312   1.00 0.00 ? 6  PRO A HG2  1 
ATOM 94   H HG3  . PRO A 1 12 ? -1.106  13.724  -1.130  1.00 0.00 ? 6  PRO A HG3  1 
ATOM 95   H HD2  . PRO A 1 12 ? -2.227  11.206  0.203   1.00 0.00 ? 6  PRO A HD2  1 
ATOM 96   H HD3  . PRO A 1 12 ? -3.068  12.766  -0.164  1.00 0.00 ? 6  PRO A HD3  1 
ATOM 97   N N    . CYS A 1 13 ? -1.664  8.990   -2.097  1.00 0.00 ? 7  CYS A N    1 
ATOM 98   C CA   . CYS A 1 13 ? -1.372  7.592   -2.102  1.00 0.00 ? 7  CYS A CA   1 
ATOM 99   C C    . CYS A 1 13 ? -2.407  6.780   -2.848  1.00 0.00 ? 7  CYS A C    1 
ATOM 100  O O    . CYS A 1 13 ? -2.118  5.649   -3.235  1.00 0.00 ? 7  CYS A O    1 
ATOM 101  C CB   . CYS A 1 13 ? -1.173  7.173   -0.648  1.00 0.00 ? 7  CYS A CB   1 
ATOM 102  S SG   . CYS A 1 13 ? 0.275   7.941   0.137   1.00 0.00 ? 7  CYS A SG   1 
ATOM 103  H H    . CYS A 1 13 ? -2.274  9.298   -1.360  1.00 0.00 ? 7  CYS A H    1 
ATOM 104  N N    . GLN A 1 14 ? -3.567  7.373   -3.137  1.00 0.00 ? 8  GLN A N    1 
ATOM 105  C CA   . GLN A 1 14 ? -4.618  6.765   -3.914  1.00 0.00 ? 8  GLN A CA   1 
ATOM 106  C C    . GLN A 1 14 ? -4.100  6.289   -5.272  1.00 0.00 ? 8  GLN A C    1 
ATOM 107  O O    . GLN A 1 14 ? -4.508  5.243   -5.778  1.00 0.00 ? 8  GLN A O    1 
ATOM 108  C CB   . GLN A 1 14 ? -5.731  7.813   -4.022  1.00 0.00 ? 8  GLN A CB   1 
ATOM 109  C CG   . GLN A 1 14 ? -6.822  7.378   -4.980  1.00 0.00 ? 8  GLN A CG   1 
ATOM 110  C CD   . GLN A 1 14 ? -6.642  7.852   -6.422  1.00 0.00 ? 8  GLN A CD   1 
ATOM 111  O OE1  . GLN A 1 14 ? -6.886  9.004   -6.748  1.00 0.00 ? 8  GLN A OE1  1 
ATOM 112  N NE2  . GLN A 1 14 ? -6.220  6.958   -7.305  1.00 0.00 ? 8  GLN A NE2  1 
ATOM 113  H H    . GLN A 1 14 ? -3.724  8.338   -2.865  1.00 0.00 ? 8  GLN A H    1 
ATOM 114  H HA   . GLN A 1 14 ? -4.996  5.900   -3.379  1.00 0.00 ? 8  GLN A HA   1 
ATOM 115  H HB2  . GLN A 1 14 ? -6.180  7.906   -3.035  1.00 0.00 ? 8  GLN A HB2  1 
ATOM 116  H HB3  . GLN A 1 14 ? -5.343  8.789   -4.317  1.00 0.00 ? 8  GLN A HB3  1 
ATOM 117  H HG2  . GLN A 1 14 ? -6.825  6.297   -4.951  1.00 0.00 ? 8  GLN A HG2  1 
ATOM 118  H HG3  . GLN A 1 14 ? -7.756  7.773   -4.601  1.00 0.00 ? 8  GLN A HG3  1 
ATOM 119  H HE21 . GLN A 1 14 ? -5.926  6.040   -6.975  1.00 0.00 ? 8  GLN A HE21 1 
ATOM 120  H HE22 . GLN A 1 14 ? -6.131  7.246   -8.266  1.00 0.00 ? 8  GLN A HE22 1 
ATOM 121  N N    . LYS A 1 15 ? -3.203  7.073   -5.859  1.00 0.00 ? 9  LYS A N    1 
ATOM 122  C CA   . LYS A 1 15 ? -2.537  6.755   -7.110  1.00 0.00 ? 9  LYS A CA   1 
ATOM 123  C C    . LYS A 1 15 ? -1.741  5.462   -6.963  1.00 0.00 ? 9  LYS A C    1 
ATOM 124  O O    . LYS A 1 15 ? -1.860  4.560   -7.788  1.00 0.00 ? 9  LYS A O    1 
ATOM 125  C CB   . LYS A 1 15 ? -1.618  7.912   -7.501  1.00 0.00 ? 9  LYS A CB   1 
ATOM 126  C CG   . LYS A 1 15 ? -1.132  7.768   -8.950  1.00 0.00 ? 9  LYS A CG   1 
ATOM 127  C CD   . LYS A 1 15 ? 0.124   8.601   -9.212  1.00 0.00 ? 9  LYS A CD   1 
ATOM 128  C CE   . LYS A 1 15 ? -0.164  10.103  -9.178  1.00 0.00 ? 9  LYS A CE   1 
ATOM 129  N NZ   . LYS A 1 15 ? 1.035   10.882  -9.538  1.00 0.00 ? 9  LYS A NZ   1 
ATOM 130  H H    . LYS A 1 15 ? -2.989  7.913   -5.353  1.00 0.00 ? 9  LYS A H    1 
ATOM 131  H HA   . LYS A 1 15 ? -3.299  6.625   -7.873  1.00 0.00 ? 9  LYS A HA   1 
ATOM 132  H HB2  . LYS A 1 15 ? -2.148  8.852   -7.378  1.00 0.00 ? 9  LYS A HB2  1 
ATOM 133  H HB3  . LYS A 1 15 ? -0.767  7.929   -6.825  1.00 0.00 ? 9  LYS A HB3  1 
ATOM 134  H HG2  . LYS A 1 15 ? -0.877  6.727   -9.152  1.00 0.00 ? 9  LYS A HG2  1 
ATOM 135  H HG3  . LYS A 1 15 ? -1.926  8.061   -9.637  1.00 0.00 ? 9  LYS A HG3  1 
ATOM 136  H HD2  . LYS A 1 15 ? 0.869   8.351   -8.455  1.00 0.00 ? 9  LYS A HD2  1 
ATOM 137  H HD3  . LYS A 1 15 ? 0.514   8.330   -10.193 1.00 0.00 ? 9  LYS A HD3  1 
ATOM 138  H HE2  . LYS A 1 15 ? -0.960  10.328  -9.888  1.00 0.00 ? 9  LYS A HE2  1 
ATOM 139  H HE3  . LYS A 1 15 ? -0.492  10.384  -8.177  1.00 0.00 ? 9  LYS A HE3  1 
ATOM 140  H HZ1  . LYS A 1 15 ? 1.783   10.676  -8.891  1.00 0.00 ? 9  LYS A HZ1  1 
ATOM 141  H HZ2  . LYS A 1 15 ? 1.330   10.636  -10.473 1.00 0.00 ? 9  LYS A HZ2  1 
ATOM 142  H HZ3  . LYS A 1 15 ? 0.825   11.869  -9.502  1.00 0.00 ? 9  LYS A HZ3  1 
ATOM 143  N N    . GLN A 1 16 ? -0.944  5.364   -5.898  1.00 0.00 ? 10 GLN A N    1 
ATOM 144  C CA   . GLN A 1 16 ? -0.081  4.221   -5.684  1.00 0.00 ? 10 GLN A CA   1 
ATOM 145  C C    . GLN A 1 16 ? -0.951  2.990   -5.401  1.00 0.00 ? 10 GLN A C    1 
ATOM 146  O O    . GLN A 1 16 ? -0.746  1.959   -6.023  1.00 0.00 ? 10 GLN A O    1 
ATOM 147  C CB   . GLN A 1 16 ? 0.992   4.462   -4.610  1.00 0.00 ? 10 GLN A CB   1 
ATOM 148  C CG   . GLN A 1 16 ? 1.475   5.901   -4.361  1.00 0.00 ? 10 GLN A CG   1 
ATOM 149  C CD   . GLN A 1 16 ? 1.683   6.796   -5.586  1.00 0.00 ? 10 GLN A CD   1 
ATOM 150  O OE1  . GLN A 1 16 ? 2.003   6.345   -6.677  1.00 0.00 ? 10 GLN A OE1  1 
ATOM 151  N NE2  . GLN A 1 16 ? 1.446   8.095   -5.449  1.00 0.00 ? 10 GLN A NE2  1 
ATOM 152  H H    . GLN A 1 16 ? -0.933  6.118   -5.234  1.00 0.00 ? 10 GLN A H    1 
ATOM 153  H HA   . GLN A 1 16 ? 0.448   4.064   -6.622  1.00 0.00 ? 10 GLN A HA   1 
ATOM 154  H HB2  . GLN A 1 16 ? 0.622   4.085   -3.666  1.00 0.00 ? 10 GLN A HB2  1 
ATOM 155  H HB3  . GLN A 1 16 ? 1.856   3.855   -4.867  1.00 0.00 ? 10 GLN A HB3  1 
ATOM 156  H HG2  . GLN A 1 16 ? 0.741   6.365   -3.725  1.00 0.00 ? 10 GLN A HG2  1 
ATOM 157  H HG3  . GLN A 1 16 ? 2.407   5.857   -3.799  1.00 0.00 ? 10 GLN A HG3  1 
ATOM 158  H HE21 . GLN A 1 16 ? 1.034   8.529   -4.618  1.00 0.00 ? 10 GLN A HE21 1 
ATOM 159  H HE22 . GLN A 1 16 ? 1.627   8.657   -6.262  1.00 0.00 ? 10 GLN A HE22 1 
ATOM 160  N N    . ALA A 1 17 ? -1.983  3.105   -4.556  1.00 0.00 ? 11 ALA A N    1 
ATOM 161  C CA   . ALA A 1 17 ? -3.019  2.085   -4.366  1.00 0.00 ? 11 ALA A CA   1 
ATOM 162  C C    . ALA A 1 17 ? -3.645  1.631   -5.684  1.00 0.00 ? 11 ALA A C    1 
ATOM 163  O O    . ALA A 1 17 ? -3.921  0.444   -5.853  1.00 0.00 ? 11 ALA A O    1 
ATOM 164  C CB   . ALA A 1 17 ? -4.100  2.616   -3.427  1.00 0.00 ? 11 ALA A CB   1 
ATOM 165  H H    . ALA A 1 17 ? -2.033  3.951   -4.001  1.00 0.00 ? 11 ALA A H    1 
ATOM 166  H HA   . ALA A 1 17 ? -2.577  1.207   -3.907  1.00 0.00 ? 11 ALA A HA   1 
ATOM 167  H HB1  . ALA A 1 17 ? -3.658  2.893   -2.475  1.00 0.00 ? 11 ALA A HB1  1 
ATOM 168  H HB2  . ALA A 1 17 ? -4.581  3.487   -3.868  1.00 0.00 ? 11 ALA A HB2  1 
ATOM 169  H HB3  . ALA A 1 17 ? -4.852  1.845   -3.252  1.00 0.00 ? 11 ALA A HB3  1 
ATOM 170  N N    . CYS A 1 18 ? -3.831  2.557   -6.627  1.00 0.00 ? 12 CYS A N    1 
ATOM 171  C CA   . CYS A 1 18 ? -4.252  2.206   -7.971  1.00 0.00 ? 12 CYS A CA   1 
ATOM 172  C C    . CYS A 1 18 ? -3.175  1.342   -8.627  1.00 0.00 ? 12 CYS A C    1 
ATOM 173  O O    . CYS A 1 18 ? -3.479  0.281   -9.159  1.00 0.00 ? 12 CYS A O    1 
ATOM 174  C CB   . CYS A 1 18 ? -4.569  3.450   -8.791  1.00 0.00 ? 12 CYS A CB   1 
ATOM 175  S SG   . CYS A 1 18 ? -5.769  3.053   -10.091 1.00 0.00 ? 12 CYS A SG   1 
ATOM 176  H H    . CYS A 1 18 ? -3.581  3.514   -6.413  1.00 0.00 ? 12 CYS A H    1 
ATOM 177  H HA   . CYS A 1 18 ? -5.164  1.643   -7.895  1.00 0.00 ? 12 CYS A HA   1 
ATOM 178  H HB2  . CYS A 1 18 ? -4.971  4.230   -8.149  1.00 0.00 ? 12 CYS A HB2  1 
ATOM 179  H HB3  . CYS A 1 18 ? -3.653  3.787   -9.250  1.00 0.00 ? 12 CYS A HB3  1 
ATOM 180  N N    . GLU A 1 19 ? -1.911  1.771   -8.556  1.00 0.00 ? 13 GLU A N    1 
ATOM 181  C CA   . GLU A 1 19 ? -0.759  1.090   -9.127  1.00 0.00 ? 13 GLU A CA   1 
ATOM 182  C C    . GLU A 1 19 ? -0.554  -0.305  -8.557  1.00 0.00 ? 13 GLU A C    1 
ATOM 183  O O    . GLU A 1 19 ? -0.038  -1.139  -9.290  1.00 0.00 ? 13 GLU A O    1 
ATOM 184  C CB   . GLU A 1 19 ? 0.537   1.907   -8.958  1.00 0.00 ? 13 GLU A CB   1 
ATOM 185  C CG   . GLU A 1 19 ? 0.619   3.002   -10.005 1.00 0.00 ? 13 GLU A CG   1 
ATOM 186  C CD   . GLU A 1 19 ? 1.725   4.022   -9.729  1.00 0.00 ? 13 GLU A CD   1 
ATOM 187  O OE1  . GLU A 1 19 ? 2.898   3.588   -9.674  1.00 0.00 ? 13 GLU A OE1  1 
ATOM 188  O OE2  . GLU A 1 19 ? 1.381   5.220   -9.636  1.00 0.00 ? 13 GLU A OE2  1 
ATOM 189  H H    . GLU A 1 19 ? -1.732  2.606   -8.009  1.00 0.00 ? 13 GLU A H    1 
ATOM 190  H HA   . GLU A 1 19 ? -0.973  0.965   -10.192 1.00 0.00 ? 13 GLU A HA   1 
ATOM 191  H HB2  . GLU A 1 19 ? 0.609   2.338   -7.967  1.00 0.00 ? 13 GLU A HB2  1 
ATOM 192  H HB3  . GLU A 1 19 ? 1.397   1.257   -9.105  1.00 0.00 ? 13 GLU A HB3  1 
ATOM 193  H HG2  . GLU A 1 19 ? 0.839   2.493   -10.942 1.00 0.00 ? 13 GLU A HG2  1 
ATOM 194  H HG3  . GLU A 1 19 ? -0.344  3.508   -10.053 1.00 0.00 ? 13 GLU A HG3  1 
ATOM 195  N N    . ILE A 1 20 ? -0.964  -0.611  -7.319  1.00 0.00 ? 14 ILE A N    1 
ATOM 196  C CA   . ILE A 1 20 ? -1.014  -1.983  -6.852  1.00 0.00 ? 14 ILE A CA   1 
ATOM 197  C C    . ILE A 1 20 ? -1.904  -2.780  -7.798  1.00 0.00 ? 14 ILE A C    1 
ATOM 198  O O    . ILE A 1 20 ? -1.465  -3.791  -8.351  1.00 0.00 ? 14 ILE A O    1 
ATOM 199  C CB   . ILE A 1 20 ? -1.494  -2.026  -5.389  1.00 0.00 ? 14 ILE A CB   1 
ATOM 200  C CG1  . ILE A 1 20 ? -0.390  -1.674  -4.386  1.00 0.00 ? 14 ILE A CG1  1 
ATOM 201  C CG2  . ILE A 1 20 ? -2.036  -3.413  -4.991  1.00 0.00 ? 14 ILE A CG2  1 
ATOM 202  C CD1  . ILE A 1 20 ? 0.145   -0.262  -4.359  1.00 0.00 ? 14 ILE A CD1  1 
ATOM 203  H H    . ILE A 1 20 ? -1.237  0.108   -6.653  1.00 0.00 ? 14 ILE A H    1 
ATOM 204  H HA   . ILE A 1 20 ? -0.025  -2.411  -6.929  1.00 0.00 ? 14 ILE A HA   1 
ATOM 205  H HB   . ILE A 1 20 ? -2.291  -1.305  -5.263  1.00 0.00 ? 14 ILE A HB   1 
ATOM 206  H HG12 . ILE A 1 20 ? -0.827  -1.789  -3.413  1.00 0.00 ? 14 ILE A HG12 1 
ATOM 207  H HG13 . ILE A 1 20 ? 0.442   -2.349  -4.510  1.00 0.00 ? 14 ILE A HG13 1 
ATOM 208  H HG21 . ILE A 1 20 ? -1.292  -4.180  -5.205  1.00 0.00 ? 14 ILE A HG21 1 
ATOM 209  H HG22 . ILE A 1 20 ? -2.281  -3.435  -3.929  1.00 0.00 ? 14 ILE A HG22 1 
ATOM 210  H HG23 . ILE A 1 20 ? -2.950  -3.632  -5.540  1.00 0.00 ? 14 ILE A HG23 1 
ATOM 211  H HD11 . ILE A 1 20 ? -0.683  0.407   -4.183  1.00 0.00 ? 14 ILE A HD11 1 
ATOM 212  H HD12 . ILE A 1 20 ? 0.837   -0.158  -3.531  1.00 0.00 ? 14 ILE A HD12 1 
ATOM 213  H HD13 . ILE A 1 20 ? 0.652   -0.025  -5.286  1.00 0.00 ? 14 ILE A HD13 1 
ATOM 214  N N    . GLN A 1 21 ? -3.136  -2.309  -8.012  1.00 0.00 ? 15 GLN A N    1 
ATOM 215  C CA   . GLN A 1 21 ? -4.069  -2.963  -8.901  1.00 0.00 ? 15 GLN A CA   1 
ATOM 216  C C    . GLN A 1 21 ? -3.509  -3.001  -10.321 1.00 0.00 ? 15 GLN A C    1 
ATOM 217  O O    . GLN A 1 21 ? -3.538  -4.069  -10.924 1.00 0.00 ? 15 GLN A O    1 
ATOM 218  C CB   . GLN A 1 21 ? -5.464  -2.323  -8.838  1.00 0.00 ? 15 GLN A CB   1 
ATOM 219  C CG   . GLN A 1 21 ? -6.021  -2.303  -7.407  1.00 0.00 ? 15 GLN A CG   1 
ATOM 220  C CD   . GLN A 1 21 ? -7.512  -1.984  -7.400  1.00 0.00 ? 15 GLN A CD   1 
ATOM 221  O OE1  . GLN A 1 21 ? -7.916  -0.829  -7.417  1.00 0.00 ? 15 GLN A OE1  1 
ATOM 222  N NE2  . GLN A 1 21 ? -8.357  -3.006  -7.385  1.00 0.00 ? 15 GLN A NE2  1 
ATOM 223  H H    . GLN A 1 21 ? -3.404  -1.417  -7.617  1.00 0.00 ? 15 GLN A H    1 
ATOM 224  H HA   . GLN A 1 21 ? -4.165  -3.987  -8.554  1.00 0.00 ? 15 GLN A HA   1 
ATOM 225  H HB2  . GLN A 1 21 ? -5.444  -1.308  -9.234  1.00 0.00 ? 15 GLN A HB2  1 
ATOM 226  H HB3  . GLN A 1 21 ? -6.130  -2.915  -9.465  1.00 0.00 ? 15 GLN A HB3  1 
ATOM 227  H HG2  . GLN A 1 21 ? -5.858  -3.273  -6.936  1.00 0.00 ? 15 GLN A HG2  1 
ATOM 228  H HG3  . GLN A 1 21 ? -5.497  -1.547  -6.820  1.00 0.00 ? 15 GLN A HG3  1 
ATOM 229  H HE21 . GLN A 1 21 ? -8.028  -3.959  -7.372  1.00 0.00 ? 15 GLN A HE21 1 
ATOM 230  H HE22 . GLN A 1 21 ? -9.340  -2.784  -7.382  1.00 0.00 ? 15 GLN A HE22 1 
ATOM 231  N N    . LYS A 1 22 ? -2.962  -1.898  -10.851 1.00 0.00 ? 16 LYS A N    1 
ATOM 232  C CA   . LYS A 1 22 ? -2.447  -1.851  -12.221 1.00 0.00 ? 16 LYS A CA   1 
ATOM 233  C C    . LYS A 1 22 ? -1.252  -2.772  -12.408 1.00 0.00 ? 16 LYS A C    1 
ATOM 234  O O    . LYS A 1 22 ? -1.197  -3.496  -13.403 1.00 0.00 ? 16 LYS A O    1 
ATOM 235  C CB   . LYS A 1 22 ? -1.989  -0.433  -12.637 1.00 0.00 ? 16 LYS A CB   1 
ATOM 236  C CG   . LYS A 1 22 ? -2.934  0.750   -12.378 1.00 0.00 ? 16 LYS A CG   1 
ATOM 237  C CD   . LYS A 1 22 ? -4.385  0.491   -12.773 1.00 0.00 ? 16 LYS A CD   1 
ATOM 238  C CE   . LYS A 1 22 ? -4.405  0.291   -14.281 1.00 0.00 ? 16 LYS A CE   1 
ATOM 239  N NZ   . LYS A 1 22 ? -5.771  0.106   -14.798 1.00 0.00 ? 16 LYS A NZ   1 
ATOM 240  H H    . LYS A 1 22 ? -2.999  -1.045  -10.299 1.00 0.00 ? 16 LYS A H    1 
ATOM 241  H HA   . LYS A 1 22 ? -3.242  -2.243  -12.868 1.00 0.00 ? 16 LYS A HA   1 
ATOM 242  H HB2  . LYS A 1 22 ? -1.049  -0.205  -12.134 1.00 0.00 ? 16 LYS A HB2  1 
ATOM 243  H HB3  . LYS A 1 22 ? -1.765  -0.462  -13.705 1.00 0.00 ? 16 LYS A HB3  1 
ATOM 244  H HG2  . LYS A 1 22 ? -2.900  1.023   -11.335 1.00 0.00 ? 16 LYS A HG2  1 
ATOM 245  H HG3  . LYS A 1 22 ? -2.564  1.616   -12.932 1.00 0.00 ? 16 LYS A HG3  1 
ATOM 246  H HD2  . LYS A 1 22 ? -4.761  -0.393  -12.256 1.00 0.00 ? 16 LYS A HD2  1 
ATOM 247  H HD3  . LYS A 1 22 ? -4.991  1.356   -12.503 1.00 0.00 ? 16 LYS A HD3  1 
ATOM 248  H HE2  . LYS A 1 22 ? -3.942  1.168   -14.732 1.00 0.00 ? 16 LYS A HE2  1 
ATOM 249  H HE3  . LYS A 1 22 ? -3.790  -0.579  -14.508 1.00 0.00 ? 16 LYS A HE3  1 
ATOM 250  H HZ1  . LYS A 1 22 ? -6.331  0.917   -14.575 1.00 0.00 ? 16 LYS A HZ1  1 
ATOM 251  H HZ2  . LYS A 1 22 ? -5.741  -0.010  -15.802 1.00 0.00 ? 16 LYS A HZ2  1 
ATOM 252  H HZ3  . LYS A 1 22 ? -6.188  -0.714  -14.380 1.00 0.00 ? 16 LYS A HZ3  1 
ATOM 253  N N    . CYS A 1 23 ? -0.322  -2.765  -11.446 1.00 0.00 ? 17 CYS A N    1 
ATOM 254  C CA   . CYS A 1 23 ? 0.796   -3.688  -11.422 1.00 0.00 ? 17 CYS A CA   1 
ATOM 255  C C    . CYS A 1 23 ? 0.244   -5.093  -11.503 1.00 0.00 ? 17 CYS A C    1 
ATOM 256  O O    . CYS A 1 23 ? 0.779   -5.912  -12.242 1.00 0.00 ? 17 CYS A O    1 
ATOM 257  C CB   . CYS A 1 23 ? 1.606   -3.531  -10.134 1.00 0.00 ? 17 CYS A CB   1 
ATOM 258  S SG   . CYS A 1 23 ? 2.841   -4.829  -9.845  1.00 0.00 ? 17 CYS A SG   1 
ATOM 259  H H    . CYS A 1 23 ? -0.443  -2.172  -10.625 1.00 0.00 ? 17 CYS A H    1 
ATOM 260  N N    . LEU A 1 24 ? -0.829  -5.364  -10.757 1.00 0.00 ? 18 LEU A N    1 
ATOM 261  C CA   . LEU A 1 24 ? -1.441  -6.666  -10.750 1.00 0.00 ? 18 LEU A CA   1 
ATOM 262  C C    . LEU A 1 24 ? -1.834  -7.051  -12.170 1.00 0.00 ? 18 LEU A C    1 
ATOM 263  O O    . LEU A 1 24 ? -1.516  -8.154  -12.585 1.00 0.00 ? 18 LEU A O    1 
ATOM 264  C CB   . LEU A 1 24 ? -2.615  -6.706  -9.751  1.00 0.00 ? 18 LEU A CB   1 
ATOM 265  C CG   . LEU A 1 24 ? -2.315  -7.685  -8.614  1.00 0.00 ? 18 LEU A CG   1 
ATOM 266  C CD1  . LEU A 1 24 ? -1.609  -6.949  -7.472  1.00 0.00 ? 18 LEU A CD1  1 
ATOM 267  C CD2  . LEU A 1 24 ? -3.601  -8.303  -8.049  1.00 0.00 ? 18 LEU A CD2  1 
ATOM 268  H H    . LEU A 1 24 ? -1.223  -4.649  -10.152 1.00 0.00 ? 18 LEU A H    1 
ATOM 269  H HA   . LEU A 1 24 ? -0.664  -7.366  -10.444 1.00 0.00 ? 18 LEU A HA   1 
ATOM 270  H HB2  . LEU A 1 24 ? -2.800  -5.729  -9.318  1.00 0.00 ? 18 LEU A HB2  1 
ATOM 271  H HB3  . LEU A 1 24 ? -3.529  -6.989  -10.262 1.00 0.00 ? 18 LEU A HB3  1 
ATOM 272  H HG   . LEU A 1 24 ? -1.657  -8.461  -9.027  1.00 0.00 ? 18 LEU A HG   1 
ATOM 273  H HD11 . LEU A 1 24 ? -0.721  -6.453  -7.849  1.00 0.00 ? 18 LEU A HD11 1 
ATOM 274  H HD12 . LEU A 1 24 ? -2.264  -6.189  -7.045  1.00 0.00 ? 18 LEU A HD12 1 
ATOM 275  H HD13 . LEU A 1 24 ? -1.337  -7.651  -6.692  1.00 0.00 ? 18 LEU A HD13 1 
ATOM 276  H HD21 . LEU A 1 24 ? -4.198  -8.745  -8.845  1.00 0.00 ? 18 LEU A HD21 1 
ATOM 277  H HD22 . LEU A 1 24 ? -3.350  -9.084  -7.330  1.00 0.00 ? 18 LEU A HD22 1 
ATOM 278  H HD23 . LEU A 1 24 ? -4.203  -7.541  -7.554  1.00 0.00 ? 18 LEU A HD23 1 
ATOM 279  N N    . GLN A 1 25 ? -2.482  -6.171  -12.933 1.00 0.00 ? 19 GLN A N    1 
ATOM 280  C CA   . GLN A 1 25 ? -2.880  -6.452  -14.316 1.00 0.00 ? 19 GLN A CA   1 
ATOM 281  C C    . GLN A 1 25 ? -1.653  -6.678  -15.196 1.00 0.00 ? 19 GLN A C    1 
ATOM 282  O O    . GLN A 1 25 ? -1.629  -7.640  -15.961 1.00 0.00 ? 19 GLN A O    1 
ATOM 283  C CB   . GLN A 1 25 ? -3.855  -5.402  -14.907 1.00 0.00 ? 19 GLN A CB   1 
ATOM 284  C CG   . GLN A 1 25 ? -4.681  -4.561  -13.911 1.00 0.00 ? 19 GLN A CG   1 
ATOM 285  C CD   . GLN A 1 25 ? -5.858  -5.211  -13.190 1.00 0.00 ? 19 GLN A CD   1 
ATOM 286  O OE1  . GLN A 1 25 ? -6.826  -5.643  -13.812 1.00 0.00 ? 19 GLN A OE1  1 
ATOM 287  N NE2  . GLN A 1 25 ? -5.737  -5.395  -11.872 1.00 0.00 ? 19 GLN A NE2  1 
ATOM 288  H H    . GLN A 1 25 ? -2.650  -5.256  -12.540 1.00 0.00 ? 19 GLN A H    1 
ATOM 289  H HA   . GLN A 1 25 ? -3.382  -7.408  -14.310 1.00 0.00 ? 19 GLN A HA   1 
ATOM 290  H HB2  . GLN A 1 25 ? -3.256  -4.692  -15.479 1.00 0.00 ? 19 GLN A HB2  1 
ATOM 291  H HB3  . GLN A 1 25 ? -4.527  -5.894  -15.612 1.00 0.00 ? 19 GLN A HB3  1 
ATOM 292  H HG2  . GLN A 1 25 ? -3.989  -4.282  -13.151 1.00 0.00 ? 19 GLN A HG2  1 
ATOM 293  H HG3  . GLN A 1 25 ? -5.046  -3.673  -14.416 1.00 0.00 ? 19 GLN A HG3  1 
ATOM 294  H HE21 . GLN A 1 25 ? -4.869  -5.119  -11.391 1.00 0.00 ? 19 GLN A HE21 1 
ATOM 295  H HE22 . GLN A 1 25 ? -6.437  -5.926  -11.382 1.00 0.00 ? 19 GLN A HE22 1 
ATOM 296  N N    . ALA A 1 26 ? -0.601  -5.874  -15.011 1.00 0.00 ? 20 ALA A N    1 
ATOM 297  C CA   . ALA A 1 26 ? 0.692   -6.072  -15.653 1.00 0.00 ? 20 ALA A CA   1 
ATOM 298  C C    . ALA A 1 26 ? 1.386   -7.388  -15.243 1.00 0.00 ? 20 ALA A C    1 
ATOM 299  O O    . ALA A 1 26 ? 2.365   -7.769  -15.880 1.00 0.00 ? 20 ALA A O    1 
ATOM 300  C CB   . ALA A 1 26 ? 1.582   -4.856  -15.359 1.00 0.00 ? 20 ALA A CB   1 
ATOM 301  H H    . ALA A 1 26 ? -0.690  -5.102  -14.359 1.00 0.00 ? 20 ALA A H    1 
ATOM 302  H HA   . ALA A 1 26 ? 0.517   -6.108  -16.725 1.00 0.00 ? 20 ALA A HA   1 
ATOM 303  H HB1  . ALA A 1 26 ? 1.082   -3.942  -15.682 1.00 0.00 ? 20 ALA A HB1  1 
ATOM 304  H HB2  . ALA A 1 26 ? 1.793   -4.785  -14.293 1.00 0.00 ? 20 ALA A HB2  1 
ATOM 305  H HB3  . ALA A 1 26 ? 2.523   -4.957  -15.900 1.00 0.00 ? 20 ALA A HB3  1 
ATOM 306  N N    . ASN A 1 27 ? 0.897   -8.089  -14.210 1.00 0.00 ? 21 ASN A N    1 
ATOM 307  C CA   . ASN A 1 27 ? 1.469   -9.308  -13.648 1.00 0.00 ? 21 ASN A CA   1 
ATOM 308  C C    . ASN A 1 27 ? 0.420   -10.428 -13.568 1.00 0.00 ? 21 ASN A C    1 
ATOM 309  O O    . ASN A 1 27 ? 0.669   -11.426 -12.899 1.00 0.00 ? 21 ASN A O    1 
ATOM 310  C CB   . ASN A 1 27 ? 2.117   -8.968  -12.299 1.00 0.00 ? 21 ASN A CB   1 
ATOM 311  C CG   . ASN A 1 27 ? 3.401   -8.162  -12.508 1.00 0.00 ? 21 ASN A CG   1 
ATOM 312  O OD1  . ASN A 1 27 ? 4.466   -8.712  -12.741 1.00 0.00 ? 21 ASN A OD1  1 
ATOM 313  N ND2  . ASN A 1 27 ? 3.332   -6.844  -12.452 1.00 0.00 ? 21 ASN A ND2  1 
ATOM 314  H H    . ASN A 1 27 ? 0.122   -7.714  -13.669 1.00 0.00 ? 21 ASN A H    1 
ATOM 315  H HA   . ASN A 1 27 ? 2.284   -9.685  -14.269 1.00 0.00 ? 21 ASN A HA   1 
ATOM 316  H HB2  . ASN A 1 27 ? 1.416   -8.429  -11.661 1.00 0.00 ? 21 ASN A HB2  1 
ATOM 317  H HB3  . ASN A 1 27 ? 2.380   -9.891  -11.793 1.00 0.00 ? 21 ASN A HB3  1 
ATOM 318  H HD21 . ASN A 1 27 ? 2.418   -6.405  -12.322 1.00 0.00 ? 21 ASN A HD21 1 
ATOM 319  H HD22 . ASN A 1 27 ? 4.170   -6.311  -12.613 1.00 0.00 ? 21 ASN A HD22 1 
ATOM 320  N N    . SER A 1 28 ? -0.751  -10.290 -14.215 1.00 0.00 ? 22 SER A N    1 
ATOM 321  C CA   . SER A 1 28 ? -1.849  -11.263 -14.212 1.00 0.00 ? 22 SER A CA   1 
ATOM 322  C C    . SER A 1 28 ? -2.218  -11.707 -12.798 1.00 0.00 ? 22 SER A C    1 
ATOM 323  O O    . SER A 1 28 ? -2.436  -12.881 -12.505 1.00 0.00 ? 22 SER A O    1 
ATOM 324  C CB   . SER A 1 28 ? -1.555  -12.458 -15.103 1.00 0.00 ? 22 SER A CB   1 
ATOM 325  O OG   . SER A 1 28 ? -1.137  -12.054 -16.394 1.00 0.00 ? 22 SER A OG   1 
ATOM 326  H H    . SER A 1 28 ? -0.999  -9.376  -14.580 1.00 0.00 ? 22 SER A H    1 
ATOM 327  H HA   . SER A 1 28 ? -2.722  -10.759 -14.629 1.00 0.00 ? 22 SER A HA   1 
ATOM 328  H HB2  . SER A 1 28 ? -0.784  -13.056 -14.617 1.00 0.00 ? 22 SER A HB2  1 
ATOM 329  H HB3  . SER A 1 28 ? -2.485  -13.027 -15.181 1.00 0.00 ? 22 SER A HB3  1 
ATOM 330  H HG   . SER A 1 28 ? -0.953  -12.837 -16.918 1.00 0.00 ? 22 SER A HG   1 
ATOM 331  N N    . TYR A 1 29 ? -2.271  -10.711 -11.923 1.00 0.00 ? 23 TYR A N    1 
ATOM 332  C CA   . TYR A 1 29 ? -2.785  -10.713 -10.576 1.00 0.00 ? 23 TYR A CA   1 
ATOM 333  C C    . TYR A 1 29 ? -1.886  -11.428 -9.573  1.00 0.00 ? 23 TYR A C    1 
ATOM 334  O O    . TYR A 1 29 ? -2.251  -11.629 -8.415  1.00 0.00 ? 23 TYR A O    1 
ATOM 335  C CB   . TYR A 1 29 ? -4.261  -11.109 -10.620 1.00 0.00 ? 23 TYR A CB   1 
ATOM 336  C CG   . TYR A 1 29 ? -5.059  -10.327 -11.658 1.00 0.00 ? 23 TYR A CG   1 
ATOM 337  C CD1  . TYR A 1 29 ? -4.683  -9.017  -12.010 1.00 0.00 ? 23 TYR A CD1  1 
ATOM 338  C CD2  . TYR A 1 29 ? -6.116  -10.935 -12.364 1.00 0.00 ? 23 TYR A CD2  1 
ATOM 339  C CE1  . TYR A 1 29 ? -5.375  -8.303  -12.965 1.00 0.00 ? 23 TYR A CE1  1 
ATOM 340  C CE2  . TYR A 1 29 ? -6.806  -10.219 -13.366 1.00 0.00 ? 23 TYR A CE2  1 
ATOM 341  C CZ   . TYR A 1 29 ? -6.474  -8.869  -13.636 1.00 0.00 ? 23 TYR A CZ   1 
ATOM 342  O OH   . TYR A 1 29 ? -7.185  -8.120  -14.526 1.00 0.00 ? 23 TYR A OH   1 
ATOM 343  H H    . TYR A 1 29 ? -2.091  -9.789  -12.291 1.00 0.00 ? 23 TYR A H    1 
ATOM 344  H HA   . TYR A 1 29 ? -2.752  -9.674  -10.286 1.00 0.00 ? 23 TYR A HA   1 
ATOM 345  H HB2  . TYR A 1 29 ? -4.308  -12.165 -10.866 1.00 0.00 ? 23 TYR A HB2  1 
ATOM 346  H HB3  . TYR A 1 29 ? -4.698  -10.950 -9.640  1.00 0.00 ? 23 TYR A HB3  1 
ATOM 347  H HD1  . TYR A 1 29 ? -3.824  -8.483  -11.659 1.00 0.00 ? 23 TYR A HD1  1 
ATOM 348  H HD2  . TYR A 1 29 ? -6.384  -11.960 -12.160 1.00 0.00 ? 23 TYR A HD2  1 
ATOM 349  H HE1  . TYR A 1 29 ? -4.957  -7.328  -13.128 1.00 0.00 ? 23 TYR A HE1  1 
ATOM 350  H HE2  . TYR A 1 29 ? -7.581  -10.711 -13.930 1.00 0.00 ? 23 TYR A HE2  1 
ATOM 351  H HH   . TYR A 1 29 ? -7.096  -7.157  -14.338 1.00 0.00 ? 23 TYR A HH   1 
ATOM 352  N N    . MET A 1 30 ? -0.658  -11.708 -10.008 1.00 0.00 ? 24 MET A N    1 
ATOM 353  C CA   . MET A 1 30 ? 0.433   -12.193 -9.202  1.00 0.00 ? 24 MET A CA   1 
ATOM 354  C C    . MET A 1 30 ? 0.944   -11.060 -8.311  1.00 0.00 ? 24 MET A C    1 
ATOM 355  O O    . MET A 1 30 ? 1.983   -10.449 -8.566  1.00 0.00 ? 24 MET A O    1 
ATOM 356  C CB   . MET A 1 30 ? 1.519   -12.818 -10.095 1.00 0.00 ? 24 MET A CB   1 
ATOM 357  C CG   . MET A 1 30 ? 0.920   -13.937 -10.959 1.00 0.00 ? 24 MET A CG   1 
ATOM 358  S SD   . MET A 1 30 ? 2.129   -14.984 -11.814 1.00 0.00 ? 24 MET A SD   1 
ATOM 359  C CE   . MET A 1 30 ? 2.485   -13.939 -13.253 1.00 0.00 ? 24 MET A CE   1 
ATOM 360  H H    . MET A 1 30 ? -0.458  -11.497 -10.973 1.00 0.00 ? 24 MET A H    1 
ATOM 361  H HA   . MET A 1 30 ? 0.027   -12.972 -8.566  1.00 0.00 ? 24 MET A HA   1 
ATOM 362  H HB2  . MET A 1 30 ? 1.966   -12.060 -10.737 1.00 0.00 ? 24 MET A HB2  1 
ATOM 363  H HB3  . MET A 1 30 ? 2.296   -13.239 -9.456  1.00 0.00 ? 24 MET A HB3  1 
ATOM 364  H HG2  . MET A 1 30 ? 0.304   -14.553 -10.313 1.00 0.00 ? 24 MET A HG2  1 
ATOM 365  H HG3  . MET A 1 30 ? 0.247   -13.515 -11.704 1.00 0.00 ? 24 MET A HG3  1 
ATOM 366  H HE1  . MET A 1 30 ? 2.856   -12.969 -12.927 1.00 0.00 ? 24 MET A HE1  1 
ATOM 367  H HE2  . MET A 1 30 ? 3.232   -14.424 -13.880 1.00 0.00 ? 24 MET A HE2  1 
ATOM 368  H HE3  . MET A 1 30 ? 1.571   -13.795 -13.831 1.00 0.00 ? 24 MET A HE3  1 
ATOM 369  N N    . GLU A 1 31 ? 0.205   -10.801 -7.228  1.00 0.00 ? 25 GLU A N    1 
ATOM 370  C CA   . GLU A 1 31 ? 0.525   -9.847  -6.180  1.00 0.00 ? 25 GLU A CA   1 
ATOM 371  C C    . GLU A 1 31 ? 1.910   -10.095 -5.562  1.00 0.00 ? 25 GLU A C    1 
ATOM 372  O O    . GLU A 1 31 ? 2.499   -9.176  -4.992  1.00 0.00 ? 25 GLU A O    1 
ATOM 373  C CB   . GLU A 1 31 ? -0.616  -9.914  -5.153  1.00 0.00 ? 25 GLU A CB   1 
ATOM 374  C CG   . GLU A 1 31 ? -0.509  -8.791  -4.121  1.00 0.00 ? 25 GLU A CG   1 
ATOM 375  C CD   . GLU A 1 31 ? -1.784  -8.570  -3.301  1.00 0.00 ? 25 GLU A CD   1 
ATOM 376  O OE1  . GLU A 1 31 ? -2.562  -9.537  -3.149  1.00 0.00 ? 25 GLU A OE1  1 
ATOM 377  O OE2  . GLU A 1 31 ? -1.949  -7.424  -2.829  1.00 0.00 ? 25 GLU A OE2  1 
ATOM 378  H H    . GLU A 1 31 ? -0.708  -11.238 -7.150  1.00 0.00 ? 25 GLU A H    1 
ATOM 379  H HA   . GLU A 1 31 ? 0.540   -8.856  -6.631  1.00 0.00 ? 25 GLU A HA   1 
ATOM 380  H HB2  . GLU A 1 31 ? -1.567  -9.813  -5.679  1.00 0.00 ? 25 GLU A HB2  1 
ATOM 381  H HB3  . GLU A 1 31 ? -0.603  -10.880 -4.644  1.00 0.00 ? 25 GLU A HB3  1 
ATOM 382  H HG2  . GLU A 1 31 ? 0.303   -9.033  -3.444  1.00 0.00 ? 25 GLU A HG2  1 
ATOM 383  H HG3  . GLU A 1 31 ? -0.265  -7.874  -4.654  1.00 0.00 ? 25 GLU A HG3  1 
ATOM 384  N N    . SER A 1 32 ? 2.460   -11.300 -5.741  1.00 0.00 ? 26 SER A N    1 
ATOM 385  C CA   . SER A 1 32 ? 3.832   -11.690 -5.459  1.00 0.00 ? 26 SER A CA   1 
ATOM 386  C C    . SER A 1 32 ? 4.836   -10.745 -6.130  1.00 0.00 ? 26 SER A C    1 
ATOM 387  O O    . SER A 1 32 ? 5.849   -10.396 -5.529  1.00 0.00 ? 26 SER A O    1 
ATOM 388  C CB   . SER A 1 32 ? 4.040   -13.115 -5.994  1.00 0.00 ? 26 SER A CB   1 
ATOM 389  O OG   . SER A 1 32 ? 2.899   -13.924 -5.757  1.00 0.00 ? 26 SER A OG   1 
ATOM 390  H H    . SER A 1 32 ? 1.901   -12.045 -6.140  1.00 0.00 ? 26 SER A H    1 
ATOM 391  H HA   . SER A 1 32 ? 3.988   -11.681 -4.382  1.00 0.00 ? 26 SER A HA   1 
ATOM 392  H HB2  . SER A 1 32 ? 4.208   -13.069 -7.071  1.00 0.00 ? 26 SER A HB2  1 
ATOM 393  H HB3  . SER A 1 32 ? 4.916   -13.554 -5.517  1.00 0.00 ? 26 SER A HB3  1 
ATOM 394  H HG   . SER A 1 32 ? 3.109   -14.833 -5.993  1.00 0.00 ? 26 SER A HG   1 
ATOM 395  N N    . LYS A 1 33 ? 4.556   -10.319 -7.369  1.00 0.00 ? 27 LYS A N    1 
ATOM 396  C CA   . LYS A 1 33 ? 5.391   -9.385  -8.112  1.00 0.00 ? 27 LYS A CA   1 
ATOM 397  C C    . LYS A 1 33 ? 5.142   -7.963  -7.605  1.00 0.00 ? 27 LYS A C    1 
ATOM 398  O O    . LYS A 1 33 ? 6.075   -7.195  -7.382  1.00 0.00 ? 27 LYS A O    1 
ATOM 399  C CB   . LYS A 1 33 ? 5.150   -9.529  -9.632  1.00 0.00 ? 27 LYS A CB   1 
ATOM 400  C CG   . LYS A 1 33 ? 5.181   -11.003 -10.095 1.00 0.00 ? 27 LYS A CG   1 
ATOM 401  C CD   . LYS A 1 33 ? 5.645   -11.251 -11.539 1.00 0.00 ? 27 LYS A CD   1 
ATOM 402  C CE   . LYS A 1 33 ? 6.212   -12.663 -11.725 1.00 0.00 ? 27 LYS A CE   1 
ATOM 403  N NZ   . LYS A 1 33 ? 5.262   -13.719 -11.324 1.00 0.00 ? 27 LYS A NZ   1 
ATOM 404  H H    . LYS A 1 33 ? 3.692   -10.597 -7.816  1.00 0.00 ? 27 LYS A H    1 
ATOM 405  H HA   . LYS A 1 33 ? 6.422   -9.643  -7.902  1.00 0.00 ? 27 LYS A HA   1 
ATOM 406  H HB2  . LYS A 1 33 ? 4.183   -9.097  -9.895  1.00 0.00 ? 27 LYS A HB2  1 
ATOM 407  H HB3  . LYS A 1 33 ? 5.927   -8.965  -10.148 1.00 0.00 ? 27 LYS A HB3  1 
ATOM 408  H HG2  . LYS A 1 33 ? 5.845   -11.559 -9.435  1.00 0.00 ? 27 LYS A HG2  1 
ATOM 409  H HG3  . LYS A 1 33 ? 4.170   -11.405 -10.016 1.00 0.00 ? 27 LYS A HG3  1 
ATOM 410  H HD2  . LYS A 1 33 ? 4.800   -11.122 -12.215 1.00 0.00 ? 27 LYS A HD2  1 
ATOM 411  H HD3  . LYS A 1 33 ? 6.423   -10.536 -11.805 1.00 0.00 ? 27 LYS A HD3  1 
ATOM 412  H HE2  . LYS A 1 33 ? 6.476   -12.800 -12.775 1.00 0.00 ? 27 LYS A HE2  1 
ATOM 413  H HE3  . LYS A 1 33 ? 7.119   -12.759 -11.126 1.00 0.00 ? 27 LYS A HE3  1 
ATOM 414  H HZ1  . LYS A 1 33 ? 4.416   -13.651 -11.873 1.00 0.00 ? 27 LYS A HZ1  1 
ATOM 415  H HZ2  . LYS A 1 33 ? 5.678   -14.627 -11.469 1.00 0.00 ? 27 LYS A HZ2  1 
ATOM 416  H HZ3  . LYS A 1 33 ? 5.027   -13.610 -10.349 1.00 0.00 ? 27 LYS A HZ3  1 
ATOM 417  N N    . CYS A 1 34 ? 3.871   -7.628  -7.357  1.00 0.00 ? 28 CYS A N    1 
ATOM 418  C CA   . CYS A 1 34 ? 3.423   -6.316  -6.921  1.00 0.00 ? 28 CYS A CA   1 
ATOM 419  C C    . CYS A 1 34 ? 3.765   -5.990  -5.463  1.00 0.00 ? 28 CYS A C    1 
ATOM 420  O O    . CYS A 1 34 ? 3.523   -4.865  -5.037  1.00 0.00 ? 28 CYS A O    1 
ATOM 421  C CB   . CYS A 1 34 ? 1.942   -6.251  -7.281  1.00 0.00 ? 28 CYS A CB   1 
ATOM 422  S SG   . CYS A 1 34 ? 1.776   -6.411  -9.080  1.00 0.00 ? 28 CYS A SG   1 
ATOM 423  H H    . CYS A 1 34 ? 3.121   -8.281  -7.561  1.00 0.00 ? 28 CYS A H    1 
ATOM 424  N N    . GLN A 1 35 ? 4.422   -6.887  -4.716  1.00 0.00 ? 29 GLN A N    1 
ATOM 425  C CA   . GLN A 1 35 ? 4.983   -6.550  -3.402  1.00 0.00 ? 29 GLN A CA   1 
ATOM 426  C C    . GLN A 1 35 ? 5.841   -5.274  -3.465  1.00 0.00 ? 29 GLN A C    1 
ATOM 427  O O    . GLN A 1 35 ? 5.793   -4.465  -2.540  1.00 0.00 ? 29 GLN A O    1 
ATOM 428  C CB   . GLN A 1 35 ? 5.824   -7.712  -2.841  1.00 0.00 ? 29 GLN A CB   1 
ATOM 429  C CG   . GLN A 1 35 ? 5.033   -9.002  -2.582  1.00 0.00 ? 29 GLN A CG   1 
ATOM 430  C CD   . GLN A 1 35 ? 3.834   -8.775  -1.668  1.00 0.00 ? 29 GLN A CD   1 
ATOM 431  O OE1  . GLN A 1 35 ? 3.972   -8.615  -0.463  1.00 0.00 ? 29 GLN A OE1  1 
ATOM 432  N NE2  . GLN A 1 35 ? 2.637   -8.734  -2.235  1.00 0.00 ? 29 GLN A NE2  1 
ATOM 433  H H    . GLN A 1 35 ? 4.523   -7.819  -5.097  1.00 0.00 ? 29 GLN A H    1 
ATOM 434  H HA   . GLN A 1 35 ? 4.158   -6.345  -2.716  1.00 0.00 ? 29 GLN A HA   1 
ATOM 435  H HB2  . GLN A 1 35 ? 6.637   -7.933  -3.534  1.00 0.00 ? 29 GLN A HB2  1 
ATOM 436  H HB3  . GLN A 1 35 ? 6.266   -7.391  -1.896  1.00 0.00 ? 29 GLN A HB3  1 
ATOM 437  H HG2  . GLN A 1 35 ? 4.694   -9.413  -3.528  1.00 0.00 ? 29 GLN A HG2  1 
ATOM 438  H HG3  . GLN A 1 35 ? 5.697   -9.732  -2.120  1.00 0.00 ? 29 GLN A HG3  1 
ATOM 439  H HE21 . GLN A 1 35 ? 2.547   -8.863  -3.249  1.00 0.00 ? 29 GLN A HE21 1 
ATOM 440  H HE22 . GLN A 1 35 ? 1.841   -8.589  -1.639  1.00 0.00 ? 29 GLN A HE22 1 
ATOM 441  N N    . ALA A 1 36 ? 6.557   -5.049  -4.577  1.00 0.00 ? 30 ALA A N    1 
ATOM 442  C CA   . ALA A 1 36 ? 7.324   -3.830  -4.813  1.00 0.00 ? 30 ALA A CA   1 
ATOM 443  C C    . ALA A 1 36 ? 6.452   -2.578  -4.755  1.00 0.00 ? 30 ALA A C    1 
ATOM 444  O O    . ALA A 1 36 ? 6.847   -1.567  -4.184  1.00 0.00 ? 30 ALA A O    1 
ATOM 445  C CB   . ALA A 1 36 ? 7.950   -3.881  -6.209  1.00 0.00 ? 30 ALA A CB   1 
ATOM 446  H H    . ALA A 1 36 ? 6.544   -5.744  -5.311  1.00 0.00 ? 30 ALA A H    1 
ATOM 447  H HA   . ALA A 1 36 ? 8.100   -3.759  -4.049  1.00 0.00 ? 30 ALA A HA   1 
ATOM 448  H HB1  . ALA A 1 36 ? 8.577   -4.767  -6.315  1.00 0.00 ? 30 ALA A HB1  1 
ATOM 449  H HB2  . ALA A 1 36 ? 7.159   -3.884  -6.966  1.00 0.00 ? 30 ALA A HB2  1 
ATOM 450  H HB3  . ALA A 1 36 ? 8.550   -2.983  -6.361  1.00 0.00 ? 30 ALA A HB3  1 
ATOM 451  N N    . VAL A 1 37 ? 5.283   -2.626  -5.394  1.00 0.00 ? 31 VAL A N    1 
ATOM 452  C CA   . VAL A 1 37 ? 4.406   -1.491  -5.527  1.00 0.00 ? 31 VAL A CA   1 
ATOM 453  C C    . VAL A 1 37 ? 3.571   -1.325  -4.248  1.00 0.00 ? 31 VAL A C    1 
ATOM 454  O O    . VAL A 1 37 ? 3.288   -0.191  -3.874  1.00 0.00 ? 31 VAL A O    1 
ATOM 455  C CB   . VAL A 1 37 ? 3.667   -1.596  -6.868  1.00 0.00 ? 31 VAL A CB   1 
ATOM 456  C CG1  . VAL A 1 37 ? 2.600   -2.673  -6.887  1.00 0.00 ? 31 VAL A CG1  1 
ATOM 457  C CG2  . VAL A 1 37 ? 3.058   -0.284  -7.322  1.00 0.00 ? 31 VAL A CG2  1 
ATOM 458  H H    . VAL A 1 37 ? 4.955   -3.480  -5.810  1.00 0.00 ? 31 VAL A H    1 
ATOM 459  H HA   . VAL A 1 37 ? 5.050   -0.623  -5.603  1.00 0.00 ? 31 VAL A HA   1 
ATOM 460  H HB   . VAL A 1 37 ? 4.401   -1.858  -7.632  1.00 0.00 ? 31 VAL A HB   1 
ATOM 461  H HG11 . VAL A 1 37 ? 2.064   -2.689  -5.943  1.00 0.00 ? 31 VAL A HG11 1 
ATOM 462  H HG12 . VAL A 1 37 ? 1.910   -2.487  -7.701  1.00 0.00 ? 31 VAL A HG12 1 
ATOM 463  H HG13 . VAL A 1 37 ? 3.083   -3.618  -7.065  1.00 0.00 ? 31 VAL A HG13 1 
ATOM 464  H HG21 . VAL A 1 37 ? 3.850   0.456   -7.368  1.00 0.00 ? 31 VAL A HG21 1 
ATOM 465  H HG22 . VAL A 1 37 ? 2.645   -0.430  -8.321  1.00 0.00 ? 31 VAL A HG22 1 
ATOM 466  H HG23 . VAL A 1 37 ? 2.276   0.024   -6.633  1.00 0.00 ? 31 VAL A HG23 1 
ATOM 467  N N    . ILE A 1 38 ? 3.270   -2.403  -3.499  1.00 0.00 ? 32 ILE A N    1 
ATOM 468  C CA   . ILE A 1 38 ? 2.767   -2.273  -2.138  1.00 0.00 ? 32 ILE A CA   1 
ATOM 469  C C    . ILE A 1 38 ? 3.852   -1.487  -1.376  1.00 0.00 ? 32 ILE A C    1 
ATOM 470  O O    . ILE A 1 38 ? 3.576   -0.452  -0.770  1.00 0.00 ? 32 ILE A O    1 
ATOM 471  C CB   . ILE A 1 38 ? 2.405   -3.655  -1.516  1.00 0.00 ? 32 ILE A CB   1 
ATOM 472  C CG1  . ILE A 1 38 ? 1.042   -4.231  -1.985  1.00 0.00 ? 32 ILE A CG1  1 
ATOM 473  C CG2  . ILE A 1 38 ? 2.288   -3.600  0.017   1.00 0.00 ? 32 ILE A CG2  1 
ATOM 474  C CD1  . ILE A 1 38 ? 1.050   -4.997  -3.306  1.00 0.00 ? 32 ILE A CD1  1 
ATOM 475  H H    . ILE A 1 38 ? 3.479   -3.343  -3.817  1.00 0.00 ? 32 ILE A H    1 
ATOM 476  H HA   . ILE A 1 38 ? 1.876   -1.660  -2.164  1.00 0.00 ? 32 ILE A HA   1 
ATOM 477  H HB   . ILE A 1 38 ? 3.199   -4.365  -1.750  1.00 0.00 ? 32 ILE A HB   1 
ATOM 478  H HG12 . ILE A 1 38 ? 0.678   -4.944  -1.241  1.00 0.00 ? 32 ILE A HG12 1 
ATOM 479  H HG13 . ILE A 1 38 ? 0.308   -3.428  -2.040  1.00 0.00 ? 32 ILE A HG13 1 
ATOM 480  H HG21 . ILE A 1 38 ? 3.135   -3.077  0.458   1.00 0.00 ? 32 ILE A HG21 1 
ATOM 481  H HG22 . ILE A 1 38 ? 1.345   -3.122  0.325   1.00 0.00 ? 32 ILE A HG22 1 
ATOM 482  H HG23 . ILE A 1 38 ? 2.308   -4.619  0.398   1.00 0.00 ? 32 ILE A HG23 1 
ATOM 483  H HD11 . ILE A 1 38 ? 1.770   -5.815  -3.254  1.00 0.00 ? 32 ILE A HD11 1 
ATOM 484  H HD12 . ILE A 1 38 ? 0.060   -5.418  -3.482  1.00 0.00 ? 32 ILE A HD12 1 
ATOM 485  H HD13 . ILE A 1 38 ? 1.292   -4.332  -4.127  1.00 0.00 ? 32 ILE A HD13 1 
ATOM 486  N N    . GLN A 1 39 ? 5.118   -1.897  -1.475  1.00 0.00 ? 33 GLN A N    1 
ATOM 487  C CA   . GLN A 1 39 ? 6.204   -1.207  -0.817  1.00 0.00 ? 33 GLN A CA   1 
ATOM 488  C C    . GLN A 1 39 ? 6.382   0.238   -1.323  1.00 0.00 ? 33 GLN A C    1 
ATOM 489  O O    . GLN A 1 39 ? 6.984   1.054   -0.628  1.00 0.00 ? 33 GLN A O    1 
ATOM 490  C CB   . GLN A 1 39 ? 7.469   -2.053  -0.953  1.00 0.00 ? 33 GLN A CB   1 
ATOM 491  C CG   . GLN A 1 39 ? 8.505   -1.618  0.080   1.00 0.00 ? 33 GLN A CG   1 
ATOM 492  C CD   . GLN A 1 39 ? 9.491   -2.733  0.384   1.00 0.00 ? 33 GLN A CD   1 
ATOM 493  O OE1  . GLN A 1 39 ? 10.679  -2.639  0.107   1.00 0.00 ? 33 GLN A OE1  1 
ATOM 494  N NE2  . GLN A 1 39 ? 8.991   -3.817  0.961   1.00 0.00 ? 33 GLN A NE2  1 
ATOM 495  H H    . GLN A 1 39 ? 5.373   -2.717  -2.006  1.00 0.00 ? 33 GLN A H    1 
ATOM 496  H HA   . GLN A 1 39 ? 5.932   -1.179  0.240   1.00 0.00 ? 33 GLN A HA   1 
ATOM 497  H HB2  . GLN A 1 39 ? 7.201   -3.094  -0.773  1.00 0.00 ? 33 GLN A HB2  1 
ATOM 498  H HB3  . GLN A 1 39 ? 7.895   -1.973  -1.952  1.00 0.00 ? 33 GLN A HB3  1 
ATOM 499  H HG2  . GLN A 1 39 ? 9.027   -0.741  -0.295  1.00 0.00 ? 33 GLN A HG2  1 
ATOM 500  H HG3  . GLN A 1 39 ? 7.984   -1.358  1.000   1.00 0.00 ? 33 GLN A HG3  1 
ATOM 501  H HE21 . GLN A 1 39 ? 7.997   -3.864  1.139   1.00 0.00 ? 33 GLN A HE21 1 
ATOM 502  H HE22 . GLN A 1 39 ? 9.614   -4.590  1.122   1.00 0.00 ? 33 GLN A HE22 1 
ATOM 503  N N    . GLU A 1 40 ? 5.819   0.601   -2.479  1.00 0.00 ? 34 GLU A N    1 
ATOM 504  C CA   . GLU A 1 40 ? 5.756   1.974   -2.926  1.00 0.00 ? 34 GLU A CA   1 
ATOM 505  C C    . GLU A 1 40 ? 4.676   2.781   -2.182  1.00 0.00 ? 34 GLU A C    1 
ATOM 506  O O    . GLU A 1 40 ? 4.926   3.908   -1.740  1.00 0.00 ? 34 GLU A O    1 
ATOM 507  C CB   . GLU A 1 40 ? 5.499   1.990   -4.438  1.00 0.00 ? 34 GLU A CB   1 
ATOM 508  C CG   . GLU A 1 40 ? 5.784   3.396   -4.944  1.00 0.00 ? 34 GLU A CG   1 
ATOM 509  C CD   . GLU A 1 40 ? 4.649   4.037   -5.736  1.00 0.00 ? 34 GLU A CD   1 
ATOM 510  O OE1  . GLU A 1 40 ? 4.032   3.335   -6.566  1.00 0.00 ? 34 GLU A OE1  1 
ATOM 511  O OE2  . GLU A 1 40 ? 4.422   5.236   -5.466  1.00 0.00 ? 34 GLU A OE2  1 
ATOM 512  H H    . GLU A 1 40 ? 5.403   -0.085  -3.098  1.00 0.00 ? 34 GLU A H    1 
ATOM 513  H HA   . GLU A 1 40 ? 6.729   2.416   -2.729  1.00 0.00 ? 34 GLU A HA   1 
ATOM 514  H HB2  . GLU A 1 40 ? 6.169   1.290   -4.940  1.00 0.00 ? 34 GLU A HB2  1 
ATOM 515  H HB3  . GLU A 1 40 ? 4.469   1.727   -4.655  1.00 0.00 ? 34 GLU A HB3  1 
ATOM 516  H HG2  . GLU A 1 40 ? 5.952   4.004   -4.063  1.00 0.00 ? 34 GLU A HG2  1 
ATOM 517  H HG3  . GLU A 1 40 ? 6.692   3.361   -5.536  1.00 0.00 ? 34 GLU A HG3  1 
ATOM 518  N N    . LEU A 1 41 ? 3.490   2.187   -2.001  1.00 0.00 ? 35 LEU A N    1 
ATOM 519  C CA   . LEU A 1 41 ? 2.404   2.731   -1.186  1.00 0.00 ? 35 LEU A CA   1 
ATOM 520  C C    . LEU A 1 41 ? 2.929   3.049   0.204   1.00 0.00 ? 35 LEU A C    1 
ATOM 521  O O    . LEU A 1 41 ? 2.459   3.983   0.833   1.00 0.00 ? 35 LEU A O    1 
ATOM 522  C CB   . LEU A 1 41 ? 1.206   1.763   -1.057  1.00 0.00 ? 35 LEU A CB   1 
ATOM 523  C CG   . LEU A 1 41 ? -0.118  2.129   -1.706  1.00 0.00 ? 35 LEU A CG   1 
ATOM 524  C CD1  . LEU A 1 41 ? -1.193  1.110   -1.307  1.00 0.00 ? 35 LEU A CD1  1 
ATOM 525  C CD2  . LEU A 1 41 ? -0.618  3.510   -1.259  1.00 0.00 ? 35 LEU A CD2  1 
ATOM 526  H H    . LEU A 1 41 ? 3.444   1.223   -2.283  1.00 0.00 ? 35 LEU A H    1 
ATOM 527  H HA   . LEU A 1 41 ? 2.076   3.656   -1.627  1.00 0.00 ? 35 LEU A HA   1 
ATOM 528  H HB2  . LEU A 1 41 ? 1.477   0.783   -1.433  1.00 0.00 ? 35 LEU A HB2  1 
ATOM 529  H HB3  . LEU A 1 41 ? 0.956   1.695   -0.009  1.00 0.00 ? 35 LEU A HB3  1 
ATOM 530  H HG   . LEU A 1 41 ? 0.029   2.050   -2.772  1.00 0.00 ? 35 LEU A HG   1 
ATOM 531  H HD11 . LEU A 1 41 ? -0.856  0.099   -1.529  1.00 0.00 ? 35 LEU A HD11 1 
ATOM 532  H HD12 . LEU A 1 41 ? -1.411  1.205   -0.247  1.00 0.00 ? 35 LEU A HD12 1 
ATOM 533  H HD13 . LEU A 1 41 ? -2.116  1.297   -1.842  1.00 0.00 ? 35 LEU A HD13 1 
ATOM 534  H HD21 . LEU A 1 41 ? -0.711  3.537   -0.173  1.00 0.00 ? 35 LEU A HD21 1 
ATOM 535  H HD22 . LEU A 1 41 ? 0.064   4.300   -1.565  1.00 0.00 ? 35 LEU A HD22 1 
ATOM 536  H HD23 . LEU A 1 41 ? -1.587  3.701   -1.705  1.00 0.00 ? 35 LEU A HD23 1 
ATOM 537  N N    . ARG A 1 42 ? 3.914   2.284   0.669   1.00 0.00 ? 36 ARG A N    1 
ATOM 538  C CA   . ARG A 1 42 ? 4.537   2.373   1.974   1.00 0.00 ? 36 ARG A CA   1 
ATOM 539  C C    . ARG A 1 42 ? 5.222   3.714   2.134   1.00 0.00 ? 36 ARG A C    1 
ATOM 540  O O    . ARG A 1 42 ? 4.889   4.486   3.029   1.00 0.00 ? 36 ARG A O    1 
ATOM 541  C CB   . ARG A 1 42 ? 5.534   1.208   2.059   1.00 0.00 ? 36 ARG A CB   1 
ATOM 542  C CG   . ARG A 1 42 ? 5.435   0.403   3.339   1.00 0.00 ? 36 ARG A CG   1 
ATOM 543  C CD   . ARG A 1 42 ? 4.629   -0.906  3.233   1.00 0.00 ? 36 ARG A CD   1 
ATOM 544  N NE   . ARG A 1 42 ? 3.560   -1.036  4.240   1.00 0.00 ? 36 ARG A NE   1 
ATOM 545  C CZ   . ARG A 1 42 ? 3.605   -0.686  5.534   1.00 0.00 ? 36 ARG A CZ   1 
ATOM 546  N NH1  . ARG A 1 42 ? 4.765   -0.501  6.160   1.00 0.00 ? 36 ARG A NH1  1 
ATOM 547  N NH2  . ARG A 1 42 ? 2.487   -0.495  6.229   1.00 0.00 ? 36 ARG A NH2  1 
ATOM 548  H H    . ARG A 1 42 ? 4.180   1.500   0.085   1.00 0.00 ? 36 ARG A H    1 
ATOM 549  H HA   . ARG A 1 42 ? 3.768   2.293   2.743   1.00 0.00 ? 36 ARG A HA   1 
ATOM 550  H HB2  . ARG A 1 42 ? 5.372   0.537   1.230   1.00 0.00 ? 36 ARG A HB2  1 
ATOM 551  H HB3  . ARG A 1 42 ? 6.548   1.596   1.981   1.00 0.00 ? 36 ARG A HB3  1 
ATOM 552  H HG2  . ARG A 1 42 ? 6.452   0.134   3.608   1.00 0.00 ? 36 ARG A HG2  1 
ATOM 553  H HG3  . ARG A 1 42 ? 5.001   1.066   4.076   1.00 0.00 ? 36 ARG A HG3  1 
ATOM 554  H HD2  . ARG A 1 42 ? 4.154   -0.946  2.255   1.00 0.00 ? 36 ARG A HD2  1 
ATOM 555  H HD3  . ARG A 1 42 ? 5.308   -1.754  3.315   1.00 0.00 ? 36 ARG A HD3  1 
ATOM 556  H HE   . ARG A 1 42 ? 2.708   -1.433  3.861   1.00 0.00 ? 36 ARG A HE   1 
ATOM 557  H HH11 . ARG A 1 42 ? 5.621   -0.642  5.645   1.00 0.00 ? 36 ARG A HH11 1 
ATOM 558  H HH12 . ARG A 1 42 ? 4.811   -0.219  7.140   1.00 0.00 ? 36 ARG A HH12 1 
ATOM 559  H HH21 . ARG A 1 42 ? 1.540   -0.583  5.846   1.00 0.00 ? 36 ARG A HH21 1 
ATOM 560  H HH22 . ARG A 1 42 ? 2.556   -0.178  7.184   1.00 0.00 ? 36 ARG A HH22 1 
ATOM 561  N N    . LYS A 1 43 ? 6.159   3.984   1.231   1.00 0.00 ? 37 LYS A N    1 
ATOM 562  C CA   . LYS A 1 43 ? 6.938   5.214   1.198   1.00 0.00 ? 37 LYS A CA   1 
ATOM 563  C C    . LYS A 1 43 ? 6.025   6.417   0.996   1.00 0.00 ? 37 LYS A C    1 
ATOM 564  O O    . LYS A 1 43 ? 6.269   7.471   1.582   1.00 0.00 ? 37 LYS A O    1 
ATOM 565  C CB   . LYS A 1 43 ? 7.976   5.166   0.069   1.00 0.00 ? 37 LYS A CB   1 
ATOM 566  C CG   . LYS A 1 43 ? 8.910   3.948   0.121   1.00 0.00 ? 37 LYS A CG   1 
ATOM 567  C CD   . LYS A 1 43 ? 9.812   3.936   -1.119  1.00 0.00 ? 37 LYS A CD   1 
ATOM 568  C CE   . LYS A 1 43 ? 10.521  2.591   -1.303  1.00 0.00 ? 37 LYS A CE   1 
ATOM 569  N NZ   . LYS A 1 43 ? 9.614   1.570   -1.862  1.00 0.00 ? 37 LYS A NZ   1 
ATOM 570  H H    . LYS A 1 43 ? 6.334   3.237   0.576   1.00 0.00 ? 37 LYS A H    1 
ATOM 571  H HA   . LYS A 1 43 ? 7.424   5.324   2.165   1.00 0.00 ? 37 LYS A HA   1 
ATOM 572  H HB2  . LYS A 1 43 ? 7.445   5.159   -0.884  1.00 0.00 ? 37 LYS A HB2  1 
ATOM 573  H HB3  . LYS A 1 43 ? 8.580   6.074   0.112   1.00 0.00 ? 37 LYS A HB3  1 
ATOM 574  H HG2  . LYS A 1 43 ? 9.520   3.983   1.024   1.00 0.00 ? 37 LYS A HG2  1 
ATOM 575  H HG3  . LYS A 1 43 ? 8.319   3.036   0.136   1.00 0.00 ? 37 LYS A HG3  1 
ATOM 576  H HD2  . LYS A 1 43 ? 9.213   4.143   -2.006  1.00 0.00 ? 37 LYS A HD2  1 
ATOM 577  H HD3  . LYS A 1 43 ? 10.561  4.721   -1.010  1.00 0.00 ? 37 LYS A HD3  1 
ATOM 578  H HE2  . LYS A 1 43 ? 11.357  2.725   -1.990  1.00 0.00 ? 37 LYS A HE2  1 
ATOM 579  H HE3  . LYS A 1 43 ? 10.907  2.252   -0.341  1.00 0.00 ? 37 LYS A HE3  1 
ATOM 580  H HZ1  . LYS A 1 43 ? 8.802   1.461   -1.260  1.00 0.00 ? 37 LYS A HZ1  1 
ATOM 581  H HZ2  . LYS A 1 43 ? 9.303   1.856   -2.779  1.00 0.00 ? 37 LYS A HZ2  1 
ATOM 582  H HZ3  . LYS A 1 43 ? 10.096  0.686   -1.934  1.00 0.00 ? 37 LYS A HZ3  1 
ATOM 583  N N    . CYS A 1 44 ? 4.969   6.253   0.192   1.00 0.00 ? 38 CYS A N    1 
ATOM 584  C CA   . CYS A 1 44 ? 3.946   7.264   0.055   1.00 0.00 ? 38 CYS A CA   1 
ATOM 585  C C    . CYS A 1 44 ? 3.235   7.464   1.388   1.00 0.00 ? 38 CYS A C    1 
ATOM 586  O O    . CYS A 1 44 ? 3.070   8.587   1.836   1.00 0.00 ? 38 CYS A O    1 
ATOM 587  C CB   . CYS A 1 44 ? 2.952   6.865   -1.036  1.00 0.00 ? 38 CYS A CB   1 
ATOM 588  S SG   . CYS A 1 44 ? 1.696   8.138   -1.330  1.00 0.00 ? 38 CYS A SG   1 
ATOM 589  H H    . CYS A 1 44 ? 4.832   5.373   -0.288  1.00 0.00 ? 38 CYS A H    1 
ATOM 590  N N    . CYS A 1 45 ? 2.791   6.387   2.026   1.00 0.00 ? 39 CYS A N    1 
ATOM 591  C CA   . CYS A 1 45 ? 1.951   6.456   3.206   1.00 0.00 ? 39 CYS A CA   1 
ATOM 592  C C    . CYS A 1 45 ? 2.699   7.088   4.362   1.00 0.00 ? 39 CYS A C    1 
ATOM 593  O O    . CYS A 1 45 ? 2.221   8.025   4.998   1.00 0.00 ? 39 CYS A O    1 
ATOM 594  C CB   . CYS A 1 45 ? 1.495   5.049   3.533   1.00 0.00 ? 39 CYS A CB   1 
ATOM 595  S SG   . CYS A 1 45 ? 0.397   4.820   4.949   1.00 0.00 ? 39 CYS A SG   1 
ATOM 596  H H    . CYS A 1 45 ? 2.984   5.461   1.641   1.00 0.00 ? 39 CYS A H    1 
ATOM 597  N N    . ALA A 1 46 ? 3.918   6.603   4.571   1.00 0.00 ? 40 ALA A N    1 
ATOM 598  C CA   . ALA A 1 46 ? 4.785   7.006   5.651   1.00 0.00 ? 40 ALA A CA   1 
ATOM 599  C C    . ALA A 1 46 ? 5.321   8.429   5.457   1.00 0.00 ? 40 ALA A C    1 
ATOM 600  O O    . ALA A 1 46 ? 6.087   8.897   6.299   1.00 0.00 ? 40 ALA A O    1 
ATOM 601  C CB   . ALA A 1 46 ? 5.926   5.992   5.786   1.00 0.00 ? 40 ALA A CB   1 
ATOM 602  H H    . ALA A 1 46 ? 4.263   5.918   3.906   1.00 0.00 ? 40 ALA A H    1 
ATOM 603  H HA   . ALA A 1 46 ? 4.170   6.978   6.550   1.00 0.00 ? 40 ALA A HA   1 
ATOM 604  H HB1  . ALA A 1 46 ? 5.520   4.990   5.928   1.00 0.00 ? 40 ALA A HB1  1 
ATOM 605  H HB2  . ALA A 1 46 ? 6.546   6.007   4.887   1.00 0.00 ? 40 ALA A HB2  1 
ATOM 606  H HB3  . ALA A 1 46 ? 6.543   6.248   6.649   1.00 0.00 ? 40 ALA A HB3  1 
ATOM 607  N N    . GLN A 1 47 ? 4.931   9.140   4.384   1.00 0.00 ? 41 GLN A N    1 
ATOM 608  C CA   . GLN A 1 47 ? 5.212   10.552  4.261   1.00 0.00 ? 41 GLN A CA   1 
ATOM 609  C C    . GLN A 1 47 ? 4.314   11.361  5.194   1.00 0.00 ? 41 GLN A C    1 
ATOM 610  O O    . GLN A 1 47 ? 4.554   12.553  5.388   1.00 0.00 ? 41 GLN A O    1 
ATOM 611  C CB   . GLN A 1 47 ? 4.904   10.976  2.822   1.00 0.00 ? 41 GLN A CB   1 
ATOM 612  C CG   . GLN A 1 47 ? 5.900   11.952  2.225   1.00 0.00 ? 41 GLN A CG   1 
ATOM 613  C CD   . GLN A 1 47 ? 5.768   11.998  0.703   1.00 0.00 ? 41 GLN A CD   1 
ATOM 614  O OE1  . GLN A 1 47 ? 5.018   12.796  0.147   1.00 0.00 ? 41 GLN A OE1  1 
ATOM 615  N NE2  . GLN A 1 47 ? 6.471   11.118  -0.002  1.00 0.00 ? 41 GLN A NE2  1 
ATOM 616  H H    . GLN A 1 47 ? 4.222   8.821   3.725   1.00 0.00 ? 41 GLN A H    1 
ATOM 617  H HA   . GLN A 1 47 ? 6.255   10.723  4.487   1.00 0.00 ? 41 GLN A HA   1 
ATOM 618  H HB2  . GLN A 1 47 ? 4.785   10.112  2.182   1.00 0.00 ? 41 GLN A HB2  1 
ATOM 619  H HB3  . GLN A 1 47 ? 3.959   11.486  2.819   1.00 0.00 ? 41 GLN A HB3  1 
ATOM 620  H HG2  . GLN A 1 47 ? 5.677   12.932  2.650   1.00 0.00 ? 41 GLN A HG2  1 
ATOM 621  H HG3  . GLN A 1 47 ? 6.906   11.635  2.493   1.00 0.00 ? 41 GLN A HG3  1 
ATOM 622  H HE21 . GLN A 1 47 ? 7.040   10.427  0.460   1.00 0.00 ? 41 GLN A HE21 1 
ATOM 623  H HE22 . GLN A 1 47 ? 6.390   11.149  -1.006  1.00 0.00 ? 41 GLN A HE22 1 
ATOM 624  N N    . TYR A 1 48 ? 3.263   10.726  5.731   1.00 0.00 ? 42 TYR A N    1 
ATOM 625  C CA   . TYR A 1 48 ? 2.158   11.406  6.335   1.00 0.00 ? 42 TYR A CA   1 
ATOM 626  C C    . TYR A 1 48 ? 1.547   10.687  7.536   1.00 0.00 ? 42 TYR A C    1 
ATOM 627  O O    . TYR A 1 48 ? 1.799   9.501   7.747   1.00 0.00 ? 42 TYR A O    1 
ATOM 628  C CB   . TYR A 1 48 ? 1.061   11.456  5.271   1.00 0.00 ? 42 TYR A CB   1 
ATOM 629  C CG   . TYR A 1 48 ? 1.443   11.919  3.887   1.00 0.00 ? 42 TYR A CG   1 
ATOM 630  C CD1  . TYR A 1 48 ? 1.736   13.269  3.661   1.00 0.00 ? 42 TYR A CD1  1 
ATOM 631  C CD2  . TYR A 1 48 ? 1.527   10.996  2.830   1.00 0.00 ? 42 TYR A CD2  1 
ATOM 632  C CE1  . TYR A 1 48 ? 2.057   13.710  2.373   1.00 0.00 ? 42 TYR A CE1  1 
ATOM 633  C CE2  . TYR A 1 48 ? 1.823   11.426  1.527   1.00 0.00 ? 42 TYR A CE2  1 
ATOM 634  C CZ   . TYR A 1 48 ? 2.096   12.794  1.293   1.00 0.00 ? 42 TYR A CZ   1 
ATOM 635  O OH   . TYR A 1 48 ? 2.519   13.207  0.067   1.00 0.00 ? 42 TYR A OH   1 
ATOM 636  H H    . TYR A 1 48 ? 3.094   9.742   5.580   1.00 0.00 ? 42 TYR A H    1 
ATOM 637  H HA   . TYR A 1 48 ? 2.479   12.398  6.587   1.00 0.00 ? 42 TYR A HA   1 
ATOM 638  H HB2  . TYR A 1 48 ? 0.622   10.459  5.187   1.00 0.00 ? 42 TYR A HB2  1 
ATOM 639  H HB3  . TYR A 1 48 ? 0.281   12.122  5.622   1.00 0.00 ? 42 TYR A HB3  1 
ATOM 640  H HD1  . TYR A 1 48 ? 1.784   13.960  4.483   1.00 0.00 ? 42 TYR A HD1  1 
ATOM 641  H HD2  . TYR A 1 48 ? 1.508   9.940   3.041   1.00 0.00 ? 42 TYR A HD2  1 
ATOM 642  H HE1  . TYR A 1 48 ? 2.315   14.746  2.263   1.00 0.00 ? 42 TYR A HE1  1 
ATOM 643  H HE2  . TYR A 1 48 ? 1.944   10.675  0.757   1.00 0.00 ? 42 TYR A HE2  1 
ATOM 644  H HH   . TYR A 1 48 ? 3.502   13.092  0.013   1.00 0.00 ? 42 TYR A HH   1 
ATOM 645  N N    . PRO A 1 49 ? 0.675   11.382  8.287   1.00 0.00 ? 43 PRO A N    1 
ATOM 646  C CA   . PRO A 1 49 ? -0.209  10.727  9.238   1.00 0.00 ? 43 PRO A CA   1 
ATOM 647  C C    . PRO A 1 49 ? -1.294  9.987   8.437   1.00 0.00 ? 43 PRO A C    1 
ATOM 648  O O    . PRO A 1 49 ? -1.841  10.545  7.482   1.00 0.00 ? 43 PRO A O    1 
ATOM 649  C CB   . PRO A 1 49 ? -0.792  11.867  10.081  1.00 0.00 ? 43 PRO A CB   1 
ATOM 650  C CG   . PRO A 1 49 ? -0.763  13.075  9.138   1.00 0.00 ? 43 PRO A CG   1 
ATOM 651  C CD   . PRO A 1 49 ? 0.487   12.833  8.293   1.00 0.00 ? 43 PRO A CD   1 
ATOM 652  H HA   . PRO A 1 49 ? 0.345   10.030  9.872   1.00 0.00 ? 43 PRO A HA   1 
ATOM 653  H HB2  . PRO A 1 49 ? -1.805  11.646  10.425  1.00 0.00 ? 43 PRO A HB2  1 
ATOM 654  H HB3  . PRO A 1 49 ? -0.139  12.057  10.932  1.00 0.00 ? 43 PRO A HB3  1 
ATOM 655  H HG2  . PRO A 1 49 ? -1.647  13.066  8.498   1.00 0.00 ? 43 PRO A HG2  1 
ATOM 656  H HG3  . PRO A 1 49 ? -0.703  14.016  9.687   1.00 0.00 ? 43 PRO A HG3  1 
ATOM 657  H HD2  . PRO A 1 49 ? 0.370   13.260  7.291   1.00 0.00 ? 43 PRO A HD2  1 
ATOM 658  H HD3  . PRO A 1 49 ? 1.351   13.296  8.766   1.00 0.00 ? 43 PRO A HD3  1 
ATOM 659  N N    . LYS A 1 50 ? -1.657  8.756   8.834   1.00 0.00 ? 44 LYS A N    1 
ATOM 660  C CA   . LYS A 1 50 ? -2.641  7.939   8.107   1.00 0.00 ? 44 LYS A CA   1 
ATOM 661  C C    . LYS A 1 50 ? -3.947  8.668   7.801   1.00 0.00 ? 44 LYS A C    1 
ATOM 662  O O    . LYS A 1 50 ? -4.498  8.484   6.721   1.00 0.00 ? 44 LYS A O    1 
ATOM 663  C CB   . LYS A 1 50 ? -2.890  6.583   8.802   1.00 0.00 ? 44 LYS A CB   1 
ATOM 664  C CG   . LYS A 1 50 ? -3.233  6.615   10.309  1.00 0.00 ? 44 LYS A CG   1 
ATOM 665  C CD   . LYS A 1 50 ? -4.718  6.838   10.653  1.00 0.00 ? 44 LYS A CD   1 
ATOM 666  C CE   . LYS A 1 50 ? -5.482  5.538   10.939  1.00 0.00 ? 44 LYS A CE   1 
ATOM 667  N NZ   . LYS A 1 50 ? -5.598  4.692   9.741   1.00 0.00 ? 44 LYS A NZ   1 
ATOM 668  H H    . LYS A 1 50 ? -1.148  8.313   9.586   1.00 0.00 ? 44 LYS A H    1 
ATOM 669  H HA   . LYS A 1 50 ? -2.204  7.727   7.132   1.00 0.00 ? 44 LYS A HA   1 
ATOM 670  H HB2  . LYS A 1 50 ? -3.676  6.054   8.265   1.00 0.00 ? 44 LYS A HB2  1 
ATOM 671  H HB3  . LYS A 1 50 ? -1.988  5.990   8.680   1.00 0.00 ? 44 LYS A HB3  1 
ATOM 672  H HG2  . LYS A 1 50 ? -2.916  5.670   10.752  1.00 0.00 ? 44 LYS A HG2  1 
ATOM 673  H HG3  . LYS A 1 50 ? -2.644  7.392   10.798  1.00 0.00 ? 44 LYS A HG3  1 
ATOM 674  H HD2  . LYS A 1 50 ? -4.770  7.448   11.556  1.00 0.00 ? 44 LYS A HD2  1 
ATOM 675  H HD3  . LYS A 1 50 ? -5.229  7.373   9.857   1.00 0.00 ? 44 LYS A HD3  1 
ATOM 676  H HE2  . LYS A 1 50 ? -4.971  4.986   11.728  1.00 0.00 ? 44 LYS A HE2  1 
ATOM 677  H HE3  . LYS A 1 50 ? -6.484  5.795   11.284  1.00 0.00 ? 44 LYS A HE3  1 
ATOM 678  H HZ1  . LYS A 1 50 ? -6.024  5.225   8.990   1.00 0.00 ? 44 LYS A HZ1  1 
ATOM 679  H HZ2  . LYS A 1 50 ? -4.680  4.387   9.451   1.00 0.00 ? 44 LYS A HZ2  1 
ATOM 680  H HZ3  . LYS A 1 50 ? -6.166  3.881   9.945   1.00 0.00 ? 44 LYS A HZ3  1 
ATOM 681  N N    . GLY A 1 51 ? -4.399  9.558   8.694   1.00 0.00 ? 45 GLY A N    1 
ATOM 682  C CA   . GLY A 1 51 ? -5.647  10.293  8.537   1.00 0.00 ? 45 GLY A CA   1 
ATOM 683  C C    . GLY A 1 51 ? -5.676  11.174  7.286   1.00 0.00 ? 45 GLY A C    1 
ATOM 684  O O    . GLY A 1 51 ? -6.754  11.606  6.886   1.00 0.00 ? 45 GLY A O    1 
ATOM 685  H H    . GLY A 1 51 ? -3.838  9.727   9.512   1.00 0.00 ? 45 GLY A H    1 
ATOM 686  H HA2  . GLY A 1 51 ? -6.471  9.580   8.476   1.00 0.00 ? 45 GLY A HA2  1 
ATOM 687  H HA3  . GLY A 1 51 ? -5.801  10.926  9.411   1.00 0.00 ? 45 GLY A HA3  1 
ATOM 688  N N    . ARG A 1 52 ? -4.524  11.430  6.651   1.00 0.00 ? 46 ARG A N    1 
ATOM 689  C CA   . ARG A 1 52 ? -4.463  12.178  5.406   1.00 0.00 ? 46 ARG A CA   1 
ATOM 690  C C    . ARG A 1 52 ? -5.014  11.398  4.206   1.00 0.00 ? 46 ARG A C    1 
ATOM 691  O O    . ARG A 1 52 ? -5.215  12.002  3.148   1.00 0.00 ? 46 ARG A O    1 
ATOM 692  C CB   . ARG A 1 52 ? -3.013  12.664  5.169   1.00 0.00 ? 46 ARG A CB   1 
ATOM 693  C CG   . ARG A 1 52 ? -2.197  11.941  4.067   1.00 0.00 ? 46 ARG A CG   1 
ATOM 694  C CD   . ARG A 1 52 ? -1.747  12.928  2.999   1.00 0.00 ? 46 ARG A CD   1 
ATOM 695  N NE   . ARG A 1 52 ? -2.907  13.530  2.320   1.00 0.00 ? 46 ARG A NE   1 
ATOM 696  C CZ   . ARG A 1 52 ? -2.907  14.695  1.661   1.00 0.00 ? 46 ARG A CZ   1 
ATOM 697  N NH1  . ARG A 1 52 ? -1.788  15.414  1.573   1.00 0.00 ? 46 ARG A NH1  1 
ATOM 698  N NH2  . ARG A 1 52 ? -4.026  15.129  1.085   1.00 0.00 ? 46 ARG A NH2  1 
ATOM 699  H H    . ARG A 1 52 ? -3.651  11.051  7.009   1.00 0.00 ? 46 ARG A H    1 
ATOM 700  H HA   . ARG A 1 52 ? -5.090  13.054  5.545   1.00 0.00 ? 46 ARG A HA   1 
ATOM 701  H HB2  . ARG A 1 52 ? -3.073  13.727  4.933   1.00 0.00 ? 46 ARG A HB2  1 
ATOM 702  H HB3  . ARG A 1 52 ? -2.439  12.623  6.097   1.00 0.00 ? 46 ARG A HB3  1 
ATOM 703  H HG2  . ARG A 1 52 ? -1.338  11.459  4.504   1.00 0.00 ? 46 ARG A HG2  1 
ATOM 704  H HG3  . ARG A 1 52 ? -2.718  11.130  3.577   1.00 0.00 ? 46 ARG A HG3  1 
ATOM 705  H HD2  . ARG A 1 52 ? -1.143  13.704  3.471   1.00 0.00 ? 46 ARG A HD2  1 
ATOM 706  H HD3  . ARG A 1 52 ? -1.136  12.392  2.276   1.00 0.00 ? 46 ARG A HD3  1 
ATOM 707  H HE   . ARG A 1 52 ? -3.793  13.037  2.464   1.00 0.00 ? 46 ARG A HE   1 
ATOM 708  H HH11 . ARG A 1 52 ? -0.960  15.040  2.016   1.00 0.00 ? 46 ARG A HH11 1 
ATOM 709  H HH12 . ARG A 1 52 ? -1.729  16.298  1.094   1.00 0.00 ? 46 ARG A HH12 1 
ATOM 710  H HH21 . ARG A 1 52 ? -4.860  14.530  1.036   1.00 0.00 ? 46 ARG A HH21 1 
ATOM 711  H HH22 . ARG A 1 52 ? -4.076  16.028  0.637   1.00 0.00 ? 46 ARG A HH22 1 
ATOM 712  N N    . SER A 1 53 ? -5.138  10.066  4.302   1.00 0.00 ? 47 SER A N    1 
ATOM 713  C CA   . SER A 1 53 ? -5.405  9.220   3.158   1.00 0.00 ? 47 SER A CA   1 
ATOM 714  C C    . SER A 1 53 ? -6.173  7.966   3.551   1.00 0.00 ? 47 SER A C    1 
ATOM 715  O O    . SER A 1 53 ? -5.916  7.311   4.567   1.00 0.00 ? 47 SER A O    1 
ATOM 716  C CB   . SER A 1 53 ? -4.076  8.909   2.455   1.00 0.00 ? 47 SER A CB   1 
ATOM 717  O OG   . SER A 1 53 ? -4.097  7.741   1.654   1.00 0.00 ? 47 SER A OG   1 
ATOM 718  H H    . SER A 1 53 ? -4.980  9.576   5.174   1.00 0.00 ? 47 SER A H    1 
ATOM 719  H HA   . SER A 1 53 ? -6.029  9.791   2.482   1.00 0.00 ? 47 SER A HA   1 
ATOM 720  H HB2  . SER A 1 53 ? -3.858  9.753   1.808   1.00 0.00 ? 47 SER A HB2  1 
ATOM 721  H HB3  . SER A 1 53 ? -3.281  8.818   3.191   1.00 0.00 ? 47 SER A HB3  1 
ATOM 722  H HG   . SER A 1 53 ? -4.247  8.042   0.733   1.00 0.00 ? 47 SER A HG   1 
ATOM 723  N N    . VAL A 1 54 ? -7.111  7.618   2.676   1.00 0.00 ? 48 VAL A N    1 
ATOM 724  C CA   . VAL A 1 54 ? -7.966  6.463   2.837   1.00 0.00 ? 48 VAL A CA   1 
ATOM 725  C C    . VAL A 1 54 ? -7.132  5.203   2.626   1.00 0.00 ? 48 VAL A C    1 
ATOM 726  O O    . VAL A 1 54 ? -7.131  4.303   3.462   1.00 0.00 ? 48 VAL A O    1 
ATOM 727  C CB   . VAL A 1 54 ? -9.177  6.512   1.883   1.00 0.00 ? 48 VAL A CB   1 
ATOM 728  C CG1  . VAL A 1 54 ? -10.210 5.493   2.380   1.00 0.00 ? 48 VAL A CG1  1 
ATOM 729  C CG2  . VAL A 1 54 ? -9.823  7.907   1.791   1.00 0.00 ? 48 VAL A CG2  1 
ATOM 730  H H    . VAL A 1 54 ? -7.176  8.152   1.822   1.00 0.00 ? 48 VAL A H    1 
ATOM 731  H HA   . VAL A 1 54 ? -8.322  6.481   3.861   1.00 0.00 ? 48 VAL A HA   1 
ATOM 732  H HB   . VAL A 1 54 ? -8.860  6.228   0.879   1.00 0.00 ? 48 VAL A HB   1 
ATOM 733  H HG11 . VAL A 1 54 ? -9.756  4.502   2.433   1.00 0.00 ? 48 VAL A HG11 1 
ATOM 734  H HG12 . VAL A 1 54 ? -10.553 5.769   3.377   1.00 0.00 ? 48 VAL A HG12 1 
ATOM 735  H HG13 . VAL A 1 54 ? -11.060 5.458   1.698   1.00 0.00 ? 48 VAL A HG13 1 
ATOM 736  H HG21 . VAL A 1 54 ? -10.057 8.281   2.789   1.00 0.00 ? 48 VAL A HG21 1 
ATOM 737  H HG22 . VAL A 1 54 ? -9.147  8.602   1.291   1.00 0.00 ? 48 VAL A HG22 1 
ATOM 738  H HG23 . VAL A 1 54 ? -10.740 7.851   1.205   1.00 0.00 ? 48 VAL A HG23 1 
ATOM 739  N N    . VAL A 1 55 ? -6.391  5.140   1.515   1.00 0.00 ? 49 VAL A N    1 
ATOM 740  C CA   . VAL A 1 55 ? -5.636  3.951   1.177   1.00 0.00 ? 49 VAL A CA   1 
ATOM 741  C C    . VAL A 1 55 ? -4.516  3.727   2.199   1.00 0.00 ? 49 VAL A C    1 
ATOM 742  O O    . VAL A 1 55 ? -4.349  2.600   2.652   1.00 0.00 ? 49 VAL A O    1 
ATOM 743  C CB   . VAL A 1 55 ? -5.137  4.010   -0.275  1.00 0.00 ? 49 VAL A CB   1 
ATOM 744  C CG1  . VAL A 1 55 ? -6.214  4.521   -1.247  1.00 0.00 ? 49 VAL A CG1  1 
ATOM 745  C CG2  . VAL A 1 55 ? -3.906  4.899   -0.434  1.00 0.00 ? 49 VAL A CG2  1 
ATOM 746  H H    . VAL A 1 55 ? -6.414  5.886   0.838   1.00 0.00 ? 49 VAL A H    1 
ATOM 747  H HA   . VAL A 1 55 ? -6.319  3.105   1.250   1.00 0.00 ? 49 VAL A HA   1 
ATOM 748  H HB   . VAL A 1 55 ? -4.868  2.994   -0.562  1.00 0.00 ? 49 VAL A HB   1 
ATOM 749  H HG11 . VAL A 1 55 ? -7.162  4.017   -1.058  1.00 0.00 ? 49 VAL A HG11 1 
ATOM 750  H HG12 . VAL A 1 55 ? -6.335  5.600   -1.150  1.00 0.00 ? 49 VAL A HG12 1 
ATOM 751  H HG13 . VAL A 1 55 ? -5.915  4.311   -2.270  1.00 0.00 ? 49 VAL A HG13 1 
ATOM 752  H HG21 . VAL A 1 55 ? -4.116  5.912   -0.104  1.00 0.00 ? 49 VAL A HG21 1 
ATOM 753  H HG22 . VAL A 1 55 ? -3.077  4.483   0.138   1.00 0.00 ? 49 VAL A HG22 1 
ATOM 754  H HG23 . VAL A 1 55 ? -3.630  4.914   -1.477  1.00 0.00 ? 49 VAL A HG23 1 
ATOM 755  N N    . CYS A 1 56 ? -3.804  4.786   2.612   1.00 0.00 ? 50 CYS A N    1 
ATOM 756  C CA   . CYS A 1 56 ? -2.742  4.733   3.610   1.00 0.00 ? 50 CYS A CA   1 
ATOM 757  C C    . CYS A 1 56 ? -3.330  4.324   4.973   1.00 0.00 ? 50 CYS A C    1 
ATOM 758  O O    . CYS A 1 56 ? -2.651  3.664   5.759   1.00 0.00 ? 50 CYS A O    1 
ATOM 759  C CB   . CYS A 1 56 ? -2.103  6.125   3.695   1.00 0.00 ? 50 CYS A CB   1 
ATOM 760  S SG   . CYS A 1 56 ? -0.862  6.421   4.981   1.00 0.00 ? 50 CYS A SG   1 
ATOM 761  H H    . CYS A 1 56 ? -4.022  5.699   2.232   1.00 0.00 ? 50 CYS A H    1 
ATOM 762  N N    . SER A 1 57 ? -4.612  4.638   5.234   1.00 0.00 ? 51 SER A N    1 
ATOM 763  C CA   . SER A 1 57 ? -5.325  4.126   6.396   1.00 0.00 ? 51 SER A CA   1 
ATOM 764  C C    . SER A 1 57 ? -5.548  2.612   6.294   1.00 0.00 ? 51 SER A C    1 
ATOM 765  O O    . SER A 1 57 ? -5.530  1.936   7.322   1.00 0.00 ? 51 SER A O    1 
ATOM 766  C CB   . SER A 1 57 ? -6.638  4.884   6.615   1.00 0.00 ? 51 SER A CB   1 
ATOM 767  O OG   . SER A 1 57 ? -6.379  6.241   6.912   1.00 0.00 ? 51 SER A OG   1 
ATOM 768  H H    . SER A 1 57 ? -5.162  5.170   4.573   1.00 0.00 ? 51 SER A H    1 
ATOM 769  H HA   . SER A 1 57 ? -4.688  4.303   7.255   1.00 0.00 ? 51 SER A HA   1 
ATOM 770  H HB2  . SER A 1 57 ? -7.276  4.819   5.739   1.00 0.00 ? 51 SER A HB2  1 
ATOM 771  H HB3  . SER A 1 57 ? -7.169  4.436   7.457   1.00 0.00 ? 51 SER A HB3  1 
ATOM 772  H HG   . SER A 1 57 ? -6.111  6.709   6.084   1.00 0.00 ? 51 SER A HG   1 
ATOM 773  N N    . GLY A 1 58 ? -5.687  2.064   5.078   1.00 0.00 ? 52 GLY A N    1 
ATOM 774  C CA   . GLY A 1 58 ? -5.630  0.616   4.861   1.00 0.00 ? 52 GLY A CA   1 
ATOM 775  C C    . GLY A 1 58 ? -4.230  0.095   5.111   1.00 0.00 ? 52 GLY A C    1 
ATOM 776  O O    . GLY A 1 58 ? -4.000  -1.032  5.536   1.00 0.00 ? 52 GLY A O    1 
ATOM 777  H H    . GLY A 1 58 ? -5.639  2.658   4.245   1.00 0.00 ? 52 GLY A H    1 
ATOM 778  H HA2  . GLY A 1 58 ? -6.345  0.087   5.489   1.00 0.00 ? 52 GLY A HA2  1 
ATOM 779  H HA3  . GLY A 1 58 ? -5.780  0.408   3.795   1.00 0.00 ? 52 GLY A HA3  1 
ATOM 780  N N    . PHE A 1 59 ? -3.271  0.941   4.790   1.00 0.00 ? 53 PHE A N    1 
ATOM 781  C CA   . PHE A 1 59 ? -1.901  0.575   4.638   1.00 0.00 ? 53 PHE A CA   1 
ATOM 782  C C    . PHE A 1 59 ? -1.078  0.457   5.900   1.00 0.00 ? 53 PHE A C    1 
ATOM 783  O O    . PHE A 1 59 ? -0.274  -0.464  6.053   1.00 0.00 ? 53 PHE A O    1 
ATOM 784  C CB   . PHE A 1 59 ? -1.326  1.579   3.677   1.00 0.00 ? 53 PHE A CB   1 
ATOM 785  C CG   . PHE A 1 59 ? -0.445  0.855   2.766   1.00 0.00 ? 53 PHE A CG   1 
ATOM 786  C CD1  . PHE A 1 59 ? -1.011  -0.109  1.914   1.00 0.00 ? 53 PHE A CD1  1 
ATOM 787  C CD2  . PHE A 1 59 ? 0.918   1.094   2.837   1.00 0.00 ? 53 PHE A CD2  1 
ATOM 788  C CE1  . PHE A 1 59 ? -0.179  -0.862  1.101   1.00 0.00 ? 53 PHE A CE1  1 
ATOM 789  C CE2  . PHE A 1 59 ? 1.727   0.357   1.991   1.00 0.00 ? 53 PHE A CE2  1 
ATOM 790  C CZ   . PHE A 1 59 ? 1.192   -0.622  1.163   1.00 0.00 ? 53 PHE A CZ   1 
ATOM 791  H H    . PHE A 1 59 ? -3.551  1.835   4.408   1.00 0.00 ? 53 PHE A H    1 
ATOM 792  H HA   . PHE A 1 59 ? -1.919  -0.405  4.173   1.00 0.00 ? 53 PHE A HA   1 
ATOM 793  H HB2  . PHE A 1 59 ? -2.091  1.997   3.036   1.00 0.00 ? 53 PHE A HB2  1 
ATOM 794  H HB3  . PHE A 1 59 ? -0.803  2.372   4.207   1.00 0.00 ? 53 PHE A HB3  1 
ATOM 795  H HD1  . PHE A 1 59 ? -2.076  -0.285  1.873   1.00 0.00 ? 53 PHE A HD1  1 
ATOM 796  H HD2  . PHE A 1 59 ? 1.320   1.832   3.514   1.00 0.00 ? 53 PHE A HD2  1 
ATOM 797  H HE1  . PHE A 1 59 ? -0.611  -1.554  0.409   1.00 0.00 ? 53 PHE A HE1  1 
ATOM 798  H HE2  . PHE A 1 59 ? 2.748   0.594   1.904   1.00 0.00 ? 53 PHE A HE2  1 
ATOM 799  H HZ   . PHE A 1 59 ? 1.863   -1.129  0.531   1.00 0.00 ? 53 PHE A HZ   1 
ATOM 800  N N    . GLU A 1 60 ? -1.271  1.384   6.822   1.00 0.00 ? 54 GLU A N    1 
ATOM 801  C CA   . GLU A 1 60 ? -0.716  1.203   8.148   1.00 0.00 ? 54 GLU A CA   1 
ATOM 802  C C    . GLU A 1 60 ? -1.397  0.008   8.858   1.00 0.00 ? 54 GLU A C    1 
ATOM 803  O O    . GLU A 1 60 ? -0.777  -0.589  9.734   1.00 0.00 ? 54 GLU A O    1 
ATOM 804  C CB   . GLU A 1 60 ? -0.703  2.522   8.933   1.00 0.00 ? 54 GLU A CB   1 
ATOM 805  C CG   . GLU A 1 60 ? 0.147   3.589   8.203   1.00 0.00 ? 54 GLU A CG   1 
ATOM 806  C CD   . GLU A 1 60 ? 0.878   4.508   9.184   1.00 0.00 ? 54 GLU A CD   1 
ATOM 807  O OE1  . GLU A 1 60 ? 1.976   4.102   9.622   1.00 0.00 ? 54 GLU A OE1  1 
ATOM 808  O OE2  . GLU A 1 60 ? 0.329   5.588   9.496   1.00 0.00 ? 54 GLU A OE2  1 
ATOM 809  H H    . GLU A 1 60 ? -1.741  2.233   6.522   1.00 0.00 ? 54 GLU A H    1 
ATOM 810  H HA   . GLU A 1 60 ? 0.325   0.925   8.014   1.00 0.00 ? 54 GLU A HA   1 
ATOM 811  H HB2  . GLU A 1 60 ? -1.720  2.890   9.075   1.00 0.00 ? 54 GLU A HB2  1 
ATOM 812  H HB3  . GLU A 1 60 ? -0.264  2.325   9.912   1.00 0.00 ? 54 GLU A HB3  1 
ATOM 813  H HG2  . GLU A 1 60 ? 0.890   3.121   7.543   1.00 0.00 ? 54 GLU A HG2  1 
ATOM 814  H HG3  . GLU A 1 60 ? -0.504  4.184   7.563   1.00 0.00 ? 54 GLU A HG3  1 
ATOM 815  N N    . LYS A 1 61 ? -2.602  -0.426  8.432   1.00 0.00 ? 55 LYS A N    1 
ATOM 816  C CA   . LYS A 1 61 ? -3.225  -1.678  8.881   1.00 0.00 ? 55 LYS A CA   1 
ATOM 817  C C    . LYS A 1 61 ? -2.674  -2.913  8.137   1.00 0.00 ? 55 LYS A C    1 
ATOM 818  O O    . LYS A 1 61 ? -2.661  -4.006  8.701   1.00 0.00 ? 55 LYS A O    1 
ATOM 819  C CB   . LYS A 1 61 ? -4.764  -1.535  8.929   1.00 0.00 ? 55 LYS A CB   1 
ATOM 820  C CG   . LYS A 1 61 ? -5.614  -2.349  7.935   1.00 0.00 ? 55 LYS A CG   1 
ATOM 821  C CD   . LYS A 1 61 ? -6.166  -3.651  8.536   1.00 0.00 ? 55 LYS A CD   1 
ATOM 822  C CE   . LYS A 1 61 ? -6.969  -4.440  7.496   1.00 0.00 ? 55 LYS A CE   1 
ATOM 823  N NZ   . LYS A 1 61 ? -8.172  -3.712  7.046   1.00 0.00 ? 55 LYS A NZ   1 
ATOM 824  H H    . LYS A 1 61 ? -3.098  0.092   7.725   1.00 0.00 ? 55 LYS A H    1 
ATOM 825  H HA   . LYS A 1 61 ? -2.909  -1.784  9.912   1.00 0.00 ? 55 LYS A HA   1 
ATOM 826  H HB2  . LYS A 1 61 ? -5.089  -1.785  9.941   1.00 0.00 ? 55 LYS A HB2  1 
ATOM 827  H HB3  . LYS A 1 61 ? -5.019  -0.482  8.793   1.00 0.00 ? 55 LYS A HB3  1 
ATOM 828  H HG2  . LYS A 1 61 ? -6.453  -1.723  7.632   1.00 0.00 ? 55 LYS A HG2  1 
ATOM 829  H HG3  . LYS A 1 61 ? -5.043  -2.598  7.048   1.00 0.00 ? 55 LYS A HG3  1 
ATOM 830  H HD2  . LYS A 1 61 ? -5.337  -4.270  8.879   1.00 0.00 ? 55 LYS A HD2  1 
ATOM 831  H HD3  . LYS A 1 61 ? -6.806  -3.420  9.390   1.00 0.00 ? 55 LYS A HD3  1 
ATOM 832  H HE2  . LYS A 1 61 ? -6.328  -4.642  6.636   1.00 0.00 ? 55 LYS A HE2  1 
ATOM 833  H HE3  . LYS A 1 61 ? -7.274  -5.392  7.933   1.00 0.00 ? 55 LYS A HE3  1 
ATOM 834  H HZ1  . LYS A 1 61 ? -7.897  -2.831  6.637   1.00 0.00 ? 55 LYS A HZ1  1 
ATOM 835  H HZ2  . LYS A 1 61 ? -8.664  -4.261  6.355   1.00 0.00 ? 55 LYS A HZ2  1 
ATOM 836  H HZ3  . LYS A 1 61 ? -8.780  -3.540  7.833   1.00 0.00 ? 55 LYS A HZ3  1 
ATOM 837  N N    . GLU A 1 62 ? -2.139  -2.749  6.918   1.00 0.00 ? 56 GLU A N    1 
ATOM 838  C CA   . GLU A 1 62 ? -1.340  -3.766  6.210   1.00 0.00 ? 56 GLU A CA   1 
ATOM 839  C C    . GLU A 1 62 ? -0.202  -4.183  7.140   1.00 0.00 ? 56 GLU A C    1 
ATOM 840  O O    . GLU A 1 62 ? 0.077   -5.366  7.301   1.00 0.00 ? 56 GLU A O    1 
ATOM 841  C CB   . GLU A 1 62 ? -0.851  -3.216  4.841   1.00 0.00 ? 56 GLU A CB   1 
ATOM 842  C CG   . GLU A 1 62 ? 0.649   -3.021  4.518   1.00 0.00 ? 56 GLU A CG   1 
ATOM 843  C CD   . GLU A 1 62 ? 1.331   -4.173  3.781   1.00 0.00 ? 56 GLU A CD   1 
ATOM 844  O OE1  . GLU A 1 62 ? 0.785   -5.294  3.772   1.00 0.00 ? 56 GLU A OE1  1 
ATOM 845  O OE2  . GLU A 1 62 ? 2.430   -3.904  3.246   1.00 0.00 ? 56 GLU A OE2  1 
ATOM 846  H H    . GLU A 1 62 ? -2.326  -1.873  6.446   1.00 0.00 ? 56 GLU A H    1 
ATOM 847  H HA   . GLU A 1 62 ? -1.976  -4.632  6.029   1.00 0.00 ? 56 GLU A HA   1 
ATOM 848  H HB2  . GLU A 1 62 ? -1.311  -3.767  4.025   1.00 0.00 ? 56 GLU A HB2  1 
ATOM 849  H HB3  . GLU A 1 62 ? -1.248  -2.221  4.780   1.00 0.00 ? 56 GLU A HB3  1 
ATOM 850  H HG2  . GLU A 1 62 ? 0.724   -2.147  3.869   1.00 0.00 ? 56 GLU A HG2  1 
ATOM 851  H HG3  . GLU A 1 62 ? 1.218   -2.786  5.411   1.00 0.00 ? 56 GLU A HG3  1 
ATOM 852  N N    . GLU A 1 63 ? 0.404   -3.195  7.801   1.00 0.00 ? 57 GLU A N    1 
ATOM 853  C CA   . GLU A 1 63 ? 1.500   -3.405  8.749   1.00 0.00 ? 57 GLU A CA   1 
ATOM 854  C C    . GLU A 1 63 ? 1.088   -4.293  9.928   1.00 0.00 ? 57 GLU A C    1 
ATOM 855  O O    . GLU A 1 63 ? 1.895   -5.082  10.413  1.00 0.00 ? 57 GLU A O    1 
ATOM 856  C CB   . GLU A 1 63 ? 2.033   -2.068  9.281   1.00 0.00 ? 57 GLU A CB   1 
ATOM 857  C CG   . GLU A 1 63 ? 3.533   -2.157  9.590   1.00 0.00 ? 57 GLU A CG   1 
ATOM 858  C CD   . GLU A 1 63 ? 4.113   -0.776  9.883   1.00 0.00 ? 57 GLU A CD   1 
ATOM 859  O OE1  . GLU A 1 63 ? 4.303   -0.031  8.892   1.00 0.00 ? 57 GLU A OE1  1 
ATOM 860  O OE2  . GLU A 1 63 ? 4.352   -0.486  11.075  1.00 0.00 ? 57 GLU A OE2  1 
ATOM 861  H H    . GLU A 1 63 ? 0.090   -2.276  7.506   1.00 0.00 ? 57 GLU A H    1 
ATOM 862  H HA   . GLU A 1 63 ? 2.291   -3.911  8.199   1.00 0.00 ? 57 GLU A HA   1 
ATOM 863  H HB2  . GLU A 1 63 ? 1.864   -1.289  8.546   1.00 0.00 ? 57 GLU A HB2  1 
ATOM 864  H HB3  . GLU A 1 63 ? 1.498   -1.787  10.189  1.00 0.00 ? 57 GLU A HB3  1 
ATOM 865  H HG2  . GLU A 1 63 ? 3.695   -2.820  10.441  1.00 0.00 ? 57 GLU A HG2  1 
ATOM 866  H HG3  . GLU A 1 63 ? 4.056   -2.574  8.727   1.00 0.00 ? 57 GLU A HG3  1 
ATOM 867  N N    . GLU A 1 64 ? -0.167  -4.183  10.374  1.00 0.00 ? 58 GLU A N    1 
ATOM 868  C CA   . GLU A 1 64 ? -0.748  -5.106  11.332  1.00 0.00 ? 58 GLU A CA   1 
ATOM 869  C C    . GLU A 1 64 ? -0.892  -6.481  10.683  1.00 0.00 ? 58 GLU A C    1 
ATOM 870  O O    . GLU A 1 64 ? -0.411  -7.453  11.253  1.00 0.00 ? 58 GLU A O    1 
ATOM 871  C CB   . GLU A 1 64 ? -2.060  -4.541  11.921  1.00 0.00 ? 58 GLU A CB   1 
ATOM 872  C CG   . GLU A 1 64 ? -3.070  -5.582  12.444  1.00 0.00 ? 58 GLU A CG   1 
ATOM 873  C CD   . GLU A 1 64 ? -2.512  -6.553  13.490  1.00 0.00 ? 58 GLU A CD   1 
ATOM 874  O OE1  . GLU A 1 64 ? -1.649  -6.123  14.287  1.00 0.00 ? 58 GLU A OE1  1 
ATOM 875  O OE2  . GLU A 1 64 ? -2.988  -7.710  13.491  1.00 0.00 ? 58 GLU A OE2  1 
ATOM 876  H H    . GLU A 1 64 ? -0.776  -3.531  9.908   1.00 0.00 ? 58 GLU A H    1 
ATOM 877  H HA   . GLU A 1 64 ? -0.030  -5.211  12.141  1.00 0.00 ? 58 GLU A HA   1 
ATOM 878  H HB2  . GLU A 1 64 ? -1.801  -3.863  12.733  1.00 0.00 ? 58 GLU A HB2  1 
ATOM 879  H HB3  . GLU A 1 64 ? -2.574  -3.947  11.170  1.00 0.00 ? 58 GLU A HB3  1 
ATOM 880  H HG2  . GLU A 1 64 ? -3.910  -5.045  12.888  1.00 0.00 ? 58 GLU A HG2  1 
ATOM 881  H HG3  . GLU A 1 64 ? -3.463  -6.148  11.597  1.00 0.00 ? 58 GLU A HG3  1 
ATOM 882  N N    . GLU A 1 65 ? -1.504  -6.571  9.497   1.00 0.00 ? 59 GLU A N    1 
ATOM 883  C CA   . GLU A 1 65 ? -1.698  -7.831  8.774   1.00 0.00 ? 59 GLU A CA   1 
ATOM 884  C C    . GLU A 1 65 ? -0.396  -8.613  8.572   1.00 0.00 ? 59 GLU A C    1 
ATOM 885  O O    . GLU A 1 65 ? -0.388  -9.846  8.621   1.00 0.00 ? 59 GLU A O    1 
ATOM 886  C CB   . GLU A 1 65 ? -2.431  -7.541  7.455   1.00 0.00 ? 59 GLU A CB   1 
ATOM 887  C CG   . GLU A 1 65 ? -2.708  -8.795  6.621   1.00 0.00 ? 59 GLU A CG   1 
ATOM 888  C CD   . GLU A 1 65 ? -3.627  -8.467  5.446   1.00 0.00 ? 59 GLU A CD   1 
ATOM 889  O OE1  . GLU A 1 65 ? -3.126  -7.847  4.483   1.00 0.00 ? 59 GLU A OE1  1 
ATOM 890  O OE2  . GLU A 1 65 ? -4.823  -8.823  5.536   1.00 0.00 ? 59 GLU A OE2  1 
ATOM 891  H H    . GLU A 1 65 ? -1.855  -5.711  9.081   1.00 0.00 ? 59 GLU A H    1 
ATOM 892  H HA   . GLU A 1 65 ? -2.329  -8.465  9.376   1.00 0.00 ? 59 GLU A HA   1 
ATOM 893  H HB2  . GLU A 1 65 ? -3.381  -7.055  7.688   1.00 0.00 ? 59 GLU A HB2  1 
ATOM 894  H HB3  . GLU A 1 65 ? -1.834  -6.860  6.853   1.00 0.00 ? 59 GLU A HB3  1 
ATOM 895  H HG2  . GLU A 1 65 ? -1.762  -9.183  6.237   1.00 0.00 ? 59 GLU A HG2  1 
ATOM 896  H HG3  . GLU A 1 65 ? -3.173  -9.555  7.250   1.00 0.00 ? 59 GLU A HG3  1 
ATOM 897  N N    . ASN A 1 66 ? 0.714   -7.897  8.406   1.00 0.00 ? 60 ASN A N    1 
ATOM 898  C CA   . ASN A 1 66 ? 2.044   -8.468  8.232   1.00 0.00 ? 60 ASN A CA   1 
ATOM 899  C C    . ASN A 1 66 ? 2.502   -9.298  9.426   1.00 0.00 ? 60 ASN A C    1 
ATOM 900  O O    . ASN A 1 66 ? 3.350   -10.172 9.251   1.00 0.00 ? 60 ASN A O    1 
ATOM 901  C CB   . ASN A 1 66 ? 3.068   -7.357  8.011   1.00 0.00 ? 60 ASN A CB   1 
ATOM 902  C CG   . ASN A 1 66 ? 3.137   -6.898  6.561   1.00 0.00 ? 60 ASN A CG   1 
ATOM 903  O OD1  . ASN A 1 66 ? 4.210   -6.825  5.984   1.00 0.00 ? 60 ASN A OD1  1 
ATOM 904  N ND2  . ASN A 1 66 ? 2.009   -6.591  5.939   1.00 0.00 ? 60 ASN A ND2  1 
ATOM 905  H H    . ASN A 1 66 ? 0.586   -6.889  8.376   1.00 0.00 ? 60 ASN A H    1 
ATOM 906  H HA   . ASN A 1 66 ? 2.017   -9.116  7.359   1.00 0.00 ? 60 ASN A HA   1 
ATOM 907  H HB2  . ASN A 1 66 ? 2.834   -6.539  8.689   1.00 0.00 ? 60 ASN A HB2  1 
ATOM 908  H HB3  . ASN A 1 66 ? 4.055   -7.731  8.286   1.00 0.00 ? 60 ASN A HB3  1 
ATOM 909  H HD21 . ASN A 1 66 ? 1.133   -6.516  6.469   1.00 0.00 ? 60 ASN A HD21 1 
ATOM 910  H HD22 . ASN A 1 66 ? 2.014   -6.275  4.977   1.00 0.00 ? 60 ASN A HD22 1 
ATOM 911  N N    . LEU A 1 67 ? 1.940   -9.065  10.619  1.00 0.00 ? 61 LEU A N    1 
ATOM 912  C CA   . LEU A 1 67 ? 2.234   -9.877  11.804  1.00 0.00 ? 61 LEU A CA   1 
ATOM 913  C C    . LEU A 1 67 ? 1.980   -11.379 11.597  1.00 0.00 ? 61 LEU A C    1 
ATOM 914  O O    . LEU A 1 67 ? 2.535   -12.190 12.333  1.00 0.00 ? 61 LEU A O    1 
ATOM 915  C CB   . LEU A 1 67 ? 1.556   -9.289  13.060  1.00 0.00 ? 61 LEU A CB   1 
ATOM 916  C CG   . LEU A 1 67 ? 0.140   -9.731  13.521  1.00 0.00 ? 61 LEU A CG   1 
ATOM 917  C CD1  . LEU A 1 67 ? -0.829  -10.346 12.498  1.00 0.00 ? 61 LEU A CD1  1 
ATOM 918  C CD2  . LEU A 1 67 ? 0.236   -10.699 14.710  1.00 0.00 ? 61 LEU A CD2  1 
ATOM 919  H H    . LEU A 1 67 ? 1.315   -8.263  10.695  1.00 0.00 ? 61 LEU A H    1 
ATOM 920  H HA   . LEU A 1 67 ? 3.306   -9.775  11.967  1.00 0.00 ? 61 LEU A HA   1 
ATOM 921  H HB2  . LEU A 1 67 ? 2.240   -9.471  13.889  1.00 0.00 ? 61 LEU A HB2  1 
ATOM 922  H HB3  . LEU A 1 67 ? 1.541   -8.204  12.947  1.00 0.00 ? 61 LEU A HB3  1 
ATOM 923  H HG   . LEU A 1 67 ? -0.338  -8.823  13.886  1.00 0.00 ? 61 LEU A HG   1 
ATOM 924  H HD11 . LEU A 1 67 ? -0.733  -9.857  11.531  1.00 0.00 ? 61 LEU A HD11 1 
ATOM 925  H HD12 . LEU A 1 67 ? -0.656  -11.415 12.392  1.00 0.00 ? 61 LEU A HD12 1 
ATOM 926  H HD13 . LEU A 1 67 ? -1.850  -10.205 12.849  1.00 0.00 ? 61 LEU A HD13 1 
ATOM 927  H HD21 . LEU A 1 67 ? 0.776   -10.225 15.533  1.00 0.00 ? 61 LEU A HD21 1 
ATOM 928  H HD22 . LEU A 1 67 ? -0.764  -10.957 15.060  1.00 0.00 ? 61 LEU A HD22 1 
ATOM 929  H HD23 . LEU A 1 67 ? 0.761   -11.608 14.414  1.00 0.00 ? 61 LEU A HD23 1 
ATOM 930  N N    . THR A 1 68 ? 1.194   -11.747 10.577  1.00 0.00 ? 62 THR A N    1 
ATOM 931  C CA   . THR A 1 68 ? 0.995   -13.112 10.109  1.00 0.00 ? 62 THR A CA   1 
ATOM 932  C C    . THR A 1 68 ? 2.314   -13.684 9.591   1.00 0.00 ? 62 THR A C    1 
ATOM 933  O O    . THR A 1 68 ? 2.823   -14.674 10.111  1.00 0.00 ? 62 THR A O    1 
ATOM 934  C CB   . THR A 1 68 ? -0.087  -13.140 9.008   1.00 0.00 ? 62 THR A CB   1 
ATOM 935  O OG1  . THR A 1 68 ? 0.191   -12.213 7.969   1.00 0.00 ? 62 THR A OG1  1 
ATOM 936  C CG2  . THR A 1 68 ? -1.474  -12.841 9.569   1.00 0.00 ? 62 THR A CG2  1 
ATOM 937  H H    . THR A 1 68 ? 0.748   -11.019 10.038  1.00 0.00 ? 62 THR A H    1 
ATOM 938  H HA   . THR A 1 68 ? 0.668   -13.715 10.951  1.00 0.00 ? 62 THR A HA   1 
ATOM 939  H HB   . THR A 1 68 ? -0.106  -14.142 8.580   1.00 0.00 ? 62 THR A HB   1 
ATOM 940  H HG1  . THR A 1 68 ? -0.114  -11.304 8.227   1.00 0.00 ? 62 THR A HG1  1 
ATOM 941  H HG21 . THR A 1 68 ? -1.717  -13.563 10.347  1.00 0.00 ? 62 THR A HG21 1 
ATOM 942  H HG22 . THR A 1 68 ? -1.501  -11.836 9.987   1.00 0.00 ? 62 THR A HG22 1 
ATOM 943  H HG23 . THR A 1 68 ? -2.207  -12.914 8.768   1.00 0.00 ? 62 THR A HG23 1 
ATOM 944  N N    . ARG A 1 69 ? 2.857   -13.041 8.551   1.00 0.00 ? 63 ARG A N    1 
ATOM 945  C CA   . ARG A 1 69 ? 4.123   -13.387 7.920   1.00 0.00 ? 63 ARG A CA   1 
ATOM 946  C C    . ARG A 1 69 ? 5.269   -13.282 8.926   1.00 0.00 ? 63 ARG A C    1 
ATOM 947  O O    . ARG A 1 69 ? 6.093   -14.195 8.961   1.00 0.00 ? 63 ARG A O    1 
ATOM 948  C CB   . ARG A 1 69 ? 4.344   -12.506 6.673   1.00 0.00 ? 63 ARG A CB   1 
ATOM 949  C CG   . ARG A 1 69 ? 5.285   -13.156 5.645   1.00 0.00 ? 63 ARG A CG   1 
ATOM 950  C CD   . ARG A 1 69 ? 6.784   -12.996 5.944   1.00 0.00 ? 63 ARG A CD   1 
ATOM 951  N NE   . ARG A 1 69 ? 7.563   -14.057 5.286   1.00 0.00 ? 63 ARG A NE   1 
ATOM 952  C CZ   . ARG A 1 69 ? 7.773   -15.294 5.767   1.00 0.00 ? 63 ARG A CZ   1 
ATOM 953  N NH1  . ARG A 1 69 ? 7.364   -15.645 6.988   1.00 0.00 ? 63 ARG A NH1  1 
ATOM 954  N NH2  . ARG A 1 69 ? 8.397   -16.197 5.007   1.00 0.00 ? 63 ARG A NH2  1 
ATOM 955  H H    . ARG A 1 69 ? 2.279   -12.300 8.170   1.00 0.00 ? 63 ARG A H    1 
ATOM 956  H HA   . ARG A 1 69 ? 4.044   -14.429 7.612   1.00 0.00 ? 63 ARG A HA   1 
ATOM 957  H HB2  . ARG A 1 69 ? 3.381   -12.368 6.178   1.00 0.00 ? 63 ARG A HB2  1 
ATOM 958  H HB3  . ARG A 1 69 ? 4.716   -11.521 6.956   1.00 0.00 ? 63 ARG A HB3  1 
ATOM 959  H HG2  . ARG A 1 69 ? 5.034   -14.215 5.567   1.00 0.00 ? 63 ARG A HG2  1 
ATOM 960  H HG3  . ARG A 1 69 ? 5.094   -12.706 4.669   1.00 0.00 ? 63 ARG A HG3  1 
ATOM 961  H HD2  . ARG A 1 69 ? 7.116   -12.028 5.571   1.00 0.00 ? 63 ARG A HD2  1 
ATOM 962  H HD3  . ARG A 1 69 ? 6.979   -13.018 7.011   1.00 0.00 ? 63 ARG A HD3  1 
ATOM 963  H HE   . ARG A 1 69 ? 7.922   -13.809 4.378   1.00 0.00 ? 63 ARG A HE   1 
ATOM 964  H HH11 . ARG A 1 69 ? 6.910   -14.960 7.609   1.00 0.00 ? 63 ARG A HH11 1 
ATOM 965  H HH12 . ARG A 1 69 ? 7.493   -16.567 7.371   1.00 0.00 ? 63 ARG A HH12 1 
ATOM 966  H HH21 . ARG A 1 69 ? 8.707   -15.962 4.076   1.00 0.00 ? 63 ARG A HH21 1 
ATOM 967  H HH22 . ARG A 1 69 ? 8.561   -17.134 5.337   1.00 0.00 ? 63 ARG A HH22 1 
ATOM 968  N N    . LYS A 1 70 ? 5.294   -12.185 9.699   1.00 0.00 ? 64 LYS A N    1 
ATOM 969  C CA   . LYS A 1 70 ? 6.251   -11.711 10.707  1.00 0.00 ? 64 LYS A CA   1 
ATOM 970  C C    . LYS A 1 70 ? 6.247   -10.186 10.648  1.00 0.00 ? 64 LYS A C    1 
ATOM 971  O O    . LYS A 1 70 ? 6.452   -9.603  9.585   1.00 0.00 ? 64 LYS A O    1 
ATOM 972  C CB   . LYS A 1 70 ? 7.689   -12.199 10.465  1.00 0.00 ? 64 LYS A CB   1 
ATOM 973  C CG   . LYS A 1 70 ? 8.073   -13.487 11.213  1.00 0.00 ? 64 LYS A CG   1 
ATOM 974  C CD   . LYS A 1 70 ? 9.292   -14.149 10.554  1.00 0.00 ? 64 LYS A CD   1 
ATOM 975  C CE   . LYS A 1 70 ? 10.553  -13.284 10.679  1.00 0.00 ? 64 LYS A CE   1 
ATOM 976  N NZ   . LYS A 1 70 ? 11.550  -13.631 9.649   1.00 0.00 ? 64 LYS A NZ   1 
ATOM 977  H H    . LYS A 1 70 ? 4.572   -11.502 9.477   1.00 0.00 ? 64 LYS A H    1 
ATOM 978  H HA   . LYS A 1 70 ? 5.914   -12.043 11.689  1.00 0.00 ? 64 LYS A HA   1 
ATOM 979  H HB2  . LYS A 1 70 ? 7.820   -12.330 9.392   1.00 0.00 ? 64 LYS A HB2  1 
ATOM 980  H HB3  . LYS A 1 70 ? 8.381   -11.420 10.786  1.00 0.00 ? 64 LYS A HB3  1 
ATOM 981  H HG2  . LYS A 1 70 ? 8.294   -13.252 12.256  1.00 0.00 ? 64 LYS A HG2  1 
ATOM 982  H HG3  . LYS A 1 70 ? 7.242   -14.191 11.198  1.00 0.00 ? 64 LYS A HG3  1 
ATOM 983  H HD2  . LYS A 1 70 ? 9.475   -15.114 11.025  1.00 0.00 ? 64 LYS A HD2  1 
ATOM 984  H HD3  . LYS A 1 70 ? 9.064   -14.321 9.500   1.00 0.00 ? 64 LYS A HD3  1 
ATOM 985  H HE2  . LYS A 1 70 ? 10.292  -12.234 10.560  1.00 0.00 ? 64 LYS A HE2  1 
ATOM 986  H HE3  . LYS A 1 70 ? 10.984  -13.422 11.672  1.00 0.00 ? 64 LYS A HE3  1 
ATOM 987  H HZ1  . LYS A 1 70 ? 11.789  -14.610 9.717   1.00 0.00 ? 64 LYS A HZ1  1 
ATOM 988  H HZ2  . LYS A 1 70 ? 11.167  -13.436 8.732   1.00 0.00 ? 64 LYS A HZ2  1 
ATOM 989  H HZ3  . LYS A 1 70 ? 12.379  -13.069 9.782   1.00 0.00 ? 64 LYS A HZ3  1 
ATOM 990  N N    . SER A 1 71 ? 6.114   -9.532  11.807  1.00 0.00 ? 65 SER A N    1 
ATOM 991  C CA   . SER A 1 71 ? 6.050   -8.074  11.940  1.00 0.00 ? 65 SER A CA   1 
ATOM 992  C C    . SER A 1 71 ? 7.291   -7.309  11.492  1.00 0.00 ? 65 SER A C    1 
ATOM 993  O O    . SER A 1 71 ? 7.269   -6.104  11.255  1.00 0.00 ? 65 SER A O    1 
ATOM 994  C CB   . SER A 1 71 ? 5.794   -7.747  13.410  1.00 0.00 ? 65 SER A CB   1 
ATOM 995  O OG   . SER A 1 71 ? 4.813   -8.605  13.961  1.00 0.00 ? 65 SER A OG   1 
ATOM 996  H H    . SER A 1 71 ? 5.873   -10.030 12.655  1.00 0.00 ? 65 SER A H    1 
ATOM 997  H HA   . SER A 1 71 ? 5.256   -7.745  11.307  1.00 0.00 ? 65 SER A HA   1 
ATOM 998  H HB2  . SER A 1 71 ? 6.737   -7.903  13.938  1.00 0.00 ? 65 SER A HB2  1 
ATOM 999  H HB3  . SER A 1 71 ? 5.487   -6.705  13.506  1.00 0.00 ? 65 SER A HB3  1 
ATOM 1000 H HG   . SER A 1 71 ? 4.598   -8.298  14.847  1.00 0.00 ? 65 SER A HG   1 
ATOM 1001 N N    . ALA A 1 72 ? 8.365   -8.065  11.396  1.00 0.00 ? 66 ALA A N    1 
ATOM 1002 C CA   . ALA A 1 72 ? 9.690   -7.705  10.953  1.00 0.00 ? 66 ALA A CA   1 
ATOM 1003 C C    . ALA A 1 72 ? 10.270  -8.823  10.079  1.00 0.00 ? 66 ALA A C    1 
ATOM 1004 O O    . ALA A 1 72 ? 11.004  -9.682  10.562  1.00 0.00 ? 66 ALA A O    1 
ATOM 1005 C CB   . ALA A 1 72 ? 10.578  -7.367  12.159  1.00 0.00 ? 66 ALA A CB   1 
ATOM 1006 H H    . ALA A 1 72 ? 8.068   -9.000  11.569  1.00 0.00 ? 66 ALA A H    1 
ATOM 1007 H HA   . ALA A 1 72 ? 9.580   -6.816  10.346  1.00 0.00 ? 66 ALA A HA   1 
ATOM 1008 H HB1  . ALA A 1 72 ? 10.146  -6.534  12.714  1.00 0.00 ? 66 ALA A HB1  1 
ATOM 1009 H HB2  . ALA A 1 72 ? 10.664  -8.233  12.817  1.00 0.00 ? 66 ALA A HB2  1 
ATOM 1010 H HB3  . ALA A 1 72 ? 11.573  -7.086  11.813  1.00 0.00 ? 66 ALA A HB3  1 
ATOM 1011 N N    . SER A 1 73 ? 9.933   -8.812  8.784   1.00 0.00 ? 67 SER A N    1 
ATOM 1012 C CA   . SER A 1 73 ? 10.515  -9.694  7.779   1.00 0.00 ? 67 SER A CA   1 
ATOM 1013 C C    . SER A 1 73 ? 10.649  -9.011  6.409   1.00 0.00 ? 67 SER A C    1 
ATOM 1014 O O    . SER A 1 73 ? 10.617  -9.684  5.377   1.00 0.00 ? 67 SER A O    1 
ATOM 1015 C CB   . SER A 1 73 ? 9.729   -11.011 7.732   1.00 0.00 ? 67 SER A CB   1 
ATOM 1016 O OG   . SER A 1 73 ? 10.364  -11.932 6.872   1.00 0.00 ? 67 SER A OG   1 
ATOM 1017 H H    . SER A 1 73 ? 9.244   -8.156  8.460   1.00 0.00 ? 67 SER A H    1 
ATOM 1018 H HA   . SER A 1 73 ? 11.523  -9.905  8.112   1.00 0.00 ? 67 SER A HA   1 
ATOM 1019 H HB2  . SER A 1 73 ? 9.702   -11.437 8.732   1.00 0.00 ? 67 SER A HB2  1 
ATOM 1020 H HB3  . SER A 1 73 ? 8.711   -10.826 7.387   1.00 0.00 ? 67 SER A HB3  1 
ATOM 1021 H HG   . SER A 1 73 ? 10.493  -11.460 6.031   1.00 0.00 ? 67 SER A HG   1 
ATOM 1022 N N    . LYS A 1 74 ? 10.815  -7.683  6.408   1.00 0.00 ? 68 LYS A N    1 
ATOM 1023 C CA   . LYS A 1 74 ? 11.075  -6.855  5.238   1.00 0.00 ? 68 LYS A CA   1 
ATOM 1024 C C    . LYS A 1 74 ? 12.144  -5.818  5.565   1.00 0.00 ? 68 LYS A C    1 
ATOM 1025 O O    . LYS A 1 74 ? 13.203  -5.814  4.947   1.00 0.00 ? 68 LYS A O    1 
ATOM 1026 C CB   . LYS A 1 74 ? 9.794   -6.171  4.731   1.00 0.00 ? 68 LYS A CB   1 
ATOM 1027 C CG   . LYS A 1 74 ? 8.889   -7.136  3.947   1.00 0.00 ? 68 LYS A CG   1 
ATOM 1028 C CD   . LYS A 1 74 ? 7.721   -6.434  3.235   1.00 0.00 ? 68 LYS A CD   1 
ATOM 1029 C CE   . LYS A 1 74 ? 6.473   -6.263  4.101   1.00 0.00 ? 68 LYS A CE   1 
ATOM 1030 N NZ   . LYS A 1 74 ? 6.625   -5.254  5.164   1.00 0.00 ? 68 LYS A NZ   1 
ATOM 1031 H H    . LYS A 1 74 ? 10.928  -7.249  7.304   1.00 0.00 ? 68 LYS A H    1 
ATOM 1032 H HA   . LYS A 1 74 ? 11.476  -7.498  4.464   1.00 0.00 ? 68 LYS A HA   1 
ATOM 1033 H HB2  . LYS A 1 74 ? 9.254   -5.740  5.575   1.00 0.00 ? 68 LYS A HB2  1 
ATOM 1034 H HB3  . LYS A 1 74 ? 10.084  -5.360  4.061   1.00 0.00 ? 68 LYS A HB3  1 
ATOM 1035 H HG2  . LYS A 1 74 ? 9.499   -7.618  3.181   1.00 0.00 ? 68 LYS A HG2  1 
ATOM 1036 H HG3  . LYS A 1 74 ? 8.502   -7.912  4.609   1.00 0.00 ? 68 LYS A HG3  1 
ATOM 1037 H HD2  . LYS A 1 74 ? 8.037   -5.465  2.852   1.00 0.00 ? 68 LYS A HD2  1 
ATOM 1038 H HD3  . LYS A 1 74 ? 7.434   -7.052  2.383   1.00 0.00 ? 68 LYS A HD3  1 
ATOM 1039 H HE2  . LYS A 1 74 ? 5.638   -5.966  3.465   1.00 0.00 ? 68 LYS A HE2  1 
ATOM 1040 H HE3  . LYS A 1 74 ? 6.222   -7.223  4.558   1.00 0.00 ? 68 LYS A HE3  1 
ATOM 1041 H HZ1  . LYS A 1 74 ? 7.407   -5.495  5.756   1.00 0.00 ? 68 LYS A HZ1  1 
ATOM 1042 H HZ2  . LYS A 1 74 ? 6.754   -4.338  4.762   1.00 0.00 ? 68 LYS A HZ2  1 
ATOM 1043 H HZ3  . LYS A 1 74 ? 5.777   -5.268  5.721   1.00 0.00 ? 68 LYS A HZ3  1 
# 
